data_3NZM
# 
_entry.id   3NZM 
# 
_audit_conform.dict_name       mmcif_pdbx.dic 
_audit_conform.dict_version    5.398 
_audit_conform.dict_location   http://mmcif.pdb.org/dictionaries/ascii/mmcif_pdbx.dic 
# 
loop_
_database_2.database_id 
_database_2.database_code 
_database_2.pdbx_database_accession 
_database_2.pdbx_DOI 
PDB   3NZM         pdb_00003nzm 10.2210/pdb3nzm/pdb 
RCSB  RCSB060478   ?            ?                   
WWPDB D_1000060478 ?            ?                   
# 
loop_
_pdbx_audit_revision_history.ordinal 
_pdbx_audit_revision_history.data_content_type 
_pdbx_audit_revision_history.major_revision 
_pdbx_audit_revision_history.minor_revision 
_pdbx_audit_revision_history.revision_date 
1 'Structure model' 1 0 2011-06-01 
2 'Structure model' 1 1 2011-07-13 
3 'Structure model' 1 2 2023-09-06 
4 'Structure model' 2 0 2023-11-15 
5 'Structure model' 2 1 2024-11-06 
# 
_pdbx_audit_revision_details.ordinal             1 
_pdbx_audit_revision_details.revision_ordinal    1 
_pdbx_audit_revision_details.data_content_type   'Structure model' 
_pdbx_audit_revision_details.provider            repository 
_pdbx_audit_revision_details.type                'Initial release' 
_pdbx_audit_revision_details.description         ? 
_pdbx_audit_revision_details.details             ? 
# 
loop_
_pdbx_audit_revision_group.ordinal 
_pdbx_audit_revision_group.revision_ordinal 
_pdbx_audit_revision_group.data_content_type 
_pdbx_audit_revision_group.group 
1 2 'Structure model' 'Version format compliance' 
2 3 'Structure model' 'Data collection'           
3 3 'Structure model' 'Database references'       
4 3 'Structure model' 'Derived calculations'      
5 3 'Structure model' 'Refinement description'    
6 4 'Structure model' 'Atomic model'              
7 4 'Structure model' 'Data collection'           
8 4 'Structure model' 'Derived calculations'      
9 5 'Structure model' 'Structure summary'         
# 
loop_
_pdbx_audit_revision_category.ordinal 
_pdbx_audit_revision_category.revision_ordinal 
_pdbx_audit_revision_category.data_content_type 
_pdbx_audit_revision_category.category 
1  3 'Structure model' chem_comp_atom                
2  3 'Structure model' chem_comp_bond                
3  3 'Structure model' database_2                    
4  3 'Structure model' pdbx_initial_refinement_model 
5  3 'Structure model' struct_conn                   
6  3 'Structure model' struct_ref_seq_dif            
7  3 'Structure model' struct_site                   
8  4 'Structure model' atom_site                     
9  4 'Structure model' chem_comp_atom                
10 4 'Structure model' chem_comp_bond                
11 4 'Structure model' struct_conn                   
12 5 'Structure model' pdbx_entry_details            
13 5 'Structure model' pdbx_modification_feature     
# 
loop_
_pdbx_audit_revision_item.ordinal 
_pdbx_audit_revision_item.revision_ordinal 
_pdbx_audit_revision_item.data_content_type 
_pdbx_audit_revision_item.item 
1  3 'Structure model' '_database_2.pdbx_DOI'                
2  3 'Structure model' '_database_2.pdbx_database_accession' 
3  3 'Structure model' '_struct_conn.pdbx_leaving_atom_flag' 
4  3 'Structure model' '_struct_ref_seq_dif.details'         
5  3 'Structure model' '_struct_site.pdbx_auth_asym_id'      
6  3 'Structure model' '_struct_site.pdbx_auth_comp_id'      
7  3 'Structure model' '_struct_site.pdbx_auth_seq_id'       
8  4 'Structure model' '_atom_site.auth_atom_id'             
9  4 'Structure model' '_atom_site.label_atom_id'            
10 4 'Structure model' '_chem_comp_atom.atom_id'             
11 4 'Structure model' '_chem_comp_bond.atom_id_1'           
12 4 'Structure model' '_chem_comp_bond.atom_id_2'           
13 4 'Structure model' '_struct_conn.pdbx_leaving_atom_flag' 
14 4 'Structure model' '_struct_conn.ptnr2_label_atom_id'    
# 
_pdbx_database_status.status_code                     REL 
_pdbx_database_status.entry_id                        3NZM 
_pdbx_database_status.recvd_initial_deposition_date   2010-07-16 
_pdbx_database_status.deposit_site                    RCSB 
_pdbx_database_status.process_site                    RCSB 
_pdbx_database_status.status_code_sf                  REL 
_pdbx_database_status.status_code_mr                  ? 
_pdbx_database_status.SG_entry                        ? 
_pdbx_database_status.status_code_cs                  ? 
_pdbx_database_status.pdb_format_compatible           Y 
_pdbx_database_status.status_code_nmr_data            ? 
_pdbx_database_status.methods_development_category    ? 
# 
loop_
_pdbx_database_related.db_name 
_pdbx_database_related.db_id 
_pdbx_database_related.details 
_pdbx_database_related.content_type 
PDB 1ZDE 'mutated precursor' unspecified 
PDB 1ZD7 'cleaved product'   unspecified 
# 
loop_
_audit_author.name 
_audit_author.pdbx_ordinal 
'Van Roey, P.'   1 
'Belfort, M.'    2 
'Callahan, B.P.' 3 
# 
_citation.id                        primary 
_citation.title                     
'Structure of catalytically competent intein caught in a redox trap with functional and evolutionary implications.' 
_citation.journal_abbrev            Nat.Struct.Mol.Biol. 
_citation.journal_volume            18 
_citation.page_first                630 
_citation.page_last                 633 
_citation.year                      2011 
_citation.journal_id_ASTM           ? 
_citation.country                   US 
_citation.journal_id_ISSN           1545-9993 
_citation.journal_id_CSD            ? 
_citation.book_publisher            ? 
_citation.pdbx_database_id_PubMed   21460844 
_citation.pdbx_database_id_DOI      10.1038/nsmb.2041 
# 
loop_
_citation_author.citation_id 
_citation_author.name 
_citation_author.ordinal 
_citation_author.identifier_ORCID 
primary 'Callahan, B.P.' 1 ? 
primary 'Topilina, N.I.' 2 ? 
primary 'Stanger, M.J.'  3 ? 
primary 'Van Roey, P.'   4 ? 
primary 'Belfort, M.'    5 ? 
# 
loop_
_entity.id 
_entity.type 
_entity.src_method 
_entity.pdbx_description 
_entity.formula_weight 
_entity.pdbx_number_of_molecules 
_entity.pdbx_ec 
_entity.pdbx_mutation 
_entity.pdbx_fragment 
_entity.details 
1 polymer     man 'DNA polymerase III subunit alpha' 18784.221 1   2.7.7.7 A-3C,G-2P,Y-1G 'DNAE intein (UNP residues 771-933)' ? 
2 non-polymer syn 'SULFATE ION'                      96.063    2   ?       ?              ?                                    ? 
3 water       nat water                              18.015    209 ?       ?              ?                                    ? 
# 
_entity_name_com.entity_id   1 
_entity_name_com.name        'Ssp dnaE intein' 
# 
_entity_poly.entity_id                      1 
_entity_poly.type                           'polypeptide(L)' 
_entity_poly.nstd_linkage                   no 
_entity_poly.nstd_monomer                   yes 
_entity_poly.pdbx_seq_one_letter_code       
;KSPDPFCPGCLSFGTEILTVEYGPLPIGKIVSEEINCSVYSVDPEGRVYTQAIAQWHDRGEQEVLEYELEDGSVIRATSD
HRFLTTDYQLLAIEEIFARQLDLLTLENIKQTEEALDNHRLPFPLLDAGTIKMVKVIGRRSLGVQRIFDIGLPQDHNFLL
ANGAIAA(SNN)
;
_entity_poly.pdbx_seq_one_letter_code_can   
;KSPDPFCPGCLSFGTEILTVEYGPLPIGKIVSEEINCSVYSVDPEGRVYTQAIAQWHDRGEQEVLEYELEDGSVIRATSD
HRFLTTDYQLLAIEEIFARQLDLLTLENIKQTEEALDNHRLPFPLLDAGTIKMVKVIGRRSLGVQRIFDIGLPQDHNFLL
ANGAIAAN
;
_entity_poly.pdbx_strand_id                 A 
_entity_poly.pdbx_target_identifier         ? 
# 
loop_
_pdbx_entity_nonpoly.entity_id 
_pdbx_entity_nonpoly.name 
_pdbx_entity_nonpoly.comp_id 
2 'SULFATE ION' SO4 
3 water         HOH 
# 
loop_
_entity_poly_seq.entity_id 
_entity_poly_seq.num 
_entity_poly_seq.mon_id 
_entity_poly_seq.hetero 
1 1   LYS n 
1 2   SER n 
1 3   PRO n 
1 4   ASP n 
1 5   PRO n 
1 6   PHE n 
1 7   CYS n 
1 8   PRO n 
1 9   GLY n 
1 10  CYS n 
1 11  LEU n 
1 12  SER n 
1 13  PHE n 
1 14  GLY n 
1 15  THR n 
1 16  GLU n 
1 17  ILE n 
1 18  LEU n 
1 19  THR n 
1 20  VAL n 
1 21  GLU n 
1 22  TYR n 
1 23  GLY n 
1 24  PRO n 
1 25  LEU n 
1 26  PRO n 
1 27  ILE n 
1 28  GLY n 
1 29  LYS n 
1 30  ILE n 
1 31  VAL n 
1 32  SER n 
1 33  GLU n 
1 34  GLU n 
1 35  ILE n 
1 36  ASN n 
1 37  CYS n 
1 38  SER n 
1 39  VAL n 
1 40  TYR n 
1 41  SER n 
1 42  VAL n 
1 43  ASP n 
1 44  PRO n 
1 45  GLU n 
1 46  GLY n 
1 47  ARG n 
1 48  VAL n 
1 49  TYR n 
1 50  THR n 
1 51  GLN n 
1 52  ALA n 
1 53  ILE n 
1 54  ALA n 
1 55  GLN n 
1 56  TRP n 
1 57  HIS n 
1 58  ASP n 
1 59  ARG n 
1 60  GLY n 
1 61  GLU n 
1 62  GLN n 
1 63  GLU n 
1 64  VAL n 
1 65  LEU n 
1 66  GLU n 
1 67  TYR n 
1 68  GLU n 
1 69  LEU n 
1 70  GLU n 
1 71  ASP n 
1 72  GLY n 
1 73  SER n 
1 74  VAL n 
1 75  ILE n 
1 76  ARG n 
1 77  ALA n 
1 78  THR n 
1 79  SER n 
1 80  ASP n 
1 81  HIS n 
1 82  ARG n 
1 83  PHE n 
1 84  LEU n 
1 85  THR n 
1 86  THR n 
1 87  ASP n 
1 88  TYR n 
1 89  GLN n 
1 90  LEU n 
1 91  LEU n 
1 92  ALA n 
1 93  ILE n 
1 94  GLU n 
1 95  GLU n 
1 96  ILE n 
1 97  PHE n 
1 98  ALA n 
1 99  ARG n 
1 100 GLN n 
1 101 LEU n 
1 102 ASP n 
1 103 LEU n 
1 104 LEU n 
1 105 THR n 
1 106 LEU n 
1 107 GLU n 
1 108 ASN n 
1 109 ILE n 
1 110 LYS n 
1 111 GLN n 
1 112 THR n 
1 113 GLU n 
1 114 GLU n 
1 115 ALA n 
1 116 LEU n 
1 117 ASP n 
1 118 ASN n 
1 119 HIS n 
1 120 ARG n 
1 121 LEU n 
1 122 PRO n 
1 123 PHE n 
1 124 PRO n 
1 125 LEU n 
1 126 LEU n 
1 127 ASP n 
1 128 ALA n 
1 129 GLY n 
1 130 THR n 
1 131 ILE n 
1 132 LYS n 
1 133 MET n 
1 134 VAL n 
1 135 LYS n 
1 136 VAL n 
1 137 ILE n 
1 138 GLY n 
1 139 ARG n 
1 140 ARG n 
1 141 SER n 
1 142 LEU n 
1 143 GLY n 
1 144 VAL n 
1 145 GLN n 
1 146 ARG n 
1 147 ILE n 
1 148 PHE n 
1 149 ASP n 
1 150 ILE n 
1 151 GLY n 
1 152 LEU n 
1 153 PRO n 
1 154 GLN n 
1 155 ASP n 
1 156 HIS n 
1 157 ASN n 
1 158 PHE n 
1 159 LEU n 
1 160 LEU n 
1 161 ALA n 
1 162 ASN n 
1 163 GLY n 
1 164 ALA n 
1 165 ILE n 
1 166 ALA n 
1 167 ALA n 
1 168 SNN n 
# 
_entity_src_gen.entity_id                          1 
_entity_src_gen.pdbx_src_id                        1 
_entity_src_gen.pdbx_alt_source_flag               sample 
_entity_src_gen.pdbx_seq_type                      ? 
_entity_src_gen.pdbx_beg_seq_num                   ? 
_entity_src_gen.pdbx_end_seq_num                   ? 
_entity_src_gen.gene_src_common_name               ? 
_entity_src_gen.gene_src_genus                     ? 
_entity_src_gen.pdbx_gene_src_gene                 'dnaE-N, slr0603, dnaE-C, sll1572' 
_entity_src_gen.gene_src_species                   ? 
_entity_src_gen.gene_src_strain                    PCC6803 
_entity_src_gen.gene_src_tissue                    ? 
_entity_src_gen.gene_src_tissue_fraction           ? 
_entity_src_gen.gene_src_details                   ? 
_entity_src_gen.pdbx_gene_src_fragment             ? 
_entity_src_gen.pdbx_gene_src_scientific_name      'Synechocystis sp. PCC 6803' 
_entity_src_gen.pdbx_gene_src_ncbi_taxonomy_id     1148 
_entity_src_gen.pdbx_gene_src_variant              ? 
_entity_src_gen.pdbx_gene_src_cell_line            ? 
_entity_src_gen.pdbx_gene_src_atcc                 ? 
_entity_src_gen.pdbx_gene_src_organ                ? 
_entity_src_gen.pdbx_gene_src_organelle            ? 
_entity_src_gen.pdbx_gene_src_cell                 ? 
_entity_src_gen.pdbx_gene_src_cellular_location    ? 
_entity_src_gen.host_org_common_name               ? 
_entity_src_gen.pdbx_host_org_scientific_name      'Escherichia coli' 
_entity_src_gen.pdbx_host_org_ncbi_taxonomy_id     469008 
_entity_src_gen.host_org_genus                     ? 
_entity_src_gen.pdbx_host_org_gene                 ? 
_entity_src_gen.pdbx_host_org_organ                ? 
_entity_src_gen.host_org_species                   ? 
_entity_src_gen.pdbx_host_org_tissue               ? 
_entity_src_gen.pdbx_host_org_tissue_fraction      ? 
_entity_src_gen.pdbx_host_org_strain               'origami DE3' 
_entity_src_gen.pdbx_host_org_variant              ? 
_entity_src_gen.pdbx_host_org_cell_line            ? 
_entity_src_gen.pdbx_host_org_atcc                 ? 
_entity_src_gen.pdbx_host_org_culture_collection   ? 
_entity_src_gen.pdbx_host_org_cell                 ? 
_entity_src_gen.pdbx_host_org_organelle            ? 
_entity_src_gen.pdbx_host_org_cellular_location    ? 
_entity_src_gen.pdbx_host_org_vector_type          plasmid 
_entity_src_gen.pdbx_host_org_vector               ? 
_entity_src_gen.host_org_details                   ? 
_entity_src_gen.expression_system_id               ? 
_entity_src_gen.plasmid_name                       pET47 
_entity_src_gen.plasmid_details                    ? 
_entity_src_gen.pdbx_description                   ? 
# 
loop_
_chem_comp.id 
_chem_comp.type 
_chem_comp.mon_nstd_flag 
_chem_comp.name 
_chem_comp.pdbx_synonyms 
_chem_comp.formula 
_chem_comp.formula_weight 
ALA 'L-peptide linking' y ALANINE              ? 'C3 H7 N O2'     89.093  
ARG 'L-peptide linking' y ARGININE             ? 'C6 H15 N4 O2 1' 175.209 
ASN 'L-peptide linking' y ASPARAGINE           ? 'C4 H8 N2 O3'    132.118 
ASP 'L-peptide linking' y 'ASPARTIC ACID'      ? 'C4 H7 N O4'     133.103 
CYS 'L-peptide linking' y CYSTEINE             ? 'C3 H7 N O2 S'   121.158 
GLN 'L-peptide linking' y GLUTAMINE            ? 'C5 H10 N2 O3'   146.144 
GLU 'L-peptide linking' y 'GLUTAMIC ACID'      ? 'C5 H9 N O4'     147.129 
GLY 'peptide linking'   y GLYCINE              ? 'C2 H5 N O2'     75.067  
HIS 'L-peptide linking' y HISTIDINE            ? 'C6 H10 N3 O2 1' 156.162 
HOH non-polymer         . WATER                ? 'H2 O'           18.015  
ILE 'L-peptide linking' y ISOLEUCINE           ? 'C6 H13 N O2'    131.173 
LEU 'L-peptide linking' y LEUCINE              ? 'C6 H13 N O2'    131.173 
LYS 'L-peptide linking' y LYSINE               ? 'C6 H15 N2 O2 1' 147.195 
MET 'L-peptide linking' y METHIONINE           ? 'C5 H11 N O2 S'  149.211 
PHE 'L-peptide linking' y PHENYLALANINE        ? 'C9 H11 N O2'    165.189 
PRO 'L-peptide linking' y PROLINE              ? 'C5 H9 N O2'     115.130 
SER 'L-peptide linking' y SERINE               ? 'C3 H7 N O3'     105.093 
SNN 'L-peptide linking' n L-3-AMINOSUCCINIMIDE ? 'C4 H6 N2 O2'    114.103 
SO4 non-polymer         . 'SULFATE ION'        ? 'O4 S -2'        96.063  
THR 'L-peptide linking' y THREONINE            ? 'C4 H9 N O3'     119.119 
TRP 'L-peptide linking' y TRYPTOPHAN           ? 'C11 H12 N2 O2'  204.225 
TYR 'L-peptide linking' y TYROSINE             ? 'C9 H11 N O3'    181.189 
VAL 'L-peptide linking' y VALINE               ? 'C5 H11 N O2'    117.146 
# 
loop_
_pdbx_poly_seq_scheme.asym_id 
_pdbx_poly_seq_scheme.entity_id 
_pdbx_poly_seq_scheme.seq_id 
_pdbx_poly_seq_scheme.mon_id 
_pdbx_poly_seq_scheme.ndb_seq_num 
_pdbx_poly_seq_scheme.pdb_seq_num 
_pdbx_poly_seq_scheme.auth_seq_num 
_pdbx_poly_seq_scheme.pdb_mon_id 
_pdbx_poly_seq_scheme.auth_mon_id 
_pdbx_poly_seq_scheme.pdb_strand_id 
_pdbx_poly_seq_scheme.pdb_ins_code 
_pdbx_poly_seq_scheme.hetero 
A 1 1   LYS 1   -9  ?   ?   ?   A . n 
A 1 2   SER 2   -8  ?   ?   ?   A . n 
A 1 3   PRO 3   -7  ?   ?   ?   A . n 
A 1 4   ASP 4   -6  ?   ?   ?   A . n 
A 1 5   PRO 5   -5  -5  PRO PRO A . n 
A 1 6   PHE 6   -4  -4  PHE PHE A . n 
A 1 7   CYS 7   -3  -3  CYS CYS A . n 
A 1 8   PRO 8   -2  -2  PRO PRO A . n 
A 1 9   GLY 9   -1  -1  GLY GLY A . n 
A 1 10  CYS 10  1   1   CYS CYS A . n 
A 1 11  LEU 11  2   2   LEU LEU A . n 
A 1 12  SER 12  3   3   SER SER A . n 
A 1 13  PHE 13  4   4   PHE PHE A . n 
A 1 14  GLY 14  5   5   GLY GLY A . n 
A 1 15  THR 15  6   6   THR THR A . n 
A 1 16  GLU 16  7   7   GLU GLU A . n 
A 1 17  ILE 17  8   8   ILE ILE A . n 
A 1 18  LEU 18  9   9   LEU LEU A . n 
A 1 19  THR 19  10  10  THR THR A . n 
A 1 20  VAL 20  11  11  VAL VAL A . n 
A 1 21  GLU 21  12  12  GLU GLU A . n 
A 1 22  TYR 22  13  13  TYR TYR A . n 
A 1 23  GLY 23  14  14  GLY GLY A . n 
A 1 24  PRO 24  15  15  PRO PRO A . n 
A 1 25  LEU 25  16  16  LEU LEU A . n 
A 1 26  PRO 26  17  17  PRO PRO A . n 
A 1 27  ILE 27  18  18  ILE ILE A . n 
A 1 28  GLY 28  19  19  GLY GLY A . n 
A 1 29  LYS 29  20  20  LYS LYS A . n 
A 1 30  ILE 30  21  21  ILE ILE A . n 
A 1 31  VAL 31  22  22  VAL VAL A . n 
A 1 32  SER 32  23  23  SER SER A . n 
A 1 33  GLU 33  24  24  GLU GLU A . n 
A 1 34  GLU 34  25  25  GLU GLU A . n 
A 1 35  ILE 35  26  26  ILE ILE A . n 
A 1 36  ASN 36  27  27  ASN ASN A . n 
A 1 37  CYS 37  28  28  CYS CYS A . n 
A 1 38  SER 38  29  29  SER SER A . n 
A 1 39  VAL 39  30  30  VAL VAL A . n 
A 1 40  TYR 40  31  31  TYR TYR A . n 
A 1 41  SER 41  32  32  SER SER A . n 
A 1 42  VAL 42  33  33  VAL VAL A . n 
A 1 43  ASP 43  34  34  ASP ASP A . n 
A 1 44  PRO 44  35  35  PRO PRO A . n 
A 1 45  GLU 45  36  36  GLU GLU A . n 
A 1 46  GLY 46  37  37  GLY GLY A . n 
A 1 47  ARG 47  38  38  ARG ARG A . n 
A 1 48  VAL 48  39  39  VAL VAL A . n 
A 1 49  TYR 49  40  40  TYR TYR A . n 
A 1 50  THR 50  41  41  THR THR A . n 
A 1 51  GLN 51  42  42  GLN GLN A . n 
A 1 52  ALA 52  43  43  ALA ALA A . n 
A 1 53  ILE 53  44  44  ILE ILE A . n 
A 1 54  ALA 54  45  45  ALA ALA A . n 
A 1 55  GLN 55  46  46  GLN GLN A . n 
A 1 56  TRP 56  47  47  TRP TRP A . n 
A 1 57  HIS 57  48  48  HIS HIS A . n 
A 1 58  ASP 58  49  49  ASP ASP A . n 
A 1 59  ARG 59  50  50  ARG ARG A . n 
A 1 60  GLY 60  51  51  GLY GLY A . n 
A 1 61  GLU 61  52  52  GLU GLU A . n 
A 1 62  GLN 62  53  53  GLN GLN A . n 
A 1 63  GLU 63  54  54  GLU GLU A . n 
A 1 64  VAL 64  55  55  VAL VAL A . n 
A 1 65  LEU 65  56  56  LEU LEU A . n 
A 1 66  GLU 66  57  57  GLU GLU A . n 
A 1 67  TYR 67  58  58  TYR TYR A . n 
A 1 68  GLU 68  59  59  GLU GLU A . n 
A 1 69  LEU 69  60  60  LEU LEU A . n 
A 1 70  GLU 70  61  61  GLU GLU A . n 
A 1 71  ASP 71  62  62  ASP ASP A . n 
A 1 72  GLY 72  63  63  GLY GLY A . n 
A 1 73  SER 73  64  64  SER SER A . n 
A 1 74  VAL 74  65  65  VAL VAL A . n 
A 1 75  ILE 75  66  66  ILE ILE A . n 
A 1 76  ARG 76  67  67  ARG ARG A . n 
A 1 77  ALA 77  68  68  ALA ALA A . n 
A 1 78  THR 78  69  69  THR THR A . n 
A 1 79  SER 79  70  70  SER SER A . n 
A 1 80  ASP 80  71  71  ASP ASP A . n 
A 1 81  HIS 81  72  72  HIS HIS A . n 
A 1 82  ARG 82  73  73  ARG ARG A . n 
A 1 83  PHE 83  74  74  PHE PHE A . n 
A 1 84  LEU 84  75  75  LEU LEU A . n 
A 1 85  THR 85  76  76  THR THR A . n 
A 1 86  THR 86  77  77  THR THR A . n 
A 1 87  ASP 87  78  78  ASP ASP A . n 
A 1 88  TYR 88  79  79  TYR TYR A . n 
A 1 89  GLN 89  80  80  GLN GLN A . n 
A 1 90  LEU 90  81  81  LEU LEU A . n 
A 1 91  LEU 91  82  82  LEU LEU A . n 
A 1 92  ALA 92  83  83  ALA ALA A . n 
A 1 93  ILE 93  84  84  ILE ILE A . n 
A 1 94  GLU 94  85  85  GLU GLU A . n 
A 1 95  GLU 95  86  86  GLU GLU A . n 
A 1 96  ILE 96  87  87  ILE ILE A . n 
A 1 97  PHE 97  88  88  PHE PHE A . n 
A 1 98  ALA 98  89  89  ALA ALA A . n 
A 1 99  ARG 99  90  90  ARG ARG A . n 
A 1 100 GLN 100 91  91  GLN GLN A . n 
A 1 101 LEU 101 92  92  LEU LEU A . n 
A 1 102 ASP 102 93  93  ASP ASP A . n 
A 1 103 LEU 103 94  94  LEU LEU A . n 
A 1 104 LEU 104 95  95  LEU LEU A . n 
A 1 105 THR 105 96  96  THR THR A . n 
A 1 106 LEU 106 97  97  LEU LEU A . n 
A 1 107 GLU 107 98  98  GLU GLU A . n 
A 1 108 ASN 108 99  99  ASN ASN A . n 
A 1 109 ILE 109 100 100 ILE ILE A . n 
A 1 110 LYS 110 101 101 LYS LYS A . n 
A 1 111 GLN 111 102 102 GLN GLN A . n 
A 1 112 THR 112 103 103 THR THR A . n 
A 1 113 GLU 113 104 104 GLU GLU A . n 
A 1 114 GLU 114 105 105 GLU GLU A . n 
A 1 115 ALA 115 106 106 ALA ALA A . n 
A 1 116 LEU 116 107 107 LEU LEU A . n 
A 1 117 ASP 117 108 108 ASP ASP A . n 
A 1 118 ASN 118 109 109 ASN ASN A . n 
A 1 119 HIS 119 110 110 HIS HIS A . n 
A 1 120 ARG 120 111 111 ARG ARG A . n 
A 1 121 LEU 121 112 112 LEU LEU A . n 
A 1 122 PRO 122 113 113 PRO PRO A . n 
A 1 123 PHE 123 114 114 PHE PHE A . n 
A 1 124 PRO 124 115 115 PRO PRO A . n 
A 1 125 LEU 125 116 116 LEU LEU A . n 
A 1 126 LEU 126 117 117 LEU LEU A . n 
A 1 127 ASP 127 118 118 ASP ASP A . n 
A 1 128 ALA 128 119 119 ALA ALA A . n 
A 1 129 GLY 129 120 120 GLY GLY A . n 
A 1 130 THR 130 121 121 THR THR A . n 
A 1 131 ILE 131 122 122 ILE ILE A . n 
A 1 132 LYS 132 123 123 LYS LYS A . n 
A 1 133 MET 133 124 124 MET MET A . n 
A 1 134 VAL 134 125 125 VAL VAL A . n 
A 1 135 LYS 135 126 126 LYS LYS A . n 
A 1 136 VAL 136 127 127 VAL VAL A . n 
A 1 137 ILE 137 128 128 ILE ILE A . n 
A 1 138 GLY 138 129 129 GLY GLY A . n 
A 1 139 ARG 139 130 130 ARG ARG A . n 
A 1 140 ARG 140 131 131 ARG ARG A . n 
A 1 141 SER 141 132 132 SER SER A . n 
A 1 142 LEU 142 133 133 LEU LEU A . n 
A 1 143 GLY 143 134 134 GLY GLY A . n 
A 1 144 VAL 144 135 135 VAL VAL A . n 
A 1 145 GLN 145 136 136 GLN GLN A . n 
A 1 146 ARG 146 137 137 ARG ARG A . n 
A 1 147 ILE 147 138 138 ILE ILE A . n 
A 1 148 PHE 148 139 139 PHE PHE A . n 
A 1 149 ASP 149 140 140 ASP ASP A . n 
A 1 150 ILE 150 141 141 ILE ILE A . n 
A 1 151 GLY 151 142 142 GLY GLY A . n 
A 1 152 LEU 152 143 143 LEU LEU A . n 
A 1 153 PRO 153 144 144 PRO PRO A . n 
A 1 154 GLN 154 145 145 GLN GLN A . n 
A 1 155 ASP 155 146 146 ASP ASP A . n 
A 1 156 HIS 156 147 147 HIS HIS A . n 
A 1 157 ASN 157 148 148 ASN ASN A . n 
A 1 158 PHE 158 149 149 PHE PHE A . n 
A 1 159 LEU 159 150 150 LEU LEU A . n 
A 1 160 LEU 160 151 151 LEU LEU A . n 
A 1 161 ALA 161 152 152 ALA ALA A . n 
A 1 162 ASN 162 153 153 ASN ASN A . n 
A 1 163 GLY 163 154 154 GLY GLY A . n 
A 1 164 ALA 164 155 155 ALA ALA A . n 
A 1 165 ILE 165 156 156 ILE ILE A . n 
A 1 166 ALA 166 157 157 ALA ALA A . n 
A 1 167 ALA 167 158 158 ALA ALA A . n 
A 1 168 SNN 168 159 159 SNN SNN A . n 
# 
loop_
_pdbx_nonpoly_scheme.asym_id 
_pdbx_nonpoly_scheme.entity_id 
_pdbx_nonpoly_scheme.mon_id 
_pdbx_nonpoly_scheme.ndb_seq_num 
_pdbx_nonpoly_scheme.pdb_seq_num 
_pdbx_nonpoly_scheme.auth_seq_num 
_pdbx_nonpoly_scheme.pdb_mon_id 
_pdbx_nonpoly_scheme.auth_mon_id 
_pdbx_nonpoly_scheme.pdb_strand_id 
_pdbx_nonpoly_scheme.pdb_ins_code 
B 2 SO4 1   301 301 SO4 SO4 A . 
C 2 SO4 1   302 302 SO4 SO4 A . 
D 3 HOH 1   160 160 HOH WAT A . 
D 3 HOH 2   161 161 HOH WAT A . 
D 3 HOH 3   162 162 HOH WAT A . 
D 3 HOH 4   163 163 HOH WAT A . 
D 3 HOH 5   164 164 HOH WAT A . 
D 3 HOH 6   165 165 HOH WAT A . 
D 3 HOH 7   166 166 HOH WAT A . 
D 3 HOH 8   167 167 HOH WAT A . 
D 3 HOH 9   168 168 HOH WAT A . 
D 3 HOH 10  169 169 HOH WAT A . 
D 3 HOH 11  170 170 HOH WAT A . 
D 3 HOH 12  171 171 HOH WAT A . 
D 3 HOH 13  172 172 HOH WAT A . 
D 3 HOH 14  173 173 HOH WAT A . 
D 3 HOH 15  174 174 HOH WAT A . 
D 3 HOH 16  175 175 HOH WAT A . 
D 3 HOH 17  176 176 HOH WAT A . 
D 3 HOH 18  177 177 HOH WAT A . 
D 3 HOH 19  178 178 HOH WAT A . 
D 3 HOH 20  179 1   HOH WAT A . 
D 3 HOH 21  180 180 HOH WAT A . 
D 3 HOH 22  181 181 HOH WAT A . 
D 3 HOH 23  182 182 HOH WAT A . 
D 3 HOH 24  183 183 HOH WAT A . 
D 3 HOH 25  184 184 HOH WAT A . 
D 3 HOH 26  185 185 HOH WAT A . 
D 3 HOH 27  186 186 HOH WAT A . 
D 3 HOH 28  187 187 HOH WAT A . 
D 3 HOH 29  188 188 HOH WAT A . 
D 3 HOH 30  189 189 HOH WAT A . 
D 3 HOH 31  190 190 HOH WAT A . 
D 3 HOH 32  191 191 HOH WAT A . 
D 3 HOH 33  192 192 HOH WAT A . 
D 3 HOH 34  193 193 HOH WAT A . 
D 3 HOH 35  194 194 HOH WAT A . 
D 3 HOH 36  195 195 HOH WAT A . 
D 3 HOH 37  196 196 HOH WAT A . 
D 3 HOH 38  197 197 HOH WAT A . 
D 3 HOH 39  198 198 HOH WAT A . 
D 3 HOH 40  199 199 HOH WAT A . 
D 3 HOH 41  200 200 HOH WAT A . 
D 3 HOH 42  201 201 HOH WAT A . 
D 3 HOH 43  202 202 HOH WAT A . 
D 3 HOH 44  203 203 HOH WAT A . 
D 3 HOH 45  204 204 HOH WAT A . 
D 3 HOH 46  205 205 HOH WAT A . 
D 3 HOH 47  206 206 HOH WAT A . 
D 3 HOH 48  207 207 HOH WAT A . 
D 3 HOH 49  208 208 HOH WAT A . 
D 3 HOH 50  209 209 HOH WAT A . 
D 3 HOH 51  210 210 HOH WAT A . 
D 3 HOH 52  211 211 HOH WAT A . 
D 3 HOH 53  212 212 HOH WAT A . 
D 3 HOH 54  213 213 HOH WAT A . 
D 3 HOH 55  214 2   HOH WAT A . 
D 3 HOH 56  215 3   HOH WAT A . 
D 3 HOH 57  216 4   HOH WAT A . 
D 3 HOH 58  217 5   HOH WAT A . 
D 3 HOH 59  218 6   HOH WAT A . 
D 3 HOH 60  219 7   HOH WAT A . 
D 3 HOH 61  220 8   HOH WAT A . 
D 3 HOH 62  221 9   HOH WAT A . 
D 3 HOH 63  222 10  HOH WAT A . 
D 3 HOH 64  223 11  HOH WAT A . 
D 3 HOH 65  224 13  HOH WAT A . 
D 3 HOH 66  225 14  HOH WAT A . 
D 3 HOH 67  226 15  HOH WAT A . 
D 3 HOH 68  227 16  HOH WAT A . 
D 3 HOH 69  228 17  HOH WAT A . 
D 3 HOH 70  229 18  HOH WAT A . 
D 3 HOH 71  230 19  HOH WAT A . 
D 3 HOH 72  231 20  HOH WAT A . 
D 3 HOH 73  232 21  HOH WAT A . 
D 3 HOH 74  233 22  HOH WAT A . 
D 3 HOH 75  234 23  HOH WAT A . 
D 3 HOH 76  235 24  HOH WAT A . 
D 3 HOH 77  236 25  HOH WAT A . 
D 3 HOH 78  237 26  HOH WAT A . 
D 3 HOH 79  238 27  HOH WAT A . 
D 3 HOH 80  239 28  HOH WAT A . 
D 3 HOH 81  240 29  HOH WAT A . 
D 3 HOH 82  241 30  HOH WAT A . 
D 3 HOH 83  242 31  HOH WAT A . 
D 3 HOH 84  243 32  HOH WAT A . 
D 3 HOH 85  244 33  HOH WAT A . 
D 3 HOH 86  245 34  HOH WAT A . 
D 3 HOH 87  246 35  HOH WAT A . 
D 3 HOH 88  247 36  HOH WAT A . 
D 3 HOH 89  248 37  HOH WAT A . 
D 3 HOH 90  249 38  HOH WAT A . 
D 3 HOH 91  250 39  HOH WAT A . 
D 3 HOH 92  251 40  HOH WAT A . 
D 3 HOH 93  252 41  HOH WAT A . 
D 3 HOH 94  253 42  HOH WAT A . 
D 3 HOH 95  254 43  HOH WAT A . 
D 3 HOH 96  255 44  HOH WAT A . 
D 3 HOH 97  256 45  HOH WAT A . 
D 3 HOH 98  257 46  HOH WAT A . 
D 3 HOH 99  258 47  HOH WAT A . 
D 3 HOH 100 259 48  HOH WAT A . 
D 3 HOH 101 260 49  HOH WAT A . 
D 3 HOH 102 261 50  HOH WAT A . 
D 3 HOH 103 262 51  HOH WAT A . 
D 3 HOH 104 263 52  HOH WAT A . 
D 3 HOH 105 264 53  HOH WAT A . 
D 3 HOH 106 265 54  HOH WAT A . 
D 3 HOH 107 266 55  HOH WAT A . 
D 3 HOH 108 267 56  HOH WAT A . 
D 3 HOH 109 268 57  HOH WAT A . 
D 3 HOH 110 269 58  HOH WAT A . 
D 3 HOH 111 270 59  HOH WAT A . 
D 3 HOH 112 271 60  HOH WAT A . 
D 3 HOH 113 272 62  HOH WAT A . 
D 3 HOH 114 273 63  HOH WAT A . 
D 3 HOH 115 274 64  HOH WAT A . 
D 3 HOH 116 275 65  HOH WAT A . 
D 3 HOH 117 276 66  HOH WAT A . 
D 3 HOH 118 277 67  HOH WAT A . 
D 3 HOH 119 278 68  HOH WAT A . 
D 3 HOH 120 279 69  HOH WAT A . 
D 3 HOH 121 280 70  HOH WAT A . 
D 3 HOH 122 281 71  HOH WAT A . 
D 3 HOH 123 282 72  HOH WAT A . 
D 3 HOH 124 283 73  HOH WAT A . 
D 3 HOH 125 284 74  HOH WAT A . 
D 3 HOH 126 285 75  HOH WAT A . 
D 3 HOH 127 286 76  HOH WAT A . 
D 3 HOH 128 287 78  HOH WAT A . 
D 3 HOH 129 288 79  HOH WAT A . 
D 3 HOH 130 289 80  HOH WAT A . 
D 3 HOH 131 290 81  HOH WAT A . 
D 3 HOH 132 291 82  HOH WAT A . 
D 3 HOH 133 292 83  HOH WAT A . 
D 3 HOH 134 293 84  HOH WAT A . 
D 3 HOH 135 294 85  HOH WAT A . 
D 3 HOH 136 295 86  HOH WAT A . 
D 3 HOH 137 296 87  HOH WAT A . 
D 3 HOH 138 297 88  HOH WAT A . 
D 3 HOH 139 298 89  HOH WAT A . 
D 3 HOH 140 299 90  HOH WAT A . 
D 3 HOH 141 300 91  HOH WAT A . 
D 3 HOH 142 303 92  HOH WAT A . 
D 3 HOH 143 304 93  HOH WAT A . 
D 3 HOH 144 305 94  HOH WAT A . 
D 3 HOH 145 306 95  HOH WAT A . 
D 3 HOH 146 307 96  HOH WAT A . 
D 3 HOH 147 308 97  HOH WAT A . 
D 3 HOH 148 309 98  HOH WAT A . 
D 3 HOH 149 310 99  HOH WAT A . 
D 3 HOH 150 311 100 HOH WAT A . 
D 3 HOH 151 312 101 HOH WAT A . 
D 3 HOH 152 313 102 HOH WAT A . 
D 3 HOH 153 314 103 HOH WAT A . 
D 3 HOH 154 315 104 HOH WAT A . 
D 3 HOH 155 316 105 HOH WAT A . 
D 3 HOH 156 317 106 HOH WAT A . 
D 3 HOH 157 318 107 HOH WAT A . 
D 3 HOH 158 319 108 HOH WAT A . 
D 3 HOH 159 320 109 HOH WAT A . 
D 3 HOH 160 321 110 HOH WAT A . 
D 3 HOH 161 322 111 HOH WAT A . 
D 3 HOH 162 323 112 HOH WAT A . 
D 3 HOH 163 324 113 HOH WAT A . 
D 3 HOH 164 325 114 HOH WAT A . 
D 3 HOH 165 326 115 HOH WAT A . 
D 3 HOH 166 327 116 HOH WAT A . 
D 3 HOH 167 328 117 HOH WAT A . 
D 3 HOH 168 329 118 HOH WAT A . 
D 3 HOH 169 330 119 HOH WAT A . 
D 3 HOH 170 331 120 HOH WAT A . 
D 3 HOH 171 332 121 HOH WAT A . 
D 3 HOH 172 333 122 HOH WAT A . 
D 3 HOH 173 334 123 HOH WAT A . 
D 3 HOH 174 335 124 HOH WAT A . 
D 3 HOH 175 336 125 HOH WAT A . 
D 3 HOH 176 337 126 HOH WAT A . 
D 3 HOH 177 338 127 HOH WAT A . 
D 3 HOH 178 339 128 HOH WAT A . 
D 3 HOH 179 340 129 HOH WAT A . 
D 3 HOH 180 341 130 HOH WAT A . 
D 3 HOH 181 342 131 HOH WAT A . 
D 3 HOH 182 343 132 HOH WAT A . 
D 3 HOH 183 344 133 HOH WAT A . 
D 3 HOH 184 345 134 HOH WAT A . 
D 3 HOH 185 346 135 HOH WAT A . 
D 3 HOH 186 347 136 HOH WAT A . 
D 3 HOH 187 348 137 HOH WAT A . 
D 3 HOH 188 349 138 HOH WAT A . 
D 3 HOH 189 350 139 HOH WAT A . 
D 3 HOH 190 351 140 HOH WAT A . 
D 3 HOH 191 352 141 HOH WAT A . 
D 3 HOH 192 353 142 HOH WAT A . 
D 3 HOH 193 354 143 HOH WAT A . 
D 3 HOH 194 355 144 HOH WAT A . 
D 3 HOH 195 356 145 HOH WAT A . 
D 3 HOH 196 357 146 HOH WAT A . 
D 3 HOH 197 358 147 HOH WAT A . 
D 3 HOH 198 359 148 HOH WAT A . 
D 3 HOH 199 360 149 HOH WAT A . 
D 3 HOH 200 361 150 HOH WAT A . 
D 3 HOH 201 362 151 HOH WAT A . 
D 3 HOH 202 363 152 HOH WAT A . 
D 3 HOH 203 364 153 HOH WAT A . 
D 3 HOH 204 365 154 HOH WAT A . 
D 3 HOH 205 366 155 HOH WAT A . 
D 3 HOH 206 367 156 HOH WAT A . 
D 3 HOH 207 368 157 HOH WAT A . 
D 3 HOH 208 369 158 HOH WAT A . 
D 3 HOH 209 370 159 HOH WAT A . 
# 
loop_
_software.name 
_software.classification 
_software.version 
_software.citation_id 
_software.pdbx_ordinal 
CrystalClear 'data collection' .   ? 1 
PHASER       phasing           .   ? 2 
CNS          refinement        1.1 ? 3 
CrystalClear 'data reduction'  .   ? 4 
CrystalClear 'data scaling'    .   ? 5 
# 
_cell.entry_id           3NZM 
_cell.length_a           40.220 
_cell.length_b           53.740 
_cell.length_c           67.960 
_cell.angle_alpha        90.00 
_cell.angle_beta         90.00 
_cell.angle_gamma        90.00 
_cell.Z_PDB              4 
_cell.pdbx_unique_axis   ? 
_cell.length_a_esd       ? 
_cell.length_b_esd       ? 
_cell.length_c_esd       ? 
_cell.angle_alpha_esd    ? 
_cell.angle_beta_esd     ? 
_cell.angle_gamma_esd    ? 
# 
_symmetry.entry_id                         3NZM 
_symmetry.space_group_name_H-M             'P 21 21 21' 
_symmetry.pdbx_full_space_group_name_H-M   ? 
_symmetry.cell_setting                     ? 
_symmetry.Int_Tables_number                19 
_symmetry.space_group_name_Hall            ? 
# 
_exptl.entry_id          3NZM 
_exptl.method            'X-RAY DIFFRACTION' 
_exptl.crystals_number   1 
# 
_exptl_crystal.id                    1 
_exptl_crystal.density_meas          ? 
_exptl_crystal.density_Matthews      2.00 
_exptl_crystal.density_percent_sol   38.51 
_exptl_crystal.description           ? 
_exptl_crystal.F_000                 ? 
_exptl_crystal.preparation           ? 
# 
_exptl_crystal_grow.crystal_id      1 
_exptl_crystal_grow.method          'VAPOR DIFFUSION, HANGING DROP' 
_exptl_crystal_grow.temp            295 
_exptl_crystal_grow.temp_details    ? 
_exptl_crystal_grow.pH              7.0 
_exptl_crystal_grow.pdbx_pH_range   ? 
_exptl_crystal_grow.pdbx_details    
'54% ammonium sulfate, 2% PEG400, 0.1M HEPES, pH 7.0, VAPOR DIFFUSION, HANGING DROP, temperature 295K' 
# 
_diffrn.id                     1 
_diffrn.ambient_temp           100 
_diffrn.ambient_temp_details   ? 
_diffrn.crystal_id             1 
# 
_diffrn_detector.diffrn_id              1 
_diffrn_detector.detector               'IMAGE PLATE' 
_diffrn_detector.type                   'RIGAKU RAXIS IV++' 
_diffrn_detector.pdbx_collection_date   2009-11-23 
_diffrn_detector.details                ? 
# 
_diffrn_radiation.diffrn_id                        1 
_diffrn_radiation.wavelength_id                    1 
_diffrn_radiation.pdbx_monochromatic_or_laue_m_l   M 
_diffrn_radiation.monochromator                    'osmic mirror' 
_diffrn_radiation.pdbx_diffrn_protocol             'SINGLE WAVELENGTH' 
_diffrn_radiation.pdbx_scattering_type             x-ray 
# 
_diffrn_radiation_wavelength.id           1 
_diffrn_radiation_wavelength.wavelength   1.5418 
_diffrn_radiation_wavelength.wt           1.0 
# 
_diffrn_source.diffrn_id                   1 
_diffrn_source.source                      'ROTATING ANODE' 
_diffrn_source.type                        'RIGAKU MICROMAX-007' 
_diffrn_source.pdbx_synchrotron_site       ? 
_diffrn_source.pdbx_synchrotron_beamline   ? 
_diffrn_source.pdbx_wavelength             ? 
_diffrn_source.pdbx_wavelength_list        1.5418 
# 
_reflns.entry_id                     3NZM 
_reflns.observed_criterion_sigma_I   0 
_reflns.observed_criterion_sigma_F   0 
_reflns.d_resolution_low             30. 
_reflns.d_resolution_high            1.55 
_reflns.number_obs                   21996 
_reflns.number_all                   21996 
_reflns.percent_possible_obs         99.7 
_reflns.pdbx_Rmerge_I_obs            0.060 
_reflns.pdbx_Rsym_value              ? 
_reflns.pdbx_netI_over_sigmaI        11.0 
_reflns.B_iso_Wilson_estimate        24.9 
_reflns.pdbx_redundancy              3.73 
_reflns.R_free_details               ? 
_reflns.limit_h_max                  ? 
_reflns.limit_h_min                  ? 
_reflns.limit_k_max                  ? 
_reflns.limit_k_min                  ? 
_reflns.limit_l_max                  ? 
_reflns.limit_l_min                  ? 
_reflns.observed_criterion_F_max     ? 
_reflns.observed_criterion_F_min     ? 
_reflns.pdbx_chi_squared             ? 
_reflns.pdbx_scaling_rejects         ? 
_reflns.pdbx_ordinal                 1 
_reflns.pdbx_diffrn_id               1 
# 
_reflns_shell.d_res_high             1.55 
_reflns_shell.d_res_low              1.60 
_reflns_shell.percent_possible_all   98.6 
_reflns_shell.Rmerge_I_obs           0.445 
_reflns_shell.pdbx_Rsym_value        ? 
_reflns_shell.meanI_over_sigI_obs    2.0 
_reflns_shell.pdbx_redundancy        3.39 
_reflns_shell.percent_possible_obs   ? 
_reflns_shell.number_unique_all      ? 
_reflns_shell.number_measured_all    ? 
_reflns_shell.number_measured_obs    ? 
_reflns_shell.number_unique_obs      ? 
_reflns_shell.pdbx_chi_squared       ? 
_reflns_shell.pdbx_ordinal           1 
_reflns_shell.pdbx_diffrn_id         1 
# 
_refine.pdbx_refine_id                           'X-RAY DIFFRACTION' 
_refine.entry_id                                 3NZM 
_refine.ls_number_reflns_obs                     21960 
_refine.ls_number_reflns_all                     21996 
_refine.pdbx_ls_sigma_I                          ? 
_refine.pdbx_ls_sigma_F                          0.0 
_refine.pdbx_data_cutoff_high_absF               815584.06 
_refine.pdbx_data_cutoff_low_absF                0.000000 
_refine.pdbx_data_cutoff_high_rms_absF           ? 
_refine.ls_d_res_low                             28.72 
_refine.ls_d_res_high                            1.55 
_refine.ls_percent_reflns_obs                    99.6 
_refine.ls_R_factor_obs                          0.220 
_refine.ls_R_factor_all                          ? 
_refine.ls_R_factor_R_work                       0.220 
_refine.ls_R_factor_R_free                       0.260 
_refine.ls_R_factor_R_free_error                 0.006 
_refine.ls_R_factor_R_free_error_details         ? 
_refine.ls_percent_reflns_R_free                 10.1 
_refine.ls_number_reflns_R_free                  2221 
_refine.ls_number_parameters                     ? 
_refine.ls_number_restraints                     ? 
_refine.occupancy_min                            ? 
_refine.occupancy_max                            ? 
_refine.correlation_coeff_Fo_to_Fc               ? 
_refine.correlation_coeff_Fo_to_Fc_free          ? 
_refine.B_iso_mean                               18.4 
_refine.aniso_B[1][1]                            0.86 
_refine.aniso_B[2][2]                            -0.64 
_refine.aniso_B[3][3]                            -0.22 
_refine.aniso_B[1][2]                            0.00 
_refine.aniso_B[1][3]                            0.00 
_refine.aniso_B[2][3]                            0.00 
_refine.solvent_model_details                    'FLAT MODEL' 
_refine.solvent_model_param_ksol                 0.378282 
_refine.solvent_model_param_bsol                 53.2471 
_refine.pdbx_solvent_vdw_probe_radii             ? 
_refine.pdbx_solvent_ion_probe_radii             ? 
_refine.pdbx_solvent_shrinkage_radii             ? 
_refine.pdbx_ls_cross_valid_method               THROUGHOUT 
_refine.details                                  ? 
_refine.pdbx_starting_model                      'PDB ENTRY 1ZD7' 
_refine.pdbx_method_to_determine_struct          'MOLECULAR REPLACEMENT' 
_refine.pdbx_isotropic_thermal_model             RESTRAINED 
_refine.pdbx_stereochemistry_target_values       'Engh & Huber' 
_refine.pdbx_stereochem_target_val_spec_case     ? 
_refine.pdbx_R_Free_selection_details            RANDOM 
_refine.pdbx_overall_ESU_R_Free                  ? 
_refine.overall_SU_ML                            ? 
_refine.pdbx_overall_phase_error                 ? 
_refine.overall_SU_B                             ? 
_refine.overall_SU_R_Cruickshank_DPI             ? 
_refine.pdbx_overall_SU_R_free_Cruickshank_DPI   ? 
_refine.pdbx_overall_SU_R_Blow_DPI               ? 
_refine.pdbx_overall_SU_R_free_Blow_DPI          ? 
_refine.ls_redundancy_reflns_obs                 ? 
_refine.pdbx_overall_ESU_R                       ? 
_refine.B_iso_min                                ? 
_refine.B_iso_max                                ? 
_refine.overall_SU_R_free                        ? 
_refine.ls_wR_factor_R_free                      ? 
_refine.ls_wR_factor_R_work                      ? 
_refine.overall_FOM_free_R_set                   ? 
_refine.overall_FOM_work_R_set                   ? 
_refine.pdbx_diffrn_id                           1 
_refine.pdbx_TLS_residual_ADP_flag               ? 
# 
_refine_analyze.pdbx_refine_id                  'X-RAY DIFFRACTION' 
_refine_analyze.entry_id                        3NZM 
_refine_analyze.Luzzati_coordinate_error_obs    0.16 
_refine_analyze.Luzzati_sigma_a_obs             0.30 
_refine_analyze.Luzzati_d_res_low_obs           5.00 
_refine_analyze.Luzzati_coordinate_error_free   0.20 
_refine_analyze.Luzzati_sigma_a_free            0.34 
_refine_analyze.Luzzati_d_res_low_free          ? 
_refine_analyze.number_disordered_residues      ? 
_refine_analyze.occupancy_sum_hydrogen          ? 
_refine_analyze.occupancy_sum_non_hydrogen      ? 
_refine_analyze.pdbx_Luzzati_d_res_high_obs     ? 
# 
_refine_hist.pdbx_refine_id                   'X-RAY DIFFRACTION' 
_refine_hist.cycle_id                         LAST 
_refine_hist.pdbx_number_atoms_protein        1293 
_refine_hist.pdbx_number_atoms_nucleic_acid   0 
_refine_hist.pdbx_number_atoms_ligand         10 
_refine_hist.number_atoms_solvent             209 
_refine_hist.number_atoms_total               1512 
_refine_hist.d_res_high                       1.55 
_refine_hist.d_res_low                        28.72 
# 
loop_
_refine_ls_restr.type 
_refine_ls_restr.dev_ideal 
_refine_ls_restr.dev_ideal_target 
_refine_ls_restr.weight 
_refine_ls_restr.number 
_refine_ls_restr.pdbx_refine_id 
_refine_ls_restr.pdbx_restraint_function 
c_bond_d                0.005 ?    ? ? 'X-RAY DIFFRACTION' ? 
c_bond_d_na             ?     ?    ? ? 'X-RAY DIFFRACTION' ? 
c_bond_d_prot           ?     ?    ? ? 'X-RAY DIFFRACTION' ? 
c_angle_d               ?     ?    ? ? 'X-RAY DIFFRACTION' ? 
c_angle_d_na            ?     ?    ? ? 'X-RAY DIFFRACTION' ? 
c_angle_d_prot          ?     ?    ? ? 'X-RAY DIFFRACTION' ? 
c_angle_deg             1.3   ?    ? ? 'X-RAY DIFFRACTION' ? 
c_angle_deg_na          ?     ?    ? ? 'X-RAY DIFFRACTION' ? 
c_angle_deg_prot        ?     ?    ? ? 'X-RAY DIFFRACTION' ? 
c_dihedral_angle_d      24.6  ?    ? ? 'X-RAY DIFFRACTION' ? 
c_dihedral_angle_d_na   ?     ?    ? ? 'X-RAY DIFFRACTION' ? 
c_dihedral_angle_d_prot ?     ?    ? ? 'X-RAY DIFFRACTION' ? 
c_improper_angle_d      0.71  ?    ? ? 'X-RAY DIFFRACTION' ? 
c_improper_angle_d_na   ?     ?    ? ? 'X-RAY DIFFRACTION' ? 
c_improper_angle_d_prot ?     ?    ? ? 'X-RAY DIFFRACTION' ? 
c_mcbond_it             1.06  1.50 ? ? 'X-RAY DIFFRACTION' ? 
c_mcangle_it            1.53  2.00 ? ? 'X-RAY DIFFRACTION' ? 
c_scbond_it             1.88  2.00 ? ? 'X-RAY DIFFRACTION' ? 
c_scangle_it            2.78  2.50 ? ? 'X-RAY DIFFRACTION' ? 
# 
_refine_ls_restr_ncs.pdbx_refine_id      'X-RAY DIFFRACTION' 
_refine_ls_restr_ncs.dom_id              1 
_refine_ls_restr_ncs.ncs_model_details   NONE 
_refine_ls_restr_ncs.rms_dev_position    ? 
_refine_ls_restr_ncs.weight_position     ? 
_refine_ls_restr_ncs.rms_dev_B_iso       ? 
_refine_ls_restr_ncs.weight_B_iso        ? 
_refine_ls_restr_ncs.pdbx_ordinal        1 
_refine_ls_restr_ncs.pdbx_type           . 
_refine_ls_restr_ncs.pdbx_auth_asym_id   . 
_refine_ls_restr_ncs.pdbx_ens_id         1 
_refine_ls_restr_ncs.pdbx_number         ? 
_refine_ls_restr_ncs.pdbx_asym_id        ? 
_refine_ls_restr_ncs.pdbx_rms            ? 
_refine_ls_restr_ncs.pdbx_weight         ? 
# 
_refine_ls_shell.pdbx_refine_id                   'X-RAY DIFFRACTION' 
_refine_ls_shell.pdbx_total_number_of_bins_used   8 
_refine_ls_shell.d_res_high                       1.55 
_refine_ls_shell.d_res_low                        1.62 
_refine_ls_shell.number_reflns_R_work             2394 
_refine_ls_shell.R_factor_R_work                  0.713 
_refine_ls_shell.percent_reflns_obs               99.6 
_refine_ls_shell.R_factor_R_free                  0.778 
_refine_ls_shell.R_factor_R_free_error            0.047 
_refine_ls_shell.percent_reflns_R_free            10.2 
_refine_ls_shell.number_reflns_R_free             273 
_refine_ls_shell.number_reflns_all                ? 
_refine_ls_shell.R_factor_all                     ? 
_refine_ls_shell.redundancy_reflns_obs            ? 
_refine_ls_shell.number_reflns_obs                ? 
# 
loop_
_pdbx_xplor_file.pdbx_refine_id 
_pdbx_xplor_file.serial_no 
_pdbx_xplor_file.param_file 
_pdbx_xplor_file.topol_file 
'X-RAY DIFFRACTION' 1 protein_rep.param protein.top 
'X-RAY DIFFRACTION' 2 water_rep.param   water.top   
'X-RAY DIFFRACTION' 3 ion.param         ion.top     
# 
_struct_ncs_dom.id            1 
_struct_ncs_dom.details       ? 
_struct_ncs_dom.pdbx_ens_id   1 
# 
_struct_ncs_ens.id        1 
_struct_ncs_ens.details   ? 
# 
_struct.entry_id                  3NZM 
_struct.title                     'Crystal structure of DNAE intein with N-extein in redox trap' 
_struct.pdbx_model_details        ? 
_struct.pdbx_CASP_flag            ? 
_struct.pdbx_model_type_details   ? 
# 
_struct_keywords.entry_id        3NZM 
_struct_keywords.pdbx_keywords   TRANSFERASE 
_struct_keywords.text            'disulfide bond, TRANSFERASE' 
# 
loop_
_struct_asym.id 
_struct_asym.pdbx_blank_PDB_chainid_flag 
_struct_asym.pdbx_modified 
_struct_asym.entity_id 
_struct_asym.details 
A N N 1 ? 
B N N 2 ? 
C N N 2 ? 
D N N 3 ? 
# 
_struct_ref.id                         1 
_struct_ref.db_name                    UNP 
_struct_ref.db_code                    DPO3A_SYNY3 
_struct_ref.pdbx_db_accession          P74750 
_struct_ref.entity_id                  1 
_struct_ref.pdbx_seq_one_letter_code   
;FAEYCLSFGTEILTVEYGPLPIGKIVSEEINCSVYSVDPEGRVYTQAIAQWHDRGEQEVLEYELEDGSVIRATSDHRFLT
TDYQLLAIEEIFARQLDLLTLENIKQTEEALDNHRLPFPLLDAGTIKMVKVIGRRSLGVQRIFDIGLPQDHNFLLANGAI
AAN
;
_struct_ref.pdbx_align_begin           771 
_struct_ref.pdbx_db_isoform            ? 
# 
_struct_ref_seq.align_id                      1 
_struct_ref_seq.ref_id                        1 
_struct_ref_seq.pdbx_PDB_id_code              3NZM 
_struct_ref_seq.pdbx_strand_id                A 
_struct_ref_seq.seq_align_beg                 6 
_struct_ref_seq.pdbx_seq_align_beg_ins_code   ? 
_struct_ref_seq.seq_align_end                 168 
_struct_ref_seq.pdbx_seq_align_end_ins_code   ? 
_struct_ref_seq.pdbx_db_accession             P74750 
_struct_ref_seq.db_align_beg                  771 
_struct_ref_seq.pdbx_db_align_beg_ins_code    ? 
_struct_ref_seq.db_align_end                  933 
_struct_ref_seq.pdbx_db_align_end_ins_code    ? 
_struct_ref_seq.pdbx_auth_seq_align_beg       -4 
_struct_ref_seq.pdbx_auth_seq_align_end       159 
# 
loop_
_struct_ref_seq_dif.align_id 
_struct_ref_seq_dif.pdbx_pdb_id_code 
_struct_ref_seq_dif.mon_id 
_struct_ref_seq_dif.pdbx_pdb_strand_id 
_struct_ref_seq_dif.seq_num 
_struct_ref_seq_dif.pdbx_pdb_ins_code 
_struct_ref_seq_dif.pdbx_seq_db_name 
_struct_ref_seq_dif.pdbx_seq_db_accession_code 
_struct_ref_seq_dif.db_mon_id 
_struct_ref_seq_dif.pdbx_seq_db_seq_num 
_struct_ref_seq_dif.details 
_struct_ref_seq_dif.pdbx_auth_seq_num 
_struct_ref_seq_dif.pdbx_ordinal 
1 3NZM LYS A 1 ? UNP P74750 ?   ?   'engineered mutation' -9 1 
1 3NZM SER A 2 ? UNP P74750 ?   ?   'engineered mutation' -8 2 
1 3NZM PRO A 3 ? UNP P74750 ?   ?   'engineered mutation' -7 3 
1 3NZM ASP A 4 ? UNP P74750 ?   ?   'engineered mutation' -6 4 
1 3NZM PRO A 5 ? UNP P74750 ?   ?   'engineered mutation' -5 5 
1 3NZM CYS A 7 ? UNP P74750 ALA 772 'engineered mutation' -3 6 
1 3NZM PRO A 8 ? UNP P74750 GLU 773 'engineered mutation' -2 7 
1 3NZM GLY A 9 ? UNP P74750 TYR 774 'engineered mutation' -1 8 
# 
_pdbx_struct_assembly.id                   1 
_pdbx_struct_assembly.details              author_and_software_defined_assembly 
_pdbx_struct_assembly.method_details       PISA 
_pdbx_struct_assembly.oligomeric_details   monomeric 
_pdbx_struct_assembly.oligomeric_count     1 
# 
_pdbx_struct_assembly_gen.assembly_id       1 
_pdbx_struct_assembly_gen.oper_expression   1 
_pdbx_struct_assembly_gen.asym_id_list      A,B,C,D 
# 
_pdbx_struct_oper_list.id                   1 
_pdbx_struct_oper_list.type                 'identity operation' 
_pdbx_struct_oper_list.name                 1_555 
_pdbx_struct_oper_list.symmetry_operation   x,y,z 
_pdbx_struct_oper_list.matrix[1][1]         1.0000000000 
_pdbx_struct_oper_list.matrix[1][2]         0.0000000000 
_pdbx_struct_oper_list.matrix[1][3]         0.0000000000 
_pdbx_struct_oper_list.vector[1]            0.0000000000 
_pdbx_struct_oper_list.matrix[2][1]         0.0000000000 
_pdbx_struct_oper_list.matrix[2][2]         1.0000000000 
_pdbx_struct_oper_list.matrix[2][3]         0.0000000000 
_pdbx_struct_oper_list.vector[2]            0.0000000000 
_pdbx_struct_oper_list.matrix[3][1]         0.0000000000 
_pdbx_struct_oper_list.matrix[3][2]         0.0000000000 
_pdbx_struct_oper_list.matrix[3][3]         1.0000000000 
_pdbx_struct_oper_list.vector[3]            0.0000000000 
# 
_struct_biol.id        1 
_struct_biol.details   ? 
# 
loop_
_struct_conf.conf_type_id 
_struct_conf.id 
_struct_conf.pdbx_PDB_helix_id 
_struct_conf.beg_label_comp_id 
_struct_conf.beg_label_asym_id 
_struct_conf.beg_label_seq_id 
_struct_conf.pdbx_beg_PDB_ins_code 
_struct_conf.end_label_comp_id 
_struct_conf.end_label_asym_id 
_struct_conf.end_label_seq_id 
_struct_conf.pdbx_end_PDB_ins_code 
_struct_conf.beg_auth_comp_id 
_struct_conf.beg_auth_asym_id 
_struct_conf.beg_auth_seq_id 
_struct_conf.end_auth_comp_id 
_struct_conf.end_auth_asym_id 
_struct_conf.end_auth_seq_id 
_struct_conf.pdbx_PDB_helix_class 
_struct_conf.details 
_struct_conf.pdbx_PDB_helix_length 
HELX_P HELX_P1 1 ILE A 27  ? GLU A 33  ? ILE A 18  GLU A 24  1 ? 7 
HELX_P HELX_P2 2 ILE A 93  ? GLN A 100 ? ILE A 84  GLN A 91  1 ? 8 
HELX_P HELX_P3 3 LEU A 125 ? GLY A 129 ? LEU A 116 GLY A 120 1 ? 5 
# 
_struct_conf_type.id          HELX_P 
_struct_conf_type.criteria    ? 
_struct_conf_type.reference   ? 
# 
loop_
_struct_conn.id 
_struct_conn.conn_type_id 
_struct_conn.pdbx_leaving_atom_flag 
_struct_conn.pdbx_PDB_id 
_struct_conn.ptnr1_label_asym_id 
_struct_conn.ptnr1_label_comp_id 
_struct_conn.ptnr1_label_seq_id 
_struct_conn.ptnr1_label_atom_id 
_struct_conn.pdbx_ptnr1_label_alt_id 
_struct_conn.pdbx_ptnr1_PDB_ins_code 
_struct_conn.pdbx_ptnr1_standard_comp_id 
_struct_conn.ptnr1_symmetry 
_struct_conn.ptnr2_label_asym_id 
_struct_conn.ptnr2_label_comp_id 
_struct_conn.ptnr2_label_seq_id 
_struct_conn.ptnr2_label_atom_id 
_struct_conn.pdbx_ptnr2_label_alt_id 
_struct_conn.pdbx_ptnr2_PDB_ins_code 
_struct_conn.ptnr1_auth_asym_id 
_struct_conn.ptnr1_auth_comp_id 
_struct_conn.ptnr1_auth_seq_id 
_struct_conn.ptnr2_auth_asym_id 
_struct_conn.ptnr2_auth_comp_id 
_struct_conn.ptnr2_auth_seq_id 
_struct_conn.ptnr2_symmetry 
_struct_conn.pdbx_ptnr3_label_atom_id 
_struct_conn.pdbx_ptnr3_label_seq_id 
_struct_conn.pdbx_ptnr3_label_comp_id 
_struct_conn.pdbx_ptnr3_label_asym_id 
_struct_conn.pdbx_ptnr3_label_alt_id 
_struct_conn.pdbx_ptnr3_PDB_ins_code 
_struct_conn.details 
_struct_conn.pdbx_dist_value 
_struct_conn.pdbx_value_order 
_struct_conn.pdbx_role 
disulf1 disulf ?    ? A CYS 7   SG ? ? ? 1_555 A CYS 10  SG ? ? A CYS -3  A CYS 1   1_555 ? ? ? ? ? ? ? 2.030 ? ? 
covale1 covale both ? A ALA 167 C  ? ? ? 1_555 A SNN 168 N  ? ? A ALA 158 A SNN 159 1_555 ? ? ? ? ? ? ? 1.333 ? ? 
# 
loop_
_struct_conn_type.id 
_struct_conn_type.criteria 
_struct_conn_type.reference 
disulf ? ? 
covale ? ? 
# 
loop_
_pdbx_modification_feature.ordinal 
_pdbx_modification_feature.label_comp_id 
_pdbx_modification_feature.label_asym_id 
_pdbx_modification_feature.label_seq_id 
_pdbx_modification_feature.label_alt_id 
_pdbx_modification_feature.modified_residue_label_comp_id 
_pdbx_modification_feature.modified_residue_label_asym_id 
_pdbx_modification_feature.modified_residue_label_seq_id 
_pdbx_modification_feature.modified_residue_label_alt_id 
_pdbx_modification_feature.auth_comp_id 
_pdbx_modification_feature.auth_asym_id 
_pdbx_modification_feature.auth_seq_id 
_pdbx_modification_feature.PDB_ins_code 
_pdbx_modification_feature.symmetry 
_pdbx_modification_feature.modified_residue_auth_comp_id 
_pdbx_modification_feature.modified_residue_auth_asym_id 
_pdbx_modification_feature.modified_residue_auth_seq_id 
_pdbx_modification_feature.modified_residue_PDB_ins_code 
_pdbx_modification_feature.modified_residue_symmetry 
_pdbx_modification_feature.comp_id_linking_atom 
_pdbx_modification_feature.modified_residue_id_linking_atom 
_pdbx_modification_feature.modified_residue_id 
_pdbx_modification_feature.ref_pcm_id 
_pdbx_modification_feature.ref_comp_id 
_pdbx_modification_feature.type 
_pdbx_modification_feature.category 
1 SNN A 168 ? .   . .  . SNN A 159 ? 1_555 .   . . . .     .  .  ASN 1 SNN 'Succinamide ring' 'Named protein modification' 
2 CYS A 7   ? CYS A 10 ? CYS A -3  ? 1_555 CYS A 1 ? 1_555 SG SG .   . .   None               'Disulfide bridge'           
# 
_struct_mon_prot_cis.pdbx_id                1 
_struct_mon_prot_cis.label_comp_id          LEU 
_struct_mon_prot_cis.label_seq_id           121 
_struct_mon_prot_cis.label_asym_id          A 
_struct_mon_prot_cis.label_alt_id           . 
_struct_mon_prot_cis.pdbx_PDB_ins_code      ? 
_struct_mon_prot_cis.auth_comp_id           LEU 
_struct_mon_prot_cis.auth_seq_id            112 
_struct_mon_prot_cis.auth_asym_id           A 
_struct_mon_prot_cis.pdbx_label_comp_id_2   PRO 
_struct_mon_prot_cis.pdbx_label_seq_id_2    122 
_struct_mon_prot_cis.pdbx_label_asym_id_2   A 
_struct_mon_prot_cis.pdbx_PDB_ins_code_2    ? 
_struct_mon_prot_cis.pdbx_auth_comp_id_2    PRO 
_struct_mon_prot_cis.pdbx_auth_seq_id_2     113 
_struct_mon_prot_cis.pdbx_auth_asym_id_2    A 
_struct_mon_prot_cis.pdbx_PDB_model_num     1 
_struct_mon_prot_cis.pdbx_omega_angle       0.06 
# 
loop_
_struct_sheet.id 
_struct_sheet.type 
_struct_sheet.number_strands 
_struct_sheet.details 
A ? 5 ? 
B ? 2 ? 
C ? 3 ? 
D ? 2 ? 
E ? 2 ? 
F ? 2 ? 
# 
loop_
_struct_sheet_order.sheet_id 
_struct_sheet_order.range_id_1 
_struct_sheet_order.range_id_2 
_struct_sheet_order.offset 
_struct_sheet_order.sense 
A 1 2 ? anti-parallel 
A 2 3 ? anti-parallel 
A 3 4 ? anti-parallel 
A 4 5 ? anti-parallel 
B 1 2 ? anti-parallel 
C 1 2 ? anti-parallel 
C 2 3 ? anti-parallel 
D 1 2 ? anti-parallel 
E 1 2 ? anti-parallel 
F 1 2 ? anti-parallel 
# 
loop_
_struct_sheet_range.sheet_id 
_struct_sheet_range.id 
_struct_sheet_range.beg_label_comp_id 
_struct_sheet_range.beg_label_asym_id 
_struct_sheet_range.beg_label_seq_id 
_struct_sheet_range.pdbx_beg_PDB_ins_code 
_struct_sheet_range.end_label_comp_id 
_struct_sheet_range.end_label_asym_id 
_struct_sheet_range.end_label_seq_id 
_struct_sheet_range.pdbx_end_PDB_ins_code 
_struct_sheet_range.beg_auth_comp_id 
_struct_sheet_range.beg_auth_asym_id 
_struct_sheet_range.beg_auth_seq_id 
_struct_sheet_range.end_auth_comp_id 
_struct_sheet_range.end_auth_asym_id 
_struct_sheet_range.end_auth_seq_id 
A 1 LEU A 11  ? SER A 12  ? LEU A 2   SER A 3   
A 2 VAL A 74  ? ALA A 77  ? VAL A 65  ALA A 68  
A 3 GLN A 55  ? LEU A 69  ? GLN A 46  LEU A 60  
A 4 VAL A 136 ? GLY A 151 ? VAL A 127 GLY A 142 
A 5 LEU A 11  ? SER A 12  ? LEU A 2   SER A 3   
B 1 GLU A 16  ? THR A 19  ? GLU A 7   THR A 10  
B 2 GLY A 23  ? PRO A 26  ? GLY A 14  PRO A 17  
C 1 SER A 38  ? VAL A 42  ? SER A 29  VAL A 33  
C 2 ARG A 47  ? ALA A 52  ? ARG A 38  ALA A 43  
C 3 PHE A 123 ? PRO A 124 ? PHE A 114 PRO A 115 
D 1 ARG A 82  ? LEU A 84  ? ARG A 73  LEU A 75  
D 2 LEU A 90  ? ALA A 92  ? LEU A 81  ALA A 83  
E 1 LEU A 103 ? LEU A 106 ? LEU A 94  LEU A 97  
E 2 ILE A 131 ? VAL A 134 ? ILE A 122 VAL A 125 
F 1 PHE A 158 ? LEU A 159 ? PHE A 149 LEU A 150 
F 2 ILE A 165 ? ALA A 166 ? ILE A 156 ALA A 157 
# 
loop_
_pdbx_struct_sheet_hbond.sheet_id 
_pdbx_struct_sheet_hbond.range_id_1 
_pdbx_struct_sheet_hbond.range_id_2 
_pdbx_struct_sheet_hbond.range_1_label_atom_id 
_pdbx_struct_sheet_hbond.range_1_label_comp_id 
_pdbx_struct_sheet_hbond.range_1_label_asym_id 
_pdbx_struct_sheet_hbond.range_1_label_seq_id 
_pdbx_struct_sheet_hbond.range_1_PDB_ins_code 
_pdbx_struct_sheet_hbond.range_1_auth_atom_id 
_pdbx_struct_sheet_hbond.range_1_auth_comp_id 
_pdbx_struct_sheet_hbond.range_1_auth_asym_id 
_pdbx_struct_sheet_hbond.range_1_auth_seq_id 
_pdbx_struct_sheet_hbond.range_2_label_atom_id 
_pdbx_struct_sheet_hbond.range_2_label_comp_id 
_pdbx_struct_sheet_hbond.range_2_label_asym_id 
_pdbx_struct_sheet_hbond.range_2_label_seq_id 
_pdbx_struct_sheet_hbond.range_2_PDB_ins_code 
_pdbx_struct_sheet_hbond.range_2_auth_atom_id 
_pdbx_struct_sheet_hbond.range_2_auth_comp_id 
_pdbx_struct_sheet_hbond.range_2_auth_asym_id 
_pdbx_struct_sheet_hbond.range_2_auth_seq_id 
A 1 2 N SER A 12  ? N SER A 3   O ARG A 76  ? O ARG A 67  
A 2 3 O ILE A 75  ? O ILE A 66  N TYR A 67  ? N TYR A 58  
A 3 4 N GLU A 66  ? N GLU A 57  O ARG A 140 ? O ARG A 131 
A 4 5 O PHE A 148 ? O PHE A 139 N LEU A 11  ? N LEU A 2   
B 1 2 N ILE A 17  ? N ILE A 8   O LEU A 25  ? O LEU A 16  
C 1 2 N SER A 41  ? N SER A 32  O TYR A 49  ? O TYR A 40  
C 2 3 N VAL A 48  ? N VAL A 39  O PHE A 123 ? O PHE A 114 
D 1 2 N PHE A 83  ? N PHE A 74  O LEU A 91  ? O LEU A 82  
E 1 2 N THR A 105 ? N THR A 96  O LYS A 132 ? O LYS A 123 
F 1 2 N PHE A 158 ? N PHE A 149 O ALA A 166 ? O ALA A 157 
# 
loop_
_struct_site.id 
_struct_site.pdbx_evidence_code 
_struct_site.pdbx_auth_asym_id 
_struct_site.pdbx_auth_comp_id 
_struct_site.pdbx_auth_seq_id 
_struct_site.pdbx_auth_ins_code 
_struct_site.pdbx_num_residues 
_struct_site.details 
AC1 Software A SO4 301 ? 8 'BINDING SITE FOR RESIDUE SO4 A 301' 
AC2 Software A SO4 302 ? 3 'BINDING SITE FOR RESIDUE SO4 A 302' 
# 
loop_
_struct_site_gen.id 
_struct_site_gen.site_id 
_struct_site_gen.pdbx_num_res 
_struct_site_gen.label_comp_id 
_struct_site_gen.label_asym_id 
_struct_site_gen.label_seq_id 
_struct_site_gen.pdbx_auth_ins_code 
_struct_site_gen.auth_comp_id 
_struct_site_gen.auth_asym_id 
_struct_site_gen.auth_seq_id 
_struct_site_gen.label_atom_id 
_struct_site_gen.label_alt_id 
_struct_site_gen.symmetry 
_struct_site_gen.details 
1  AC1 8 SER A 12  ? SER A 3   . ? 1_555 ? 
2  AC1 8 PHE A 13  ? PHE A 4   . ? 1_555 ? 
3  AC1 8 GLY A 14  ? GLY A 5   . ? 1_555 ? 
4  AC1 8 ARG A 76  ? ARG A 67  . ? 1_555 ? 
5  AC1 8 HOH D .   ? HOH A 194 . ? 1_555 ? 
6  AC1 8 HOH D .   ? HOH A 204 . ? 1_555 ? 
7  AC1 8 HOH D .   ? HOH A 315 . ? 1_555 ? 
8  AC1 8 HOH D .   ? HOH A 324 . ? 1_555 ? 
9  AC2 3 ARG A 76  ? ARG A 67  . ? 1_555 ? 
10 AC2 3 ARG A 140 ? ARG A 131 . ? 1_555 ? 
11 AC2 3 HOH D .   ? HOH A 321 . ? 1_555 ? 
# 
_pdbx_entry_details.entry_id                   3NZM 
_pdbx_entry_details.compound_details           ? 
_pdbx_entry_details.source_details             ? 
_pdbx_entry_details.nonpolymer_details         ? 
_pdbx_entry_details.sequence_details           ? 
_pdbx_entry_details.has_ligand_of_interest     ? 
_pdbx_entry_details.has_protein_modification   Y 
# 
loop_
_pdbx_validate_torsion.id 
_pdbx_validate_torsion.PDB_model_num 
_pdbx_validate_torsion.auth_comp_id 
_pdbx_validate_torsion.auth_asym_id 
_pdbx_validate_torsion.auth_seq_id 
_pdbx_validate_torsion.PDB_ins_code 
_pdbx_validate_torsion.label_alt_id 
_pdbx_validate_torsion.phi 
_pdbx_validate_torsion.psi 
1 1 GLN A 102 ? ? -91.59  57.88  
2 1 GLN A 145 ? ? -113.22 -84.52 
# 
_pdbx_struct_mod_residue.id               1 
_pdbx_struct_mod_residue.label_asym_id    A 
_pdbx_struct_mod_residue.label_comp_id    SNN 
_pdbx_struct_mod_residue.label_seq_id     168 
_pdbx_struct_mod_residue.auth_asym_id     A 
_pdbx_struct_mod_residue.auth_comp_id     SNN 
_pdbx_struct_mod_residue.auth_seq_id      159 
_pdbx_struct_mod_residue.PDB_ins_code     ? 
_pdbx_struct_mod_residue.parent_comp_id   ASN 
_pdbx_struct_mod_residue.details          L-3-AMINOSUCCINIMIDE 
# 
loop_
_pdbx_unobs_or_zero_occ_residues.id 
_pdbx_unobs_or_zero_occ_residues.PDB_model_num 
_pdbx_unobs_or_zero_occ_residues.polymer_flag 
_pdbx_unobs_or_zero_occ_residues.occupancy_flag 
_pdbx_unobs_or_zero_occ_residues.auth_asym_id 
_pdbx_unobs_or_zero_occ_residues.auth_comp_id 
_pdbx_unobs_or_zero_occ_residues.auth_seq_id 
_pdbx_unobs_or_zero_occ_residues.PDB_ins_code 
_pdbx_unobs_or_zero_occ_residues.label_asym_id 
_pdbx_unobs_or_zero_occ_residues.label_comp_id 
_pdbx_unobs_or_zero_occ_residues.label_seq_id 
1 1 Y 1 A LYS -9 ? A LYS 1 
2 1 Y 1 A SER -8 ? A SER 2 
3 1 Y 1 A PRO -7 ? A PRO 3 
4 1 Y 1 A ASP -6 ? A ASP 4 
# 
loop_
_chem_comp_atom.comp_id 
_chem_comp_atom.atom_id 
_chem_comp_atom.type_symbol 
_chem_comp_atom.pdbx_aromatic_flag 
_chem_comp_atom.pdbx_stereo_config 
_chem_comp_atom.pdbx_ordinal 
ALA N    N N N 1   
ALA CA   C N S 2   
ALA C    C N N 3   
ALA O    O N N 4   
ALA CB   C N N 5   
ALA OXT  O N N 6   
ALA H    H N N 7   
ALA H2   H N N 8   
ALA HA   H N N 9   
ALA HB1  H N N 10  
ALA HB2  H N N 11  
ALA HB3  H N N 12  
ALA HXT  H N N 13  
ARG N    N N N 14  
ARG CA   C N S 15  
ARG C    C N N 16  
ARG O    O N N 17  
ARG CB   C N N 18  
ARG CG   C N N 19  
ARG CD   C N N 20  
ARG NE   N N N 21  
ARG CZ   C N N 22  
ARG NH1  N N N 23  
ARG NH2  N N N 24  
ARG OXT  O N N 25  
ARG H    H N N 26  
ARG H2   H N N 27  
ARG HA   H N N 28  
ARG HB2  H N N 29  
ARG HB3  H N N 30  
ARG HG2  H N N 31  
ARG HG3  H N N 32  
ARG HD2  H N N 33  
ARG HD3  H N N 34  
ARG HE   H N N 35  
ARG HH11 H N N 36  
ARG HH12 H N N 37  
ARG HH21 H N N 38  
ARG HH22 H N N 39  
ARG HXT  H N N 40  
ASN N    N N N 41  
ASN CA   C N S 42  
ASN C    C N N 43  
ASN O    O N N 44  
ASN CB   C N N 45  
ASN CG   C N N 46  
ASN OD1  O N N 47  
ASN ND2  N N N 48  
ASN OXT  O N N 49  
ASN H    H N N 50  
ASN H2   H N N 51  
ASN HA   H N N 52  
ASN HB2  H N N 53  
ASN HB3  H N N 54  
ASN HD21 H N N 55  
ASN HD22 H N N 56  
ASN HXT  H N N 57  
ASP N    N N N 58  
ASP CA   C N S 59  
ASP C    C N N 60  
ASP O    O N N 61  
ASP CB   C N N 62  
ASP CG   C N N 63  
ASP OD1  O N N 64  
ASP OD2  O N N 65  
ASP OXT  O N N 66  
ASP H    H N N 67  
ASP H2   H N N 68  
ASP HA   H N N 69  
ASP HB2  H N N 70  
ASP HB3  H N N 71  
ASP HD2  H N N 72  
ASP HXT  H N N 73  
CYS N    N N N 74  
CYS CA   C N R 75  
CYS C    C N N 76  
CYS O    O N N 77  
CYS CB   C N N 78  
CYS SG   S N N 79  
CYS OXT  O N N 80  
CYS H    H N N 81  
CYS H2   H N N 82  
CYS HA   H N N 83  
CYS HB2  H N N 84  
CYS HB3  H N N 85  
CYS HG   H N N 86  
CYS HXT  H N N 87  
GLN N    N N N 88  
GLN CA   C N S 89  
GLN C    C N N 90  
GLN O    O N N 91  
GLN CB   C N N 92  
GLN CG   C N N 93  
GLN CD   C N N 94  
GLN OE1  O N N 95  
GLN NE2  N N N 96  
GLN OXT  O N N 97  
GLN H    H N N 98  
GLN H2   H N N 99  
GLN HA   H N N 100 
GLN HB2  H N N 101 
GLN HB3  H N N 102 
GLN HG2  H N N 103 
GLN HG3  H N N 104 
GLN HE21 H N N 105 
GLN HE22 H N N 106 
GLN HXT  H N N 107 
GLU N    N N N 108 
GLU CA   C N S 109 
GLU C    C N N 110 
GLU O    O N N 111 
GLU CB   C N N 112 
GLU CG   C N N 113 
GLU CD   C N N 114 
GLU OE1  O N N 115 
GLU OE2  O N N 116 
GLU OXT  O N N 117 
GLU H    H N N 118 
GLU H2   H N N 119 
GLU HA   H N N 120 
GLU HB2  H N N 121 
GLU HB3  H N N 122 
GLU HG2  H N N 123 
GLU HG3  H N N 124 
GLU HE2  H N N 125 
GLU HXT  H N N 126 
GLY N    N N N 127 
GLY CA   C N N 128 
GLY C    C N N 129 
GLY O    O N N 130 
GLY OXT  O N N 131 
GLY H    H N N 132 
GLY H2   H N N 133 
GLY HA2  H N N 134 
GLY HA3  H N N 135 
GLY HXT  H N N 136 
HIS N    N N N 137 
HIS CA   C N S 138 
HIS C    C N N 139 
HIS O    O N N 140 
HIS CB   C N N 141 
HIS CG   C Y N 142 
HIS ND1  N Y N 143 
HIS CD2  C Y N 144 
HIS CE1  C Y N 145 
HIS NE2  N Y N 146 
HIS OXT  O N N 147 
HIS H    H N N 148 
HIS H2   H N N 149 
HIS HA   H N N 150 
HIS HB2  H N N 151 
HIS HB3  H N N 152 
HIS HD1  H N N 153 
HIS HD2  H N N 154 
HIS HE1  H N N 155 
HIS HE2  H N N 156 
HIS HXT  H N N 157 
HOH O    O N N 158 
HOH H1   H N N 159 
HOH H2   H N N 160 
ILE N    N N N 161 
ILE CA   C N S 162 
ILE C    C N N 163 
ILE O    O N N 164 
ILE CB   C N S 165 
ILE CG1  C N N 166 
ILE CG2  C N N 167 
ILE CD1  C N N 168 
ILE OXT  O N N 169 
ILE H    H N N 170 
ILE H2   H N N 171 
ILE HA   H N N 172 
ILE HB   H N N 173 
ILE HG12 H N N 174 
ILE HG13 H N N 175 
ILE HG21 H N N 176 
ILE HG22 H N N 177 
ILE HG23 H N N 178 
ILE HD11 H N N 179 
ILE HD12 H N N 180 
ILE HD13 H N N 181 
ILE HXT  H N N 182 
LEU N    N N N 183 
LEU CA   C N S 184 
LEU C    C N N 185 
LEU O    O N N 186 
LEU CB   C N N 187 
LEU CG   C N N 188 
LEU CD1  C N N 189 
LEU CD2  C N N 190 
LEU OXT  O N N 191 
LEU H    H N N 192 
LEU H2   H N N 193 
LEU HA   H N N 194 
LEU HB2  H N N 195 
LEU HB3  H N N 196 
LEU HG   H N N 197 
LEU HD11 H N N 198 
LEU HD12 H N N 199 
LEU HD13 H N N 200 
LEU HD21 H N N 201 
LEU HD22 H N N 202 
LEU HD23 H N N 203 
LEU HXT  H N N 204 
LYS N    N N N 205 
LYS CA   C N S 206 
LYS C    C N N 207 
LYS O    O N N 208 
LYS CB   C N N 209 
LYS CG   C N N 210 
LYS CD   C N N 211 
LYS CE   C N N 212 
LYS NZ   N N N 213 
LYS OXT  O N N 214 
LYS H    H N N 215 
LYS H2   H N N 216 
LYS HA   H N N 217 
LYS HB2  H N N 218 
LYS HB3  H N N 219 
LYS HG2  H N N 220 
LYS HG3  H N N 221 
LYS HD2  H N N 222 
LYS HD3  H N N 223 
LYS HE2  H N N 224 
LYS HE3  H N N 225 
LYS HZ1  H N N 226 
LYS HZ2  H N N 227 
LYS HZ3  H N N 228 
LYS HXT  H N N 229 
MET N    N N N 230 
MET CA   C N S 231 
MET C    C N N 232 
MET O    O N N 233 
MET CB   C N N 234 
MET CG   C N N 235 
MET SD   S N N 236 
MET CE   C N N 237 
MET OXT  O N N 238 
MET H    H N N 239 
MET H2   H N N 240 
MET HA   H N N 241 
MET HB2  H N N 242 
MET HB3  H N N 243 
MET HG2  H N N 244 
MET HG3  H N N 245 
MET HE1  H N N 246 
MET HE2  H N N 247 
MET HE3  H N N 248 
MET HXT  H N N 249 
PHE N    N N N 250 
PHE CA   C N S 251 
PHE C    C N N 252 
PHE O    O N N 253 
PHE CB   C N N 254 
PHE CG   C Y N 255 
PHE CD1  C Y N 256 
PHE CD2  C Y N 257 
PHE CE1  C Y N 258 
PHE CE2  C Y N 259 
PHE CZ   C Y N 260 
PHE OXT  O N N 261 
PHE H    H N N 262 
PHE H2   H N N 263 
PHE HA   H N N 264 
PHE HB2  H N N 265 
PHE HB3  H N N 266 
PHE HD1  H N N 267 
PHE HD2  H N N 268 
PHE HE1  H N N 269 
PHE HE2  H N N 270 
PHE HZ   H N N 271 
PHE HXT  H N N 272 
PRO N    N N N 273 
PRO CA   C N S 274 
PRO C    C N N 275 
PRO O    O N N 276 
PRO CB   C N N 277 
PRO CG   C N N 278 
PRO CD   C N N 279 
PRO OXT  O N N 280 
PRO H    H N N 281 
PRO HA   H N N 282 
PRO HB2  H N N 283 
PRO HB3  H N N 284 
PRO HG2  H N N 285 
PRO HG3  H N N 286 
PRO HD2  H N N 287 
PRO HD3  H N N 288 
PRO HXT  H N N 289 
SER N    N N N 290 
SER CA   C N S 291 
SER C    C N N 292 
SER O    O N N 293 
SER CB   C N N 294 
SER OG   O N N 295 
SER OXT  O N N 296 
SER H    H N N 297 
SER H2   H N N 298 
SER HA   H N N 299 
SER HB2  H N N 300 
SER HB3  H N N 301 
SER HG   H N N 302 
SER HXT  H N N 303 
SNN N1   N N N 304 
SNN C    C N N 305 
SNN CA   C N S 306 
SNN N    N N N 307 
SNN C4   C N N 308 
SNN C5   C N N 309 
SNN O    O N N 310 
SNN O5   O N N 311 
SNN HN   H N N 312 
SNN HA   H N N 313 
SNN H    H N N 314 
SNN H2   H N N 315 
SNN H41  H N N 316 
SNN H42  H N N 317 
SO4 S    S N N 318 
SO4 O1   O N N 319 
SO4 O2   O N N 320 
SO4 O3   O N N 321 
SO4 O4   O N N 322 
THR N    N N N 323 
THR CA   C N S 324 
THR C    C N N 325 
THR O    O N N 326 
THR CB   C N R 327 
THR OG1  O N N 328 
THR CG2  C N N 329 
THR OXT  O N N 330 
THR H    H N N 331 
THR H2   H N N 332 
THR HA   H N N 333 
THR HB   H N N 334 
THR HG1  H N N 335 
THR HG21 H N N 336 
THR HG22 H N N 337 
THR HG23 H N N 338 
THR HXT  H N N 339 
TRP N    N N N 340 
TRP CA   C N S 341 
TRP C    C N N 342 
TRP O    O N N 343 
TRP CB   C N N 344 
TRP CG   C Y N 345 
TRP CD1  C Y N 346 
TRP CD2  C Y N 347 
TRP NE1  N Y N 348 
TRP CE2  C Y N 349 
TRP CE3  C Y N 350 
TRP CZ2  C Y N 351 
TRP CZ3  C Y N 352 
TRP CH2  C Y N 353 
TRP OXT  O N N 354 
TRP H    H N N 355 
TRP H2   H N N 356 
TRP HA   H N N 357 
TRP HB2  H N N 358 
TRP HB3  H N N 359 
TRP HD1  H N N 360 
TRP HE1  H N N 361 
TRP HE3  H N N 362 
TRP HZ2  H N N 363 
TRP HZ3  H N N 364 
TRP HH2  H N N 365 
TRP HXT  H N N 366 
TYR N    N N N 367 
TYR CA   C N S 368 
TYR C    C N N 369 
TYR O    O N N 370 
TYR CB   C N N 371 
TYR CG   C Y N 372 
TYR CD1  C Y N 373 
TYR CD2  C Y N 374 
TYR CE1  C Y N 375 
TYR CE2  C Y N 376 
TYR CZ   C Y N 377 
TYR OH   O N N 378 
TYR OXT  O N N 379 
TYR H    H N N 380 
TYR H2   H N N 381 
TYR HA   H N N 382 
TYR HB2  H N N 383 
TYR HB3  H N N 384 
TYR HD1  H N N 385 
TYR HD2  H N N 386 
TYR HE1  H N N 387 
TYR HE2  H N N 388 
TYR HH   H N N 389 
TYR HXT  H N N 390 
VAL N    N N N 391 
VAL CA   C N S 392 
VAL C    C N N 393 
VAL O    O N N 394 
VAL CB   C N N 395 
VAL CG1  C N N 396 
VAL CG2  C N N 397 
VAL OXT  O N N 398 
VAL H    H N N 399 
VAL H2   H N N 400 
VAL HA   H N N 401 
VAL HB   H N N 402 
VAL HG11 H N N 403 
VAL HG12 H N N 404 
VAL HG13 H N N 405 
VAL HG21 H N N 406 
VAL HG22 H N N 407 
VAL HG23 H N N 408 
VAL HXT  H N N 409 
# 
loop_
_chem_comp_bond.comp_id 
_chem_comp_bond.atom_id_1 
_chem_comp_bond.atom_id_2 
_chem_comp_bond.value_order 
_chem_comp_bond.pdbx_aromatic_flag 
_chem_comp_bond.pdbx_stereo_config 
_chem_comp_bond.pdbx_ordinal 
ALA N   CA   sing N N 1   
ALA N   H    sing N N 2   
ALA N   H2   sing N N 3   
ALA CA  C    sing N N 4   
ALA CA  CB   sing N N 5   
ALA CA  HA   sing N N 6   
ALA C   O    doub N N 7   
ALA C   OXT  sing N N 8   
ALA CB  HB1  sing N N 9   
ALA CB  HB2  sing N N 10  
ALA CB  HB3  sing N N 11  
ALA OXT HXT  sing N N 12  
ARG N   CA   sing N N 13  
ARG N   H    sing N N 14  
ARG N   H2   sing N N 15  
ARG CA  C    sing N N 16  
ARG CA  CB   sing N N 17  
ARG CA  HA   sing N N 18  
ARG C   O    doub N N 19  
ARG C   OXT  sing N N 20  
ARG CB  CG   sing N N 21  
ARG CB  HB2  sing N N 22  
ARG CB  HB3  sing N N 23  
ARG CG  CD   sing N N 24  
ARG CG  HG2  sing N N 25  
ARG CG  HG3  sing N N 26  
ARG CD  NE   sing N N 27  
ARG CD  HD2  sing N N 28  
ARG CD  HD3  sing N N 29  
ARG NE  CZ   sing N N 30  
ARG NE  HE   sing N N 31  
ARG CZ  NH1  sing N N 32  
ARG CZ  NH2  doub N N 33  
ARG NH1 HH11 sing N N 34  
ARG NH1 HH12 sing N N 35  
ARG NH2 HH21 sing N N 36  
ARG NH2 HH22 sing N N 37  
ARG OXT HXT  sing N N 38  
ASN N   CA   sing N N 39  
ASN N   H    sing N N 40  
ASN N   H2   sing N N 41  
ASN CA  C    sing N N 42  
ASN CA  CB   sing N N 43  
ASN CA  HA   sing N N 44  
ASN C   O    doub N N 45  
ASN C   OXT  sing N N 46  
ASN CB  CG   sing N N 47  
ASN CB  HB2  sing N N 48  
ASN CB  HB3  sing N N 49  
ASN CG  OD1  doub N N 50  
ASN CG  ND2  sing N N 51  
ASN ND2 HD21 sing N N 52  
ASN ND2 HD22 sing N N 53  
ASN OXT HXT  sing N N 54  
ASP N   CA   sing N N 55  
ASP N   H    sing N N 56  
ASP N   H2   sing N N 57  
ASP CA  C    sing N N 58  
ASP CA  CB   sing N N 59  
ASP CA  HA   sing N N 60  
ASP C   O    doub N N 61  
ASP C   OXT  sing N N 62  
ASP CB  CG   sing N N 63  
ASP CB  HB2  sing N N 64  
ASP CB  HB3  sing N N 65  
ASP CG  OD1  doub N N 66  
ASP CG  OD2  sing N N 67  
ASP OD2 HD2  sing N N 68  
ASP OXT HXT  sing N N 69  
CYS N   CA   sing N N 70  
CYS N   H    sing N N 71  
CYS N   H2   sing N N 72  
CYS CA  C    sing N N 73  
CYS CA  CB   sing N N 74  
CYS CA  HA   sing N N 75  
CYS C   O    doub N N 76  
CYS C   OXT  sing N N 77  
CYS CB  SG   sing N N 78  
CYS CB  HB2  sing N N 79  
CYS CB  HB3  sing N N 80  
CYS SG  HG   sing N N 81  
CYS OXT HXT  sing N N 82  
GLN N   CA   sing N N 83  
GLN N   H    sing N N 84  
GLN N   H2   sing N N 85  
GLN CA  C    sing N N 86  
GLN CA  CB   sing N N 87  
GLN CA  HA   sing N N 88  
GLN C   O    doub N N 89  
GLN C   OXT  sing N N 90  
GLN CB  CG   sing N N 91  
GLN CB  HB2  sing N N 92  
GLN CB  HB3  sing N N 93  
GLN CG  CD   sing N N 94  
GLN CG  HG2  sing N N 95  
GLN CG  HG3  sing N N 96  
GLN CD  OE1  doub N N 97  
GLN CD  NE2  sing N N 98  
GLN NE2 HE21 sing N N 99  
GLN NE2 HE22 sing N N 100 
GLN OXT HXT  sing N N 101 
GLU N   CA   sing N N 102 
GLU N   H    sing N N 103 
GLU N   H2   sing N N 104 
GLU CA  C    sing N N 105 
GLU CA  CB   sing N N 106 
GLU CA  HA   sing N N 107 
GLU C   O    doub N N 108 
GLU C   OXT  sing N N 109 
GLU CB  CG   sing N N 110 
GLU CB  HB2  sing N N 111 
GLU CB  HB3  sing N N 112 
GLU CG  CD   sing N N 113 
GLU CG  HG2  sing N N 114 
GLU CG  HG3  sing N N 115 
GLU CD  OE1  doub N N 116 
GLU CD  OE2  sing N N 117 
GLU OE2 HE2  sing N N 118 
GLU OXT HXT  sing N N 119 
GLY N   CA   sing N N 120 
GLY N   H    sing N N 121 
GLY N   H2   sing N N 122 
GLY CA  C    sing N N 123 
GLY CA  HA2  sing N N 124 
GLY CA  HA3  sing N N 125 
GLY C   O    doub N N 126 
GLY C   OXT  sing N N 127 
GLY OXT HXT  sing N N 128 
HIS N   CA   sing N N 129 
HIS N   H    sing N N 130 
HIS N   H2   sing N N 131 
HIS CA  C    sing N N 132 
HIS CA  CB   sing N N 133 
HIS CA  HA   sing N N 134 
HIS C   O    doub N N 135 
HIS C   OXT  sing N N 136 
HIS CB  CG   sing N N 137 
HIS CB  HB2  sing N N 138 
HIS CB  HB3  sing N N 139 
HIS CG  ND1  sing Y N 140 
HIS CG  CD2  doub Y N 141 
HIS ND1 CE1  doub Y N 142 
HIS ND1 HD1  sing N N 143 
HIS CD2 NE2  sing Y N 144 
HIS CD2 HD2  sing N N 145 
HIS CE1 NE2  sing Y N 146 
HIS CE1 HE1  sing N N 147 
HIS NE2 HE2  sing N N 148 
HIS OXT HXT  sing N N 149 
HOH O   H1   sing N N 150 
HOH O   H2   sing N N 151 
ILE N   CA   sing N N 152 
ILE N   H    sing N N 153 
ILE N   H2   sing N N 154 
ILE CA  C    sing N N 155 
ILE CA  CB   sing N N 156 
ILE CA  HA   sing N N 157 
ILE C   O    doub N N 158 
ILE C   OXT  sing N N 159 
ILE CB  CG1  sing N N 160 
ILE CB  CG2  sing N N 161 
ILE CB  HB   sing N N 162 
ILE CG1 CD1  sing N N 163 
ILE CG1 HG12 sing N N 164 
ILE CG1 HG13 sing N N 165 
ILE CG2 HG21 sing N N 166 
ILE CG2 HG22 sing N N 167 
ILE CG2 HG23 sing N N 168 
ILE CD1 HD11 sing N N 169 
ILE CD1 HD12 sing N N 170 
ILE CD1 HD13 sing N N 171 
ILE OXT HXT  sing N N 172 
LEU N   CA   sing N N 173 
LEU N   H    sing N N 174 
LEU N   H2   sing N N 175 
LEU CA  C    sing N N 176 
LEU CA  CB   sing N N 177 
LEU CA  HA   sing N N 178 
LEU C   O    doub N N 179 
LEU C   OXT  sing N N 180 
LEU CB  CG   sing N N 181 
LEU CB  HB2  sing N N 182 
LEU CB  HB3  sing N N 183 
LEU CG  CD1  sing N N 184 
LEU CG  CD2  sing N N 185 
LEU CG  HG   sing N N 186 
LEU CD1 HD11 sing N N 187 
LEU CD1 HD12 sing N N 188 
LEU CD1 HD13 sing N N 189 
LEU CD2 HD21 sing N N 190 
LEU CD2 HD22 sing N N 191 
LEU CD2 HD23 sing N N 192 
LEU OXT HXT  sing N N 193 
LYS N   CA   sing N N 194 
LYS N   H    sing N N 195 
LYS N   H2   sing N N 196 
LYS CA  C    sing N N 197 
LYS CA  CB   sing N N 198 
LYS CA  HA   sing N N 199 
LYS C   O    doub N N 200 
LYS C   OXT  sing N N 201 
LYS CB  CG   sing N N 202 
LYS CB  HB2  sing N N 203 
LYS CB  HB3  sing N N 204 
LYS CG  CD   sing N N 205 
LYS CG  HG2  sing N N 206 
LYS CG  HG3  sing N N 207 
LYS CD  CE   sing N N 208 
LYS CD  HD2  sing N N 209 
LYS CD  HD3  sing N N 210 
LYS CE  NZ   sing N N 211 
LYS CE  HE2  sing N N 212 
LYS CE  HE3  sing N N 213 
LYS NZ  HZ1  sing N N 214 
LYS NZ  HZ2  sing N N 215 
LYS NZ  HZ3  sing N N 216 
LYS OXT HXT  sing N N 217 
MET N   CA   sing N N 218 
MET N   H    sing N N 219 
MET N   H2   sing N N 220 
MET CA  C    sing N N 221 
MET CA  CB   sing N N 222 
MET CA  HA   sing N N 223 
MET C   O    doub N N 224 
MET C   OXT  sing N N 225 
MET CB  CG   sing N N 226 
MET CB  HB2  sing N N 227 
MET CB  HB3  sing N N 228 
MET CG  SD   sing N N 229 
MET CG  HG2  sing N N 230 
MET CG  HG3  sing N N 231 
MET SD  CE   sing N N 232 
MET CE  HE1  sing N N 233 
MET CE  HE2  sing N N 234 
MET CE  HE3  sing N N 235 
MET OXT HXT  sing N N 236 
PHE N   CA   sing N N 237 
PHE N   H    sing N N 238 
PHE N   H2   sing N N 239 
PHE CA  C    sing N N 240 
PHE CA  CB   sing N N 241 
PHE CA  HA   sing N N 242 
PHE C   O    doub N N 243 
PHE C   OXT  sing N N 244 
PHE CB  CG   sing N N 245 
PHE CB  HB2  sing N N 246 
PHE CB  HB3  sing N N 247 
PHE CG  CD1  doub Y N 248 
PHE CG  CD2  sing Y N 249 
PHE CD1 CE1  sing Y N 250 
PHE CD1 HD1  sing N N 251 
PHE CD2 CE2  doub Y N 252 
PHE CD2 HD2  sing N N 253 
PHE CE1 CZ   doub Y N 254 
PHE CE1 HE1  sing N N 255 
PHE CE2 CZ   sing Y N 256 
PHE CE2 HE2  sing N N 257 
PHE CZ  HZ   sing N N 258 
PHE OXT HXT  sing N N 259 
PRO N   CA   sing N N 260 
PRO N   CD   sing N N 261 
PRO N   H    sing N N 262 
PRO CA  C    sing N N 263 
PRO CA  CB   sing N N 264 
PRO CA  HA   sing N N 265 
PRO C   O    doub N N 266 
PRO C   OXT  sing N N 267 
PRO CB  CG   sing N N 268 
PRO CB  HB2  sing N N 269 
PRO CB  HB3  sing N N 270 
PRO CG  CD   sing N N 271 
PRO CG  HG2  sing N N 272 
PRO CG  HG3  sing N N 273 
PRO CD  HD2  sing N N 274 
PRO CD  HD3  sing N N 275 
PRO OXT HXT  sing N N 276 
SER N   CA   sing N N 277 
SER N   H    sing N N 278 
SER N   H2   sing N N 279 
SER CA  C    sing N N 280 
SER CA  CB   sing N N 281 
SER CA  HA   sing N N 282 
SER C   O    doub N N 283 
SER C   OXT  sing N N 284 
SER CB  OG   sing N N 285 
SER CB  HB2  sing N N 286 
SER CB  HB3  sing N N 287 
SER OG  HG   sing N N 288 
SER OXT HXT  sing N N 289 
SNN N1  C    sing N N 290 
SNN N1  C5   sing N N 291 
SNN N1  HN   sing N N 292 
SNN C   CA   sing N N 293 
SNN C   O    doub N N 294 
SNN CA  N    sing N N 295 
SNN CA  C4   sing N N 296 
SNN CA  HA   sing N N 297 
SNN N   H    sing N N 298 
SNN N   H2   sing N N 299 
SNN C4  C5   sing N N 300 
SNN C4  H41  sing N N 301 
SNN C4  H42  sing N N 302 
SNN C5  O5   doub N N 303 
SO4 S   O1   doub N N 304 
SO4 S   O2   doub N N 305 
SO4 S   O3   sing N N 306 
SO4 S   O4   sing N N 307 
THR N   CA   sing N N 308 
THR N   H    sing N N 309 
THR N   H2   sing N N 310 
THR CA  C    sing N N 311 
THR CA  CB   sing N N 312 
THR CA  HA   sing N N 313 
THR C   O    doub N N 314 
THR C   OXT  sing N N 315 
THR CB  OG1  sing N N 316 
THR CB  CG2  sing N N 317 
THR CB  HB   sing N N 318 
THR OG1 HG1  sing N N 319 
THR CG2 HG21 sing N N 320 
THR CG2 HG22 sing N N 321 
THR CG2 HG23 sing N N 322 
THR OXT HXT  sing N N 323 
TRP N   CA   sing N N 324 
TRP N   H    sing N N 325 
TRP N   H2   sing N N 326 
TRP CA  C    sing N N 327 
TRP CA  CB   sing N N 328 
TRP CA  HA   sing N N 329 
TRP C   O    doub N N 330 
TRP C   OXT  sing N N 331 
TRP CB  CG   sing N N 332 
TRP CB  HB2  sing N N 333 
TRP CB  HB3  sing N N 334 
TRP CG  CD1  doub Y N 335 
TRP CG  CD2  sing Y N 336 
TRP CD1 NE1  sing Y N 337 
TRP CD1 HD1  sing N N 338 
TRP CD2 CE2  doub Y N 339 
TRP CD2 CE3  sing Y N 340 
TRP NE1 CE2  sing Y N 341 
TRP NE1 HE1  sing N N 342 
TRP CE2 CZ2  sing Y N 343 
TRP CE3 CZ3  doub Y N 344 
TRP CE3 HE3  sing N N 345 
TRP CZ2 CH2  doub Y N 346 
TRP CZ2 HZ2  sing N N 347 
TRP CZ3 CH2  sing Y N 348 
TRP CZ3 HZ3  sing N N 349 
TRP CH2 HH2  sing N N 350 
TRP OXT HXT  sing N N 351 
TYR N   CA   sing N N 352 
TYR N   H    sing N N 353 
TYR N   H2   sing N N 354 
TYR CA  C    sing N N 355 
TYR CA  CB   sing N N 356 
TYR CA  HA   sing N N 357 
TYR C   O    doub N N 358 
TYR C   OXT  sing N N 359 
TYR CB  CG   sing N N 360 
TYR CB  HB2  sing N N 361 
TYR CB  HB3  sing N N 362 
TYR CG  CD1  doub Y N 363 
TYR CG  CD2  sing Y N 364 
TYR CD1 CE1  sing Y N 365 
TYR CD1 HD1  sing N N 366 
TYR CD2 CE2  doub Y N 367 
TYR CD2 HD2  sing N N 368 
TYR CE1 CZ   doub Y N 369 
TYR CE1 HE1  sing N N 370 
TYR CE2 CZ   sing Y N 371 
TYR CE2 HE2  sing N N 372 
TYR CZ  OH   sing N N 373 
TYR OH  HH   sing N N 374 
TYR OXT HXT  sing N N 375 
VAL N   CA   sing N N 376 
VAL N   H    sing N N 377 
VAL N   H2   sing N N 378 
VAL CA  C    sing N N 379 
VAL CA  CB   sing N N 380 
VAL CA  HA   sing N N 381 
VAL C   O    doub N N 382 
VAL C   OXT  sing N N 383 
VAL CB  CG1  sing N N 384 
VAL CB  CG2  sing N N 385 
VAL CB  HB   sing N N 386 
VAL CG1 HG11 sing N N 387 
VAL CG1 HG12 sing N N 388 
VAL CG1 HG13 sing N N 389 
VAL CG2 HG21 sing N N 390 
VAL CG2 HG22 sing N N 391 
VAL CG2 HG23 sing N N 392 
VAL OXT HXT  sing N N 393 
# 
_pdbx_initial_refinement_model.id               1 
_pdbx_initial_refinement_model.entity_id_list   ? 
_pdbx_initial_refinement_model.type             'experimental model' 
_pdbx_initial_refinement_model.source_name      PDB 
_pdbx_initial_refinement_model.accession_code   1ZD7 
_pdbx_initial_refinement_model.details          'PDB ENTRY 1ZD7' 
# 
_atom_sites.entry_id                    3NZM 
_atom_sites.fract_transf_matrix[1][1]   -0.01042191 
_atom_sites.fract_transf_matrix[1][2]   0.00212887 
_atom_sites.fract_transf_matrix[1][3]   -0.02247266 
_atom_sites.fract_transf_matrix[2][1]   -0.01440975 
_atom_sites.fract_transf_matrix[2][2]   -0.01029784 
_atom_sites.fract_transf_matrix[2][3]   0.00570713 
_atom_sites.fract_transf_matrix[3][1]   -0.00697407 
_atom_sites.fract_transf_matrix[3][2]   0.01219133 
_atom_sites.fract_transf_matrix[3][3]   0.00438920 
_atom_sites.fract_transf_vector[1]      0.043981 
_atom_sites.fract_transf_vector[2]      0.018781 
_atom_sites.fract_transf_vector[3]      0.004563 
# 
loop_
_atom_type.symbol 
C 
N 
O 
S 
# 
loop_
_atom_site.group_PDB 
_atom_site.id 
_atom_site.type_symbol 
_atom_site.label_atom_id 
_atom_site.label_alt_id 
_atom_site.label_comp_id 
_atom_site.label_asym_id 
_atom_site.label_entity_id 
_atom_site.label_seq_id 
_atom_site.pdbx_PDB_ins_code 
_atom_site.Cartn_x 
_atom_site.Cartn_y 
_atom_site.Cartn_z 
_atom_site.occupancy 
_atom_site.B_iso_or_equiv 
_atom_site.pdbx_formal_charge 
_atom_site.auth_seq_id 
_atom_site.auth_comp_id 
_atom_site.auth_asym_id 
_atom_site.auth_atom_id 
_atom_site.pdbx_PDB_model_num 
ATOM   1    N N   . PRO A 1 5   ? -8.065  -19.967 -2.383  1.00 30.50 ? -5  PRO A N   1 
ATOM   2    C CA  . PRO A 1 5   ? -8.831  -19.192 -3.384  1.00 29.55 ? -5  PRO A CA  1 
ATOM   3    C C   . PRO A 1 5   ? -8.015  -18.047 -3.976  1.00 28.17 ? -5  PRO A C   1 
ATOM   4    O O   . PRO A 1 5   ? -7.002  -17.627 -3.412  1.00 27.21 ? -5  PRO A O   1 
ATOM   5    C CB  . PRO A 1 5   ? -10.068 -18.659 -2.677  1.00 30.83 ? -5  PRO A CB  1 
ATOM   6    C CG  . PRO A 1 5   ? -9.573  -18.569 -1.246  1.00 31.38 ? -5  PRO A CG  1 
ATOM   7    C CD  . PRO A 1 5   ? -8.699  -19.825 -1.060  1.00 32.01 ? -5  PRO A CD  1 
ATOM   8    N N   . PHE A 1 6   ? -8.469  -17.552 -5.120  1.00 25.96 ? -4  PHE A N   1 
ATOM   9    C CA  . PHE A 1 6   ? -7.800  -16.457 -5.811  1.00 23.88 ? -4  PHE A CA  1 
ATOM   10   C C   . PHE A 1 6   ? -7.983  -15.162 -5.025  1.00 21.79 ? -4  PHE A C   1 
ATOM   11   O O   . PHE A 1 6   ? -9.099  -14.820 -4.640  1.00 21.23 ? -4  PHE A O   1 
ATOM   12   C CB  . PHE A 1 6   ? -8.399  -16.294 -7.209  1.00 25.29 ? -4  PHE A CB  1 
ATOM   13   C CG  . PHE A 1 6   ? -7.667  -15.312 -8.079  1.00 25.08 ? -4  PHE A CG  1 
ATOM   14   C CD1 . PHE A 1 6   ? -6.543  -15.704 -8.798  1.00 26.84 ? -4  PHE A CD1 1 
ATOM   15   C CD2 . PHE A 1 6   ? -8.099  -13.993 -8.177  1.00 26.25 ? -4  PHE A CD2 1 
ATOM   16   C CE1 . PHE A 1 6   ? -5.861  -14.797 -9.607  1.00 26.64 ? -4  PHE A CE1 1 
ATOM   17   C CE2 . PHE A 1 6   ? -7.423  -13.078 -8.982  1.00 25.68 ? -4  PHE A CE2 1 
ATOM   18   C CZ  . PHE A 1 6   ? -6.302  -13.481 -9.698  1.00 26.61 ? -4  PHE A CZ  1 
ATOM   19   N N   . CYS A 1 7   ? -6.887  -14.452 -4.778  1.00 17.69 ? -3  CYS A N   1 
ATOM   20   C CA  . CYS A 1 7   ? -6.951  -13.187 -4.051  1.00 15.87 ? -3  CYS A CA  1 
ATOM   21   C C   . CYS A 1 7   ? -6.867  -12.017 -5.026  1.00 14.80 ? -3  CYS A C   1 
ATOM   22   O O   . CYS A 1 7   ? -5.846  -11.814 -5.679  1.00 15.17 ? -3  CYS A O   1 
ATOM   23   C CB  . CYS A 1 7   ? -5.805  -13.079 -3.039  1.00 13.92 ? -3  CYS A CB  1 
ATOM   24   S SG  . CYS A 1 7   ? -5.745  -11.460 -2.204  1.00 14.34 ? -3  CYS A SG  1 
ATOM   25   N N   . PRO A 1 8   ? -7.947  -11.229 -5.136  1.00 12.58 ? -2  PRO A N   1 
ATOM   26   C CA  . PRO A 1 8   ? -7.958  -10.083 -6.047  1.00 12.97 ? -2  PRO A CA  1 
ATOM   27   C C   . PRO A 1 8   ? -6.891  -9.048  -5.712  1.00 12.35 ? -2  PRO A C   1 
ATOM   28   O O   . PRO A 1 8   ? -6.164  -8.582  -6.592  1.00 13.64 ? -2  PRO A O   1 
ATOM   29   C CB  . PRO A 1 8   ? -9.367  -9.520  -5.877  1.00 13.39 ? -2  PRO A CB  1 
ATOM   30   C CG  . PRO A 1 8   ? -10.178 -10.743 -5.553  1.00 14.23 ? -2  PRO A CG  1 
ATOM   31   C CD  . PRO A 1 8   ? -9.284  -11.453 -4.558  1.00 13.54 ? -2  PRO A CD  1 
ATOM   32   N N   . GLY A 1 9   ? -6.797  -8.701  -4.434  1.00 11.53 ? -1  GLY A N   1 
ATOM   33   C CA  . GLY A 1 9   ? -5.834  -7.699  -4.018  1.00 12.13 ? -1  GLY A CA  1 
ATOM   34   C C   . GLY A 1 9   ? -4.867  -8.164  -2.954  1.00 11.21 ? -1  GLY A C   1 
ATOM   35   O O   . GLY A 1 9   ? -5.092  -7.966  -1.757  1.00 10.82 ? -1  GLY A O   1 
ATOM   36   N N   . CYS A 1 10  ? -3.779  -8.789  -3.389  1.00 10.41 ? 1   CYS A N   1 
ATOM   37   C CA  . CYS A 1 10  ? -2.768  -9.264  -2.456  1.00 8.33  ? 1   CYS A CA  1 
ATOM   38   C C   . CYS A 1 10  ? -1.392  -8.747  -2.856  1.00 8.78  ? 1   CYS A C   1 
ATOM   39   O O   . CYS A 1 10  ? -1.171  -8.362  -4.003  1.00 10.55 ? 1   CYS A O   1 
ATOM   40   C CB  . CYS A 1 10  ? -2.775  -10.793 -2.388  1.00 9.43  ? 1   CYS A CB  1 
ATOM   41   S SG  . CYS A 1 10  ? -3.980  -11.481 -1.200  1.00 13.38 ? 1   CYS A SG  1 
ATOM   42   N N   . LEU A 1 11  ? -0.471  -8.749  -1.897  1.00 9.93  ? 2   LEU A N   1 
ATOM   43   C CA  . LEU A 1 11  ? 0.877   -8.239  -2.109  1.00 10.53 ? 2   LEU A CA  1 
ATOM   44   C C   . LEU A 1 11  ? 1.951   -9.295  -1.898  1.00 10.96 ? 2   LEU A C   1 
ATOM   45   O O   . LEU A 1 11  ? 1.742   -10.275 -1.192  1.00 11.25 ? 2   LEU A O   1 
ATOM   46   C CB  . LEU A 1 11  ? 1.129   -7.076  -1.148  1.00 10.07 ? 2   LEU A CB  1 
ATOM   47   C CG  . LEU A 1 11  ? 0.178   -5.882  -1.261  1.00 11.27 ? 2   LEU A CG  1 
ATOM   48   C CD1 . LEU A 1 11  ? 0.349   -4.963  -0.057  1.00 12.00 ? 2   LEU A CD1 1 
ATOM   49   C CD2 . LEU A 1 11  ? 0.456   -5.142  -2.563  1.00 11.86 ? 2   LEU A CD2 1 
ATOM   50   N N   . SER A 1 12  ? 3.112   -9.074  -2.507  1.00 10.74 ? 3   SER A N   1 
ATOM   51   C CA  . SER A 1 12  ? 4.234   -9.993  -2.382  1.00 11.43 ? 3   SER A CA  1 
ATOM   52   C C   . SER A 1 12  ? 4.749   -9.974  -0.948  1.00 12.22 ? 3   SER A C   1 
ATOM   53   O O   . SER A 1 12  ? 4.517   -9.026  -0.201  1.00 11.00 ? 3   SER A O   1 
ATOM   54   C CB  . SER A 1 12  ? 5.367   -9.575  -3.322  1.00 10.70 ? 3   SER A CB  1 
ATOM   55   O OG  . SER A 1 12  ? 5.961   -8.364  -2.889  1.00 12.67 ? 3   SER A OG  1 
ATOM   56   N N   . PHE A 1 13  ? 5.460   -11.030 -0.578  1.00 11.07 ? 4   PHE A N   1 
ATOM   57   C CA  . PHE A 1 13  ? 6.019   -11.154 0.759   1.00 11.25 ? 4   PHE A CA  1 
ATOM   58   C C   . PHE A 1 13  ? 6.857   -9.928  1.133   1.00 11.45 ? 4   PHE A C   1 
ATOM   59   O O   . PHE A 1 13  ? 6.687   -9.350  2.206   1.00 11.87 ? 4   PHE A O   1 
ATOM   60   C CB  . PHE A 1 13  ? 6.897   -12.409 0.827   1.00 10.80 ? 4   PHE A CB  1 
ATOM   61   C CG  . PHE A 1 13  ? 7.365   -12.748 2.210   1.00 11.21 ? 4   PHE A CG  1 
ATOM   62   C CD1 . PHE A 1 13  ? 6.827   -13.839 2.886   1.00 11.47 ? 4   PHE A CD1 1 
ATOM   63   C CD2 . PHE A 1 13  ? 8.325   -11.967 2.849   1.00 13.25 ? 4   PHE A CD2 1 
ATOM   64   C CE1 . PHE A 1 13  ? 7.238   -14.146 4.178   1.00 12.72 ? 4   PHE A CE1 1 
ATOM   65   C CE2 . PHE A 1 13  ? 8.742   -12.267 4.141   1.00 12.15 ? 4   PHE A CE2 1 
ATOM   66   C CZ  . PHE A 1 13  ? 8.198   -13.358 4.806   1.00 13.70 ? 4   PHE A CZ  1 
ATOM   67   N N   . GLY A 1 14  ? 7.744   -9.529  0.226   1.00 12.45 ? 5   GLY A N   1 
ATOM   68   C CA  . GLY A 1 14  ? 8.636   -8.410  0.478   1.00 12.22 ? 5   GLY A CA  1 
ATOM   69   C C   . GLY A 1 14  ? 8.076   -7.000  0.417   1.00 11.85 ? 5   GLY A C   1 
ATOM   70   O O   . GLY A 1 14  ? 8.795   -6.047  0.717   1.00 11.79 ? 5   GLY A O   1 
ATOM   71   N N   . THR A 1 15  ? 6.816   -6.850  0.023   1.00 11.33 ? 6   THR A N   1 
ATOM   72   C CA  . THR A 1 15  ? 6.204   -5.525  -0.051  1.00 10.06 ? 6   THR A CA  1 
ATOM   73   C C   . THR A 1 15  ? 6.232   -4.895  1.334   1.00 9.85  ? 6   THR A C   1 
ATOM   74   O O   . THR A 1 15  ? 5.629   -5.413  2.272   1.00 9.69  ? 6   THR A O   1 
ATOM   75   C CB  . THR A 1 15  ? 4.751   -5.614  -0.554  1.00 11.79 ? 6   THR A CB  1 
ATOM   76   O OG1 . THR A 1 15  ? 4.757   -6.047  -1.919  1.00 13.73 ? 6   THR A OG1 1 
ATOM   77   C CG2 . THR A 1 15  ? 4.065   -4.249  -0.477  1.00 10.72 ? 6   THR A CG2 1 
ATOM   78   N N   . GLU A 1 16  ? 6.927   -3.768  1.456   1.00 10.34 ? 7   GLU A N   1 
ATOM   79   C CA  . GLU A 1 16  ? 7.045   -3.097  2.741   1.00 11.24 ? 7   GLU A CA  1 
ATOM   80   C C   . GLU A 1 16  ? 5.919   -2.135  3.077   1.00 10.79 ? 7   GLU A C   1 
ATOM   81   O O   . GLU A 1 16  ? 5.608   -1.221  2.311   1.00 11.53 ? 7   GLU A O   1 
ATOM   82   C CB  . GLU A 1 16  ? 8.368   -2.335  2.827   1.00 13.68 ? 7   GLU A CB  1 
ATOM   83   C CG  . GLU A 1 16  ? 9.609   -3.187  2.640   1.00 16.79 ? 7   GLU A CG  1 
ATOM   84   C CD  . GLU A 1 16  ? 10.878  -2.387  2.868   1.00 22.11 ? 7   GLU A CD  1 
ATOM   85   O OE1 . GLU A 1 16  ? 10.978  -1.270  2.315   1.00 23.12 ? 7   GLU A OE1 1 
ATOM   86   O OE2 . GLU A 1 16  ? 11.775  -2.872  3.592   1.00 24.79 ? 7   GLU A OE2 1 
ATOM   87   N N   . ILE A 1 17  ? 5.313   -2.356  4.239   1.00 10.10 ? 8   ILE A N   1 
ATOM   88   C CA  . ILE A 1 17  ? 4.249   -1.500  4.739   1.00 8.99  ? 8   ILE A CA  1 
ATOM   89   C C   . ILE A 1 17  ? 4.932   -0.549  5.714   1.00 10.14 ? 8   ILE A C   1 
ATOM   90   O O   . ILE A 1 17  ? 5.817   -0.962  6.465   1.00 9.54  ? 8   ILE A O   1 
ATOM   91   C CB  . ILE A 1 17  ? 3.179   -2.324  5.488   1.00 10.01 ? 8   ILE A CB  1 
ATOM   92   C CG1 . ILE A 1 17  ? 2.432   -3.220  4.493   1.00 11.25 ? 8   ILE A CG1 1 
ATOM   93   C CG2 . ILE A 1 17  ? 2.218   -1.395  6.222   1.00 10.56 ? 8   ILE A CG2 1 
ATOM   94   C CD1 . ILE A 1 17  ? 1.385   -4.107  5.130   1.00 12.49 ? 8   ILE A CD1 1 
ATOM   95   N N   . LEU A 1 18  ? 4.553   0.726   5.696   1.00 10.21 ? 9   LEU A N   1 
ATOM   96   C CA  . LEU A 1 18  ? 5.165   1.681   6.612   1.00 11.65 ? 9   LEU A CA  1 
ATOM   97   C C   . LEU A 1 18  ? 4.436   1.616   7.950   1.00 11.20 ? 9   LEU A C   1 
ATOM   98   O O   . LEU A 1 18  ? 3.467   2.343   8.170   1.00 12.02 ? 9   LEU A O   1 
ATOM   99   C CB  . LEU A 1 18  ? 5.086   3.099   6.036   1.00 12.57 ? 9   LEU A CB  1 
ATOM   100  C CG  . LEU A 1 18  ? 5.963   4.162   6.701   1.00 14.63 ? 9   LEU A CG  1 
ATOM   101  C CD1 . LEU A 1 18  ? 7.424   3.750   6.629   1.00 15.01 ? 9   LEU A CD1 1 
ATOM   102  C CD2 . LEU A 1 18  ? 5.748   5.498   5.996   1.00 14.84 ? 9   LEU A CD2 1 
ATOM   103  N N   . THR A 1 19  ? 4.894   0.743   8.847   1.00 10.75 ? 10  THR A N   1 
ATOM   104  C CA  . THR A 1 19  ? 4.235   0.613   10.142  1.00 10.54 ? 10  THR A CA  1 
ATOM   105  C C   . THR A 1 19  ? 4.620   1.760   11.071  1.00 10.82 ? 10  THR A C   1 
ATOM   106  O O   . THR A 1 19  ? 5.736   2.287   11.014  1.00 11.09 ? 10  THR A O   1 
ATOM   107  C CB  . THR A 1 19  ? 4.571   -0.733  10.840  1.00 11.77 ? 10  THR A CB  1 
ATOM   108  O OG1 . THR A 1 19  ? 5.896   -0.683  11.382  1.00 10.76 ? 10  THR A OG1 1 
ATOM   109  C CG2 . THR A 1 19  ? 4.473   -1.887  9.851   1.00 9.88  ? 10  THR A CG2 1 
ATOM   110  N N   . VAL A 1 20  ? 3.686   2.139   11.931  1.00 11.82 ? 11  VAL A N   1 
ATOM   111  C CA  . VAL A 1 20  ? 3.905   3.232   12.864  1.00 12.10 ? 11  VAL A CA  1 
ATOM   112  C C   . VAL A 1 20  ? 4.982   2.917   13.899  1.00 11.56 ? 11  VAL A C   1 
ATOM   113  O O   . VAL A 1 20  ? 5.932   3.676   14.073  1.00 11.75 ? 11  VAL A O   1 
ATOM   114  C CB  . VAL A 1 20  ? 2.593   3.595   13.603  1.00 11.64 ? 11  VAL A CB  1 
ATOM   115  C CG1 . VAL A 1 20  ? 2.846   4.711   14.603  1.00 13.49 ? 11  VAL A CG1 1 
ATOM   116  C CG2 . VAL A 1 20  ? 1.532   4.023   12.597  1.00 13.25 ? 11  VAL A CG2 1 
ATOM   117  N N   . GLU A 1 21  ? 4.835   1.784   14.572  1.00 11.67 ? 12  GLU A N   1 
ATOM   118  C CA  . GLU A 1 21  ? 5.772   1.388   15.618  1.00 12.50 ? 12  GLU A CA  1 
ATOM   119  C C   . GLU A 1 21  ? 7.145   0.896   15.177  1.00 12.46 ? 12  GLU A C   1 
ATOM   120  O O   . GLU A 1 21  ? 8.143   1.145   15.862  1.00 12.70 ? 12  GLU A O   1 
ATOM   121  C CB  . GLU A 1 21  ? 5.144   0.302   16.500  1.00 13.54 ? 12  GLU A CB  1 
ATOM   122  C CG  . GLU A 1 21  ? 3.872   0.724   17.205  1.00 14.57 ? 12  GLU A CG  1 
ATOM   123  C CD  . GLU A 1 21  ? 2.621   0.355   16.438  1.00 16.40 ? 12  GLU A CD  1 
ATOM   124  O OE1 . GLU A 1 21  ? 2.684   0.247   15.195  1.00 14.09 ? 12  GLU A OE1 1 
ATOM   125  O OE2 . GLU A 1 21  ? 1.567   0.187   17.084  1.00 20.36 ? 12  GLU A OE2 1 
ATOM   126  N N   . TYR A 1 22  ? 7.206   0.213   14.039  1.00 12.49 ? 13  TYR A N   1 
ATOM   127  C CA  . TYR A 1 22  ? 8.467   -0.368  13.592  1.00 12.02 ? 13  TYR A CA  1 
ATOM   128  C C   . TYR A 1 22  ? 9.041   0.118   12.271  1.00 13.06 ? 13  TYR A C   1 
ATOM   129  O O   . TYR A 1 22  ? 10.097  -0.350  11.855  1.00 12.80 ? 13  TYR A O   1 
ATOM   130  C CB  . TYR A 1 22  ? 8.319   -1.889  13.529  1.00 12.70 ? 13  TYR A CB  1 
ATOM   131  C CG  . TYR A 1 22  ? 7.651   -2.484  14.745  1.00 13.80 ? 13  TYR A CG  1 
ATOM   132  C CD1 . TYR A 1 22  ? 6.372   -3.038  14.660  1.00 13.50 ? 13  TYR A CD1 1 
ATOM   133  C CD2 . TYR A 1 22  ? 8.290   -2.483  15.985  1.00 14.96 ? 13  TYR A CD2 1 
ATOM   134  C CE1 . TYR A 1 22  ? 5.745   -3.573  15.781  1.00 14.40 ? 13  TYR A CE1 1 
ATOM   135  C CE2 . TYR A 1 22  ? 7.673   -3.019  17.110  1.00 15.20 ? 13  TYR A CE2 1 
ATOM   136  C CZ  . TYR A 1 22  ? 6.401   -3.561  17.004  1.00 15.10 ? 13  TYR A CZ  1 
ATOM   137  O OH  . TYR A 1 22  ? 5.791   -4.089  18.117  1.00 16.19 ? 13  TYR A OH  1 
ATOM   138  N N   . GLY A 1 23  ? 8.358   1.046   11.613  1.00 11.37 ? 14  GLY A N   1 
ATOM   139  C CA  . GLY A 1 23  ? 8.850   1.530   10.337  1.00 11.46 ? 14  GLY A CA  1 
ATOM   140  C C   . GLY A 1 23  ? 8.556   0.533   9.227   1.00 11.74 ? 14  GLY A C   1 
ATOM   141  O O   . GLY A 1 23  ? 7.688   -0.329  9.382   1.00 9.77  ? 14  GLY A O   1 
ATOM   142  N N   . PRO A 1 24  ? 9.261   0.617   8.091   1.00 11.37 ? 15  PRO A N   1 
ATOM   143  C CA  . PRO A 1 24  ? 9.045   -0.302  6.967   1.00 11.63 ? 15  PRO A CA  1 
ATOM   144  C C   . PRO A 1 24  ? 9.233   -1.768  7.356   1.00 10.69 ? 15  PRO A C   1 
ATOM   145  O O   . PRO A 1 24  ? 10.277  -2.135  7.888   1.00 11.88 ? 15  PRO A O   1 
ATOM   146  C CB  . PRO A 1 24  ? 10.103  0.133   5.951   1.00 11.98 ? 15  PRO A CB  1 
ATOM   147  C CG  . PRO A 1 24  ? 10.323  1.571   6.271   1.00 13.64 ? 15  PRO A CG  1 
ATOM   148  C CD  . PRO A 1 24  ? 10.330  1.581   7.779   1.00 12.73 ? 15  PRO A CD  1 
ATOM   149  N N   . LEU A 1 25  ? 8.222   -2.594  7.096   1.00 10.13 ? 16  LEU A N   1 
ATOM   150  C CA  . LEU A 1 25  ? 8.295   -4.028  7.383   1.00 11.11 ? 16  LEU A CA  1 
ATOM   151  C C   . LEU A 1 25  ? 7.596   -4.796  6.272   1.00 11.65 ? 16  LEU A C   1 
ATOM   152  O O   . LEU A 1 25  ? 6.517   -4.405  5.832   1.00 10.63 ? 16  LEU A O   1 
ATOM   153  C CB  . LEU A 1 25  ? 7.606   -4.376  8.706   1.00 12.94 ? 16  LEU A CB  1 
ATOM   154  C CG  . LEU A 1 25  ? 8.288   -4.079  10.040  1.00 14.48 ? 16  LEU A CG  1 
ATOM   155  C CD1 . LEU A 1 25  ? 7.406   -4.620  11.154  1.00 13.25 ? 16  LEU A CD1 1 
ATOM   156  C CD2 . LEU A 1 25  ? 9.665   -4.727  10.095  1.00 14.96 ? 16  LEU A CD2 1 
ATOM   157  N N   . PRO A 1 26  ? 8.201   -5.900  5.803   1.00 11.27 ? 17  PRO A N   1 
ATOM   158  C CA  . PRO A 1 26  ? 7.561   -6.677  4.739   1.00 12.24 ? 17  PRO A CA  1 
ATOM   159  C C   . PRO A 1 26  ? 6.247   -7.269  5.232   1.00 11.33 ? 17  PRO A C   1 
ATOM   160  O O   . PRO A 1 26  ? 6.152   -7.770  6.356   1.00 10.89 ? 17  PRO A O   1 
ATOM   161  C CB  . PRO A 1 26  ? 8.604   -7.746  4.409   1.00 14.13 ? 17  PRO A CB  1 
ATOM   162  C CG  . PRO A 1 26  ? 9.370   -7.894  5.692   1.00 16.92 ? 17  PRO A CG  1 
ATOM   163  C CD  . PRO A 1 26  ? 9.509   -6.471  6.160   1.00 14.40 ? 17  PRO A CD  1 
ATOM   164  N N   . ILE A 1 27  ? 5.225   -7.197  4.394   1.00 10.05 ? 18  ILE A N   1 
ATOM   165  C CA  . ILE A 1 27  ? 3.930   -7.720  4.791   1.00 9.93  ? 18  ILE A CA  1 
ATOM   166  C C   . ILE A 1 27  ? 4.003   -9.215  5.088   1.00 9.41  ? 18  ILE A C   1 
ATOM   167  O O   . ILE A 1 27  ? 3.251   -9.721  5.920   1.00 9.12  ? 18  ILE A O   1 
ATOM   168  C CB  . ILE A 1 27  ? 2.858   -7.425  3.717   1.00 8.97  ? 18  ILE A CB  1 
ATOM   169  C CG1 . ILE A 1 27  ? 1.479   -7.839  4.236   1.00 8.56  ? 18  ILE A CG1 1 
ATOM   170  C CG2 . ILE A 1 27  ? 3.204   -8.124  2.415   1.00 10.47 ? 18  ILE A CG2 1 
ATOM   171  C CD1 . ILE A 1 27  ? 0.337   -7.401  3.340   1.00 11.52 ? 18  ILE A CD1 1 
ATOM   172  N N   . GLY A 1 28  ? 4.924   -9.914  4.427   1.00 11.10 ? 19  GLY A N   1 
ATOM   173  C CA  . GLY A 1 28  ? 5.079   -11.338 4.658   1.00 10.78 ? 19  GLY A CA  1 
ATOM   174  C C   . GLY A 1 28  ? 5.482   -11.623 6.096   1.00 10.65 ? 19  GLY A C   1 
ATOM   175  O O   . GLY A 1 28  ? 5.045   -12.606 6.692   1.00 12.72 ? 19  GLY A O   1 
ATOM   176  N N   . LYS A 1 29  ? 6.322   -10.757 6.652   1.00 12.00 ? 20  LYS A N   1 
ATOM   177  C CA  . LYS A 1 29  ? 6.780   -10.910 8.032   1.00 12.61 ? 20  LYS A CA  1 
ATOM   178  C C   . LYS A 1 29  ? 5.651   -10.565 8.999   1.00 11.53 ? 20  LYS A C   1 
ATOM   179  O O   . LYS A 1 29  ? 5.405   -11.281 9.975   1.00 12.06 ? 20  LYS A O   1 
ATOM   180  C CB  . LYS A 1 29  ? 7.985   -9.999  8.287   1.00 12.90 ? 20  LYS A CB  1 
ATOM   181  C CG  . LYS A 1 29  ? 8.526   -10.055 9.707   1.00 18.68 ? 20  LYS A CG  1 
ATOM   182  C CD  . LYS A 1 29  ? 9.733   -9.141  9.873   1.00 21.60 ? 20  LYS A CD  1 
ATOM   183  C CE  . LYS A 1 29  ? 10.197  -9.074  11.321  1.00 24.11 ? 20  LYS A CE  1 
ATOM   184  N NZ  . LYS A 1 29  ? 10.589  -10.416 11.847  1.00 27.31 ? 20  LYS A NZ  1 
ATOM   185  N N   . ILE A 1 30  ? 4.970   -9.457  8.726   1.00 10.74 ? 21  ILE A N   1 
ATOM   186  C CA  . ILE A 1 30  ? 3.856   -9.010  9.545   1.00 9.82  ? 21  ILE A CA  1 
ATOM   187  C C   . ILE A 1 30  ? 2.811   -10.122 9.650   1.00 11.06 ? 21  ILE A C   1 
ATOM   188  O O   . ILE A 1 30  ? 2.305   -10.411 10.733  1.00 11.26 ? 21  ILE A O   1 
ATOM   189  C CB  . ILE A 1 30  ? 3.208   -7.731  8.937   1.00 9.98  ? 21  ILE A CB  1 
ATOM   190  C CG1 . ILE A 1 30  ? 4.173   -6.553  9.082   1.00 11.63 ? 21  ILE A CG1 1 
ATOM   191  C CG2 . ILE A 1 30  ? 1.862   -7.439  9.605   1.00 11.10 ? 21  ILE A CG2 1 
ATOM   192  C CD1 . ILE A 1 30  ? 3.777   -5.318  8.294   1.00 10.07 ? 21  ILE A CD1 1 
ATOM   193  N N   . VAL A 1 31  ? 2.507   -10.763 8.525   1.00 11.29 ? 22  VAL A N   1 
ATOM   194  C CA  . VAL A 1 31  ? 1.514   -11.834 8.522   1.00 11.86 ? 22  VAL A CA  1 
ATOM   195  C C   . VAL A 1 31  ? 2.034   -13.133 9.135   1.00 13.20 ? 22  VAL A C   1 
ATOM   196  O O   . VAL A 1 31  ? 1.341   -13.770 9.926   1.00 14.36 ? 22  VAL A O   1 
ATOM   197  C CB  . VAL A 1 31  ? 1.000   -12.116 7.088   1.00 11.37 ? 22  VAL A CB  1 
ATOM   198  C CG1 . VAL A 1 31  ? 0.166   -13.396 7.067   1.00 10.36 ? 22  VAL A CG1 1 
ATOM   199  C CG2 . VAL A 1 31  ? 0.157   -10.945 6.604   1.00 9.35  ? 22  VAL A CG2 1 
ATOM   200  N N   . SER A 1 32  ? 3.255   -13.525 8.782   1.00 13.29 ? 23  SER A N   1 
ATOM   201  C CA  . SER A 1 32  ? 3.831   -14.764 9.302   1.00 14.82 ? 23  SER A CA  1 
ATOM   202  C C   . SER A 1 32  ? 3.920   -14.781 10.822  1.00 16.02 ? 23  SER A C   1 
ATOM   203  O O   . SER A 1 32  ? 3.758   -15.830 11.451  1.00 16.80 ? 23  SER A O   1 
ATOM   204  C CB  . SER A 1 32  ? 5.228   -14.990 8.712   1.00 15.74 ? 23  SER A CB  1 
ATOM   205  O OG  . SER A 1 32  ? 5.161   -15.221 7.317   1.00 18.74 ? 23  SER A OG  1 
ATOM   206  N N   . GLU A 1 33  ? 4.170   -13.617 11.410  1.00 15.78 ? 24  GLU A N   1 
ATOM   207  C CA  . GLU A 1 33  ? 4.296   -13.506 12.860  1.00 16.78 ? 24  GLU A CA  1 
ATOM   208  C C   . GLU A 1 33  ? 3.105   -12.819 13.518  1.00 16.05 ? 24  GLU A C   1 
ATOM   209  O O   . GLU A 1 33  ? 3.126   -12.565 14.724  1.00 16.58 ? 24  GLU A O   1 
ATOM   210  C CB  . GLU A 1 33  ? 5.571   -12.735 13.199  1.00 18.59 ? 24  GLU A CB  1 
ATOM   211  C CG  . GLU A 1 33  ? 6.847   -13.425 12.757  1.00 20.91 ? 24  GLU A CG  1 
ATOM   212  C CD  . GLU A 1 33  ? 8.042   -12.494 12.775  1.00 23.15 ? 24  GLU A CD  1 
ATOM   213  O OE1 . GLU A 1 33  ? 8.089   -11.597 13.641  1.00 26.85 ? 24  GLU A OE1 1 
ATOM   214  O OE2 . GLU A 1 33  ? 8.941   -12.665 11.931  1.00 25.27 ? 24  GLU A OE2 1 
ATOM   215  N N   . GLU A 1 34  ? 2.066   -12.542 12.732  1.00 14.47 ? 25  GLU A N   1 
ATOM   216  C CA  . GLU A 1 34  ? 0.871   -11.852 13.220  1.00 14.36 ? 25  GLU A CA  1 
ATOM   217  C C   . GLU A 1 34  ? 1.294   -10.694 14.116  1.00 15.35 ? 25  GLU A C   1 
ATOM   218  O O   . GLU A 1 34  ? 0.873   -10.563 15.267  1.00 12.75 ? 25  GLU A O   1 
ATOM   219  C CB  . GLU A 1 34  ? -0.063  -12.830 13.950  1.00 15.12 ? 25  GLU A CB  1 
ATOM   220  C CG  . GLU A 1 34  ? -0.711  -13.830 12.988  1.00 15.27 ? 25  GLU A CG  1 
ATOM   221  C CD  . GLU A 1 34  ? -1.918  -14.553 13.567  1.00 16.96 ? 25  GLU A CD  1 
ATOM   222  O OE1 . GLU A 1 34  ? -2.800  -14.951 12.778  1.00 16.41 ? 25  GLU A OE1 1 
ATOM   223  O OE2 . GLU A 1 34  ? -1.984  -14.734 14.798  1.00 17.28 ? 25  GLU A OE2 1 
ATOM   224  N N   . ILE A 1 35  ? 2.144   -9.843  13.558  1.00 14.10 ? 26  ILE A N   1 
ATOM   225  C CA  . ILE A 1 35  ? 2.657   -8.700  14.286  1.00 13.96 ? 26  ILE A CA  1 
ATOM   226  C C   . ILE A 1 35  ? 1.588   -7.647  14.540  1.00 15.50 ? 26  ILE A C   1 
ATOM   227  O O   . ILE A 1 35  ? 0.941   -7.157  13.608  1.00 13.57 ? 26  ILE A O   1 
ATOM   228  C CB  . ILE A 1 35  ? 3.827   -8.042  13.528  1.00 14.89 ? 26  ILE A CB  1 
ATOM   229  C CG1 . ILE A 1 35  ? 4.919   -9.083  13.265  1.00 14.56 ? 26  ILE A CG1 1 
ATOM   230  C CG2 . ILE A 1 35  ? 4.375   -6.868  14.335  1.00 15.41 ? 26  ILE A CG2 1 
ATOM   231  C CD1 . ILE A 1 35  ? 6.115   -8.551  12.495  1.00 16.38 ? 26  ILE A CD1 1 
ATOM   232  N N   . ASN A 1 36  ? 1.387   -7.320  15.811  1.00 14.27 ? 27  ASN A N   1 
ATOM   233  C CA  . ASN A 1 36  ? 0.425   -6.294  16.166  1.00 15.29 ? 27  ASN A CA  1 
ATOM   234  C C   . ASN A 1 36  ? 1.140   -4.969  16.019  1.00 16.26 ? 27  ASN A C   1 
ATOM   235  O O   . ASN A 1 36  ? 2.168   -4.729  16.654  1.00 16.21 ? 27  ASN A O   1 
ATOM   236  C CB  . ASN A 1 36  ? -0.076  -6.468  17.602  1.00 16.54 ? 27  ASN A CB  1 
ATOM   237  C CG  . ASN A 1 36  ? -1.272  -7.393  17.690  1.00 18.50 ? 27  ASN A CG  1 
ATOM   238  O OD1 . ASN A 1 36  ? -2.255  -7.214  16.971  1.00 17.95 ? 27  ASN A OD1 1 
ATOM   239  N ND2 . ASN A 1 36  ? -1.198  -8.383  18.574  1.00 21.10 ? 27  ASN A ND2 1 
ATOM   240  N N   . CYS A 1 37  ? 0.605   -4.124  15.151  1.00 14.36 ? 28  CYS A N   1 
ATOM   241  C CA  . CYS A 1 37  ? 1.180   -2.813  14.898  1.00 13.73 ? 28  CYS A CA  1 
ATOM   242  C C   . CYS A 1 37  ? 0.136   -1.975  14.186  1.00 12.95 ? 28  CYS A C   1 
ATOM   243  O O   . CYS A 1 37  ? -0.929  -2.473  13.825  1.00 14.08 ? 28  CYS A O   1 
ATOM   244  C CB  . CYS A 1 37  ? 2.430   -2.940  14.022  1.00 14.15 ? 28  CYS A CB  1 
ATOM   245  S SG  . CYS A 1 37  ? 2.145   -3.697  12.397  1.00 15.17 ? 28  CYS A SG  1 
ATOM   246  N N   . SER A 1 38  ? 0.437   -0.700  13.996  1.00 13.30 ? 29  SER A N   1 
ATOM   247  C CA  . SER A 1 38  ? -0.474  0.203   13.317  1.00 12.51 ? 29  SER A CA  1 
ATOM   248  C C   . SER A 1 38  ? 0.095   0.616   11.973  1.00 12.42 ? 29  SER A C   1 
ATOM   249  O O   . SER A 1 38  ? 1.311   0.636   11.777  1.00 12.62 ? 29  SER A O   1 
ATOM   250  C CB  . SER A 1 38  ? -0.722  1.452   14.161  1.00 15.90 ? 29  SER A CB  1 
ATOM   251  O OG  . SER A 1 38  ? -1.557  1.156   15.264  1.00 16.65 ? 29  SER A OG  1 
ATOM   252  N N   . VAL A 1 39  ? -0.802  0.918   11.045  1.00 11.10 ? 30  VAL A N   1 
ATOM   253  C CA  . VAL A 1 39  ? -0.419  1.369   9.716   1.00 11.46 ? 30  VAL A CA  1 
ATOM   254  C C   . VAL A 1 39  ? -1.028  2.749   9.533   1.00 11.01 ? 30  VAL A C   1 
ATOM   255  O O   . VAL A 1 39  ? -1.801  3.208   10.373  1.00 10.86 ? 30  VAL A O   1 
ATOM   256  C CB  . VAL A 1 39  ? -0.968  0.441   8.605   1.00 12.53 ? 30  VAL A CB  1 
ATOM   257  C CG1 . VAL A 1 39  ? -0.399  -0.955  8.768   1.00 12.18 ? 30  VAL A CG1 1 
ATOM   258  C CG2 . VAL A 1 39  ? -2.493  0.402   8.650   1.00 11.82 ? 30  VAL A CG2 1 
ATOM   259  N N   . TYR A 1 40  ? -0.653  3.421   8.449   1.00 10.64 ? 31  TYR A N   1 
ATOM   260  C CA  . TYR A 1 40  ? -1.210  4.730   8.145   1.00 10.21 ? 31  TYR A CA  1 
ATOM   261  C C   . TYR A 1 40  ? -2.268  4.480   7.081   1.00 10.17 ? 31  TYR A C   1 
ATOM   262  O O   . TYR A 1 40  ? -1.980  3.891   6.038   1.00 11.33 ? 31  TYR A O   1 
ATOM   263  C CB  . TYR A 1 40  ? -0.139  5.670   7.600   1.00 10.55 ? 31  TYR A CB  1 
ATOM   264  C CG  . TYR A 1 40  ? 0.903   6.059   8.621   1.00 9.80  ? 31  TYR A CG  1 
ATOM   265  C CD1 . TYR A 1 40  ? 2.187   5.521   8.573   1.00 10.79 ? 31  TYR A CD1 1 
ATOM   266  C CD2 . TYR A 1 40  ? 0.608   6.975   9.630   1.00 9.97  ? 31  TYR A CD2 1 
ATOM   267  C CE1 . TYR A 1 40  ? 3.160   5.889   9.509   1.00 11.48 ? 31  TYR A CE1 1 
ATOM   268  C CE2 . TYR A 1 40  ? 1.574   7.352   10.571  1.00 10.52 ? 31  TYR A CE2 1 
ATOM   269  C CZ  . TYR A 1 40  ? 2.844   6.803   10.501  1.00 11.56 ? 31  TYR A CZ  1 
ATOM   270  O OH  . TYR A 1 40  ? 3.801   7.167   11.427  1.00 13.84 ? 31  TYR A OH  1 
ATOM   271  N N   . SER A 1 41  ? -3.492  4.917   7.356   1.00 9.58  ? 32  SER A N   1 
ATOM   272  C CA  . SER A 1 41  ? -4.602  4.720   6.428   1.00 8.79  ? 32  SER A CA  1 
ATOM   273  C C   . SER A 1 41  ? -5.296  6.036   6.090   1.00 11.21 ? 32  SER A C   1 
ATOM   274  O O   . SER A 1 41  ? -5.081  7.048   6.750   1.00 11.44 ? 32  SER A O   1 
ATOM   275  C CB  . SER A 1 41  ? -5.612  3.752   7.046   1.00 9.94  ? 32  SER A CB  1 
ATOM   276  O OG  . SER A 1 41  ? -4.982  2.526   7.370   1.00 10.25 ? 32  SER A OG  1 
ATOM   277  N N   . VAL A 1 42  ? -6.133  6.011   5.059   1.00 11.86 ? 33  VAL A N   1 
ATOM   278  C CA  . VAL A 1 42  ? -6.863  7.203   4.636   1.00 12.29 ? 33  VAL A CA  1 
ATOM   279  C C   . VAL A 1 42  ? -8.358  6.961   4.818   1.00 13.52 ? 33  VAL A C   1 
ATOM   280  O O   . VAL A 1 42  ? -8.885  5.959   4.343   1.00 14.57 ? 33  VAL A O   1 
ATOM   281  C CB  . VAL A 1 42  ? -6.585  7.518   3.153   1.00 12.98 ? 33  VAL A CB  1 
ATOM   282  C CG1 . VAL A 1 42  ? -7.230  8.845   2.770   1.00 13.63 ? 33  VAL A CG1 1 
ATOM   283  C CG2 . VAL A 1 42  ? -5.088  7.556   2.904   1.00 14.67 ? 33  VAL A CG2 1 
ATOM   284  N N   . ASP A 1 43  ? -9.042  7.868   5.512   1.00 14.60 ? 34  ASP A N   1 
ATOM   285  C CA  . ASP A 1 43  ? -10.477 7.701   5.721   1.00 16.18 ? 34  ASP A CA  1 
ATOM   286  C C   . ASP A 1 43  ? -11.265 8.257   4.533   1.00 16.60 ? 34  ASP A C   1 
ATOM   287  O O   . ASP A 1 43  ? -10.690 8.869   3.630   1.00 15.90 ? 34  ASP A O   1 
ATOM   288  C CB  . ASP A 1 43  ? -10.922 8.361   7.041   1.00 17.02 ? 34  ASP A CB  1 
ATOM   289  C CG  . ASP A 1 43  ? -10.670 9.857   7.081   1.00 18.66 ? 34  ASP A CG  1 
ATOM   290  O OD1 . ASP A 1 43  ? -10.676 10.510  6.018   1.00 17.78 ? 34  ASP A OD1 1 
ATOM   291  O OD2 . ASP A 1 43  ? -10.487 10.389  8.198   1.00 20.17 ? 34  ASP A OD2 1 
ATOM   292  N N   . PRO A 1 44  ? -12.590 8.031   4.504   1.00 16.71 ? 35  PRO A N   1 
ATOM   293  C CA  . PRO A 1 44  ? -13.417 8.526   3.398   1.00 17.47 ? 35  PRO A CA  1 
ATOM   294  C C   . PRO A 1 44  ? -13.310 10.033  3.167   1.00 17.69 ? 35  PRO A C   1 
ATOM   295  O O   . PRO A 1 44  ? -13.587 10.517  2.070   1.00 19.30 ? 35  PRO A O   1 
ATOM   296  C CB  . PRO A 1 44  ? -14.826 8.106   3.808   1.00 17.73 ? 35  PRO A CB  1 
ATOM   297  C CG  . PRO A 1 44  ? -14.586 6.847   4.577   1.00 16.66 ? 35  PRO A CG  1 
ATOM   298  C CD  . PRO A 1 44  ? -13.395 7.213   5.430   1.00 18.52 ? 35  PRO A CD  1 
ATOM   299  N N   . GLU A 1 45  ? -12.907 10.767  4.199   1.00 18.85 ? 36  GLU A N   1 
ATOM   300  C CA  . GLU A 1 45  ? -12.777 12.219  4.099   1.00 19.55 ? 36  GLU A CA  1 
ATOM   301  C C   . GLU A 1 45  ? -11.452 12.680  3.501   1.00 19.09 ? 36  GLU A C   1 
ATOM   302  O O   . GLU A 1 45  ? -11.307 13.844  3.127   1.00 18.88 ? 36  GLU A O   1 
ATOM   303  C CB  . GLU A 1 45  ? -12.967 12.863  5.477   1.00 22.26 ? 36  GLU A CB  1 
ATOM   304  C CG  . GLU A 1 45  ? -14.377 12.719  6.032   1.00 26.26 ? 36  GLU A CG  1 
ATOM   305  C CD  . GLU A 1 45  ? -14.685 11.310  6.506   1.00 28.82 ? 36  GLU A CD  1 
ATOM   306  O OE1 . GLU A 1 45  ? -15.845 10.874  6.355   1.00 30.42 ? 36  GLU A OE1 1 
ATOM   307  O OE2 . GLU A 1 45  ? -13.772 10.646  7.041   1.00 27.46 ? 36  GLU A OE2 1 
ATOM   308  N N   . GLY A 1 46  ? -10.485 11.772  3.418   1.00 18.10 ? 37  GLY A N   1 
ATOM   309  C CA  . GLY A 1 46  ? -9.195  12.124  2.854   1.00 16.47 ? 37  GLY A CA  1 
ATOM   310  C C   . GLY A 1 46  ? -8.129  12.410  3.892   1.00 16.32 ? 37  GLY A C   1 
ATOM   311  O O   . GLY A 1 46  ? -7.068  12.944  3.568   1.00 17.62 ? 37  GLY A O   1 
ATOM   312  N N   . ARG A 1 47  ? -8.404  12.057  5.142   1.00 16.55 ? 38  ARG A N   1 
ATOM   313  C CA  . ARG A 1 47  ? -7.451  12.285  6.220   1.00 17.02 ? 38  ARG A CA  1 
ATOM   314  C C   . ARG A 1 47  ? -6.650  11.027  6.515   1.00 16.27 ? 38  ARG A C   1 
ATOM   315  O O   . ARG A 1 47  ? -7.172  9.917   6.439   1.00 17.07 ? 38  ARG A O   1 
ATOM   316  C CB  . ARG A 1 47  ? -8.184  12.720  7.491   1.00 19.65 ? 38  ARG A CB  1 
ATOM   317  C CG  . ARG A 1 47  ? -8.883  14.058  7.372   1.00 22.81 ? 38  ARG A CG  1 
ATOM   318  C CD  . ARG A 1 47  ? -9.786  14.324  8.564   1.00 25.22 ? 38  ARG A CD  1 
ATOM   319  N NE  . ARG A 1 47  ? -10.810 13.294  8.704   1.00 28.62 ? 38  ARG A NE  1 
ATOM   320  C CZ  . ARG A 1 47  ? -11.918 13.435  9.426   1.00 29.98 ? 38  ARG A CZ  1 
ATOM   321  N NH1 . ARG A 1 47  ? -12.146 14.570  10.075  1.00 30.39 ? 38  ARG A NH1 1 
ATOM   322  N NH2 . ARG A 1 47  ? -12.797 12.445  9.499   1.00 30.06 ? 38  ARG A NH2 1 
ATOM   323  N N   . VAL A 1 48  ? -5.375  11.208  6.841   1.00 16.35 ? 39  VAL A N   1 
ATOM   324  C CA  . VAL A 1 48  ? -4.517  10.083  7.186   1.00 16.28 ? 39  VAL A CA  1 
ATOM   325  C C   . VAL A 1 48  ? -4.633  9.890   8.692   1.00 15.92 ? 39  VAL A C   1 
ATOM   326  O O   . VAL A 1 48  ? -4.669  10.858  9.452   1.00 16.82 ? 39  VAL A O   1 
ATOM   327  C CB  . VAL A 1 48  ? -3.037  10.352  6.836   1.00 16.59 ? 39  VAL A CB  1 
ATOM   328  C CG1 . VAL A 1 48  ? -2.186  9.147   7.216   1.00 18.00 ? 39  VAL A CG1 1 
ATOM   329  C CG2 . VAL A 1 48  ? -2.902  10.645  5.361   1.00 18.73 ? 39  VAL A CG2 1 
ATOM   330  N N   . TYR A 1 49  ? -4.705  8.637   9.116   1.00 14.53 ? 40  TYR A N   1 
ATOM   331  C CA  . TYR A 1 49  ? -4.824  8.317   10.530  1.00 13.46 ? 40  TYR A CA  1 
ATOM   332  C C   . TYR A 1 49  ? -4.142  6.981   10.773  1.00 14.45 ? 40  TYR A C   1 
ATOM   333  O O   . TYR A 1 49  ? -3.908  6.227   9.832   1.00 14.46 ? 40  TYR A O   1 
ATOM   334  C CB  . TYR A 1 49  ? -6.305  8.241   10.920  1.00 12.13 ? 40  TYR A CB  1 
ATOM   335  C CG  . TYR A 1 49  ? -7.071  7.078   10.315  1.00 12.47 ? 40  TYR A CG  1 
ATOM   336  C CD1 . TYR A 1 49  ? -7.314  5.921   11.054  1.00 14.86 ? 40  TYR A CD1 1 
ATOM   337  C CD2 . TYR A 1 49  ? -7.580  7.147   9.016   1.00 13.31 ? 40  TYR A CD2 1 
ATOM   338  C CE1 . TYR A 1 49  ? -8.050  4.863   10.522  1.00 14.29 ? 40  TYR A CE1 1 
ATOM   339  C CE2 . TYR A 1 49  ? -8.318  6.091   8.473   1.00 14.36 ? 40  TYR A CE2 1 
ATOM   340  C CZ  . TYR A 1 49  ? -8.549  4.956   9.232   1.00 13.83 ? 40  TYR A CZ  1 
ATOM   341  O OH  . TYR A 1 49  ? -9.291  3.920   8.712   1.00 16.76 ? 40  TYR A OH  1 
ATOM   342  N N   . THR A 1 50  ? -3.806  6.692   12.026  1.00 14.04 ? 41  THR A N   1 
ATOM   343  C CA  . THR A 1 50  ? -3.158  5.424   12.340  1.00 13.45 ? 41  THR A CA  1 
ATOM   344  C C   . THR A 1 50  ? -4.217  4.387   12.673  1.00 13.36 ? 41  THR A C   1 
ATOM   345  O O   . THR A 1 50  ? -5.198  4.682   13.355  1.00 14.52 ? 41  THR A O   1 
ATOM   346  C CB  . THR A 1 50  ? -2.180  5.557   13.520  1.00 15.33 ? 41  THR A CB  1 
ATOM   347  O OG1 . THR A 1 50  ? -2.886  5.993   14.688  1.00 17.39 ? 41  THR A OG1 1 
ATOM   348  C CG2 . THR A 1 50  ? -1.081  6.554   13.178  1.00 15.77 ? 41  THR A CG2 1 
ATOM   349  N N   . GLN A 1 51  ? -4.005  3.166   12.196  1.00 13.06 ? 42  GLN A N   1 
ATOM   350  C CA  . GLN A 1 51  ? -4.966  2.095   12.404  1.00 14.41 ? 42  GLN A CA  1 
ATOM   351  C C   . GLN A 1 51  ? -4.267  0.791   12.768  1.00 12.99 ? 42  GLN A C   1 
ATOM   352  O O   . GLN A 1 51  ? -3.333  0.372   12.092  1.00 14.26 ? 42  GLN A O   1 
ATOM   353  C CB  . GLN A 1 51  ? -5.782  1.910   11.119  1.00 15.64 ? 42  GLN A CB  1 
ATOM   354  C CG  . GLN A 1 51  ? -7.023  1.081   11.284  1.00 17.17 ? 42  GLN A CG  1 
ATOM   355  C CD  . GLN A 1 51  ? -7.827  0.939   10.007  1.00 15.85 ? 42  GLN A CD  1 
ATOM   356  O OE1 . GLN A 1 51  ? -8.980  0.522   10.049  1.00 16.72 ? 42  GLN A OE1 1 
ATOM   357  N NE2 . GLN A 1 51  ? -7.222  1.271   8.862   1.00 13.73 ? 42  GLN A NE2 1 
ATOM   358  N N   . ALA A 1 52  ? -4.724  0.142   13.834  1.00 13.20 ? 43  ALA A N   1 
ATOM   359  C CA  . ALA A 1 52  ? -4.126  -1.121  14.252  1.00 12.75 ? 43  ALA A CA  1 
ATOM   360  C C   . ALA A 1 52  ? -4.627  -2.268  13.373  1.00 12.24 ? 43  ALA A C   1 
ATOM   361  O O   . ALA A 1 52  ? -5.805  -2.321  13.025  1.00 14.31 ? 43  ALA A O   1 
ATOM   362  C CB  . ALA A 1 52  ? -4.466  -1.399  15.715  1.00 15.78 ? 43  ALA A CB  1 
ATOM   363  N N   . ILE A 1 53  ? -3.729  -3.180  13.010  1.00 12.31 ? 44  ILE A N   1 
ATOM   364  C CA  . ILE A 1 53  ? -4.100  -4.327  12.182  1.00 10.18 ? 44  ILE A CA  1 
ATOM   365  C C   . ILE A 1 53  ? -5.029  -5.232  12.993  1.00 11.15 ? 44  ILE A C   1 
ATOM   366  O O   . ILE A 1 53  ? -4.785  -5.472  14.176  1.00 11.28 ? 44  ILE A O   1 
ATOM   367  C CB  . ILE A 1 53  ? -2.854  -5.133  11.758  1.00 11.01 ? 44  ILE A CB  1 
ATOM   368  C CG1 . ILE A 1 53  ? -1.928  -4.250  10.916  1.00 11.02 ? 44  ILE A CG1 1 
ATOM   369  C CG2 . ILE A 1 53  ? -3.272  -6.390  10.998  1.00 11.29 ? 44  ILE A CG2 1 
ATOM   370  C CD1 . ILE A 1 53  ? -0.652  -4.937  10.465  1.00 9.36  ? 44  ILE A CD1 1 
ATOM   371  N N   . ALA A 1 54  ? -6.084  -5.733  12.356  1.00 10.72 ? 45  ALA A N   1 
ATOM   372  C CA  . ALA A 1 54  ? -7.049  -6.595  13.032  1.00 10.60 ? 45  ALA A CA  1 
ATOM   373  C C   . ALA A 1 54  ? -6.934  -8.071  12.655  1.00 12.03 ? 45  ALA A C   1 
ATOM   374  O O   . ALA A 1 54  ? -7.282  -8.948  13.450  1.00 12.93 ? 45  ALA A O   1 
ATOM   375  C CB  . ALA A 1 54  ? -8.470  -6.103  12.744  1.00 10.76 ? 45  ALA A CB  1 
ATOM   376  N N   . GLN A 1 55  ? -6.448  -8.345  11.449  1.00 10.26 ? 46  GLN A N   1 
ATOM   377  C CA  . GLN A 1 55  ? -6.322  -9.719  10.974  1.00 10.55 ? 46  GLN A CA  1 
ATOM   378  C C   . GLN A 1 55  ? -5.147  -9.852  10.000  1.00 11.78 ? 46  GLN A C   1 
ATOM   379  O O   . GLN A 1 55  ? -4.750  -8.877  9.363   1.00 10.81 ? 46  GLN A O   1 
ATOM   380  C CB  . GLN A 1 55  ? -7.635  -10.138 10.293  1.00 9.41  ? 46  GLN A CB  1 
ATOM   381  C CG  . GLN A 1 55  ? -7.665  -11.566 9.748   1.00 10.84 ? 46  GLN A CG  1 
ATOM   382  C CD  . GLN A 1 55  ? -7.647  -12.623 10.836  1.00 11.91 ? 46  GLN A CD  1 
ATOM   383  O OE1 . GLN A 1 55  ? -8.681  -13.210 11.180  1.00 14.07 ? 46  GLN A OE1 1 
ATOM   384  N NE2 . GLN A 1 55  ? -6.475  -12.870 11.387  1.00 8.06  ? 46  GLN A NE2 1 
ATOM   385  N N   . TRP A 1 56  ? -4.602  -11.061 9.892   1.00 11.77 ? 47  TRP A N   1 
ATOM   386  C CA  . TRP A 1 56  ? -3.463  -11.334 9.010   1.00 11.91 ? 47  TRP A CA  1 
ATOM   387  C C   . TRP A 1 56  ? -3.822  -12.452 8.043   1.00 12.97 ? 47  TRP A C   1 
ATOM   388  O O   . TRP A 1 56  ? -4.314  -13.503 8.458   1.00 12.03 ? 47  TRP A O   1 
ATOM   389  C CB  . TRP A 1 56  ? -2.252  -11.751 9.842   1.00 12.90 ? 47  TRP A CB  1 
ATOM   390  C CG  . TRP A 1 56  ? -1.853  -10.735 10.867  1.00 11.91 ? 47  TRP A CG  1 
ATOM   391  C CD1 . TRP A 1 56  ? -0.865  -9.798  10.757  1.00 13.21 ? 47  TRP A CD1 1 
ATOM   392  C CD2 . TRP A 1 56  ? -2.436  -10.554 12.166  1.00 12.21 ? 47  TRP A CD2 1 
ATOM   393  N NE1 . TRP A 1 56  ? -0.794  -9.047  11.910  1.00 13.69 ? 47  TRP A NE1 1 
ATOM   394  C CE2 . TRP A 1 56  ? -1.747  -9.489  12.788  1.00 12.82 ? 47  TRP A CE2 1 
ATOM   395  C CE3 . TRP A 1 56  ? -3.474  -11.189 12.860  1.00 14.03 ? 47  TRP A CE3 1 
ATOM   396  C CZ2 . TRP A 1 56  ? -2.064  -9.042  14.078  1.00 14.21 ? 47  TRP A CZ2 1 
ATOM   397  C CZ3 . TRP A 1 56  ? -3.790  -10.747 14.143  1.00 14.34 ? 47  TRP A CZ3 1 
ATOM   398  C CH2 . TRP A 1 56  ? -3.083  -9.682  14.739  1.00 14.45 ? 47  TRP A CH2 1 
ATOM   399  N N   . HIS A 1 57  ? -3.549  -12.241 6.759   1.00 12.55 ? 48  HIS A N   1 
ATOM   400  C CA  . HIS A 1 57  ? -3.889  -13.237 5.748   1.00 13.93 ? 48  HIS A CA  1 
ATOM   401  C C   . HIS A 1 57  ? -2.735  -13.753 4.896   1.00 12.80 ? 48  HIS A C   1 
ATOM   402  O O   . HIS A 1 57  ? -2.083  -12.980 4.200   1.00 11.20 ? 48  HIS A O   1 
ATOM   403  C CB  . HIS A 1 57  ? -4.929  -12.673 4.773   1.00 13.82 ? 48  HIS A CB  1 
ATOM   404  C CG  . HIS A 1 57  ? -6.197  -12.209 5.417   1.00 13.87 ? 48  HIS A CG  1 
ATOM   405  N ND1 . HIS A 1 57  ? -7.069  -13.070 6.051   1.00 14.47 ? 48  HIS A ND1 1 
ATOM   406  C CD2 . HIS A 1 57  ? -6.763  -10.982 5.480   1.00 14.65 ? 48  HIS A CD2 1 
ATOM   407  C CE1 . HIS A 1 57  ? -8.120  -12.391 6.473   1.00 12.71 ? 48  HIS A CE1 1 
ATOM   408  N NE2 . HIS A 1 57  ? -7.962  -11.124 6.140   1.00 12.18 ? 48  HIS A NE2 1 
ATOM   409  N N   . ASP A 1 58  ? -2.500  -15.060 4.945   1.00 12.54 ? 49  ASP A N   1 
ATOM   410  C CA  . ASP A 1 58  ? -1.496  -15.694 4.094   1.00 13.41 ? 49  ASP A CA  1 
ATOM   411  C C   . ASP A 1 58  ? -2.411  -16.357 3.070   1.00 13.13 ? 49  ASP A C   1 
ATOM   412  O O   . ASP A 1 58  ? -3.049  -17.373 3.365   1.00 13.09 ? 49  ASP A O   1 
ATOM   413  C CB  . ASP A 1 58  ? -0.704  -16.758 4.852   1.00 15.67 ? 49  ASP A CB  1 
ATOM   414  C CG  . ASP A 1 58  ? 0.328   -17.441 3.976   1.00 16.70 ? 49  ASP A CG  1 
ATOM   415  O OD1 . ASP A 1 58  ? 0.023   -17.692 2.793   1.00 16.12 ? 49  ASP A OD1 1 
ATOM   416  O OD2 . ASP A 1 58  ? 1.438   -17.732 4.466   1.00 17.01 ? 49  ASP A OD2 1 
ATOM   417  N N   . ARG A 1 59  ? -2.497  -15.772 1.879   1.00 12.44 ? 50  ARG A N   1 
ATOM   418  C CA  . ARG A 1 59  ? -3.387  -16.281 0.842   1.00 13.08 ? 50  ARG A CA  1 
ATOM   419  C C   . ARG A 1 59  ? -2.790  -17.320 -0.104  1.00 13.17 ? 50  ARG A C   1 
ATOM   420  O O   . ARG A 1 59  ? -3.352  -17.580 -1.169  1.00 14.81 ? 50  ARG A O   1 
ATOM   421  C CB  . ARG A 1 59  ? -3.956  -15.112 0.030   1.00 13.36 ? 50  ARG A CB  1 
ATOM   422  C CG  . ARG A 1 59  ? -4.794  -14.122 0.847   1.00 14.80 ? 50  ARG A CG  1 
ATOM   423  C CD  . ARG A 1 59  ? -5.981  -14.792 1.552   1.00 16.46 ? 50  ARG A CD  1 
ATOM   424  N NE  . ARG A 1 59  ? -6.909  -13.809 2.119   1.00 16.97 ? 50  ARG A NE  1 
ATOM   425  C CZ  . ARG A 1 59  ? -7.930  -14.112 2.917   1.00 20.04 ? 50  ARG A CZ  1 
ATOM   426  N NH1 . ARG A 1 59  ? -8.162  -15.374 3.255   1.00 20.08 ? 50  ARG A NH1 1 
ATOM   427  N NH2 . ARG A 1 59  ? -8.726  -13.151 3.372   1.00 18.25 ? 50  ARG A NH2 1 
ATOM   428  N N   . GLY A 1 60  ? -1.669  -17.917 0.288   1.00 11.99 ? 51  GLY A N   1 
ATOM   429  C CA  . GLY A 1 60  ? -1.040  -18.935 -0.536  1.00 12.35 ? 51  GLY A CA  1 
ATOM   430  C C   . GLY A 1 60  ? -0.123  -18.407 -1.623  1.00 11.97 ? 51  GLY A C   1 
ATOM   431  O O   . GLY A 1 60  ? 0.763   -17.592 -1.356  1.00 13.03 ? 51  GLY A O   1 
ATOM   432  N N   . GLU A 1 61  ? -0.321  -18.887 -2.849  1.00 12.73 ? 52  GLU A N   1 
ATOM   433  C CA  . GLU A 1 61  ? 0.495   -18.454 -3.977  0.50 11.07 ? 52  GLU A CA  1 
ATOM   434  C C   . GLU A 1 61  ? -0.399  -18.087 -5.152  1.00 12.79 ? 52  GLU A C   1 
ATOM   435  O O   . GLU A 1 61  ? -1.517  -18.597 -5.290  1.00 14.77 ? 52  GLU A O   1 
ATOM   436  C CB  . GLU A 1 61  ? 1.473   -19.556 -4.383  0.50 11.77 ? 52  GLU A CB  1 
ATOM   437  C CG  . GLU A 1 61  ? 0.822   -20.898 -4.694  0.50 14.71 ? 52  GLU A CG  1 
ATOM   438  C CD  . GLU A 1 61  ? 1.825   -21.915 -5.208  0.50 15.35 ? 52  GLU A CD  1 
ATOM   439  O OE1 . GLU A 1 61  ? 2.998   -21.830 -4.792  0.50 14.52 ? 52  GLU A OE1 1 
ATOM   440  O OE2 . GLU A 1 61  ? 1.445   -22.793 -6.016  0.50 16.76 ? 52  GLU A OE2 1 
ATOM   441  N N   . GLN A 1 62  ? 0.105   -17.202 -6.003  1.00 12.87 ? 53  GLN A N   1 
ATOM   442  C CA  . GLN A 1 62  ? -0.657  -16.718 -7.140  1.00 13.05 ? 53  GLN A CA  1 
ATOM   443  C C   . GLN A 1 62  ? 0.275   -15.863 -7.989  1.00 11.85 ? 53  GLN A C   1 
ATOM   444  O O   . GLN A 1 62  ? 1.346   -15.475 -7.526  1.00 13.45 ? 53  GLN A O   1 
ATOM   445  C CB  . GLN A 1 62  ? -1.799  -15.869 -6.595  1.00 15.43 ? 53  GLN A CB  1 
ATOM   446  C CG  . GLN A 1 62  ? -2.893  -15.516 -7.549  1.00 18.35 ? 53  GLN A CG  1 
ATOM   447  C CD  . GLN A 1 62  ? -3.985  -14.760 -6.832  1.00 16.46 ? 53  GLN A CD  1 
ATOM   448  O OE1 . GLN A 1 62  ? -4.592  -15.279 -5.894  1.00 19.90 ? 53  GLN A OE1 1 
ATOM   449  N NE2 . GLN A 1 62  ? -4.232  -13.530 -7.253  1.00 16.37 ? 53  GLN A NE2 1 
ATOM   450  N N   . GLU A 1 63  ? -0.110  -15.570 -9.225  1.00 10.56 ? 54  GLU A N   1 
ATOM   451  C CA  . GLU A 1 63  ? 0.749   -14.729 -10.041 1.00 12.00 ? 54  GLU A CA  1 
ATOM   452  C C   . GLU A 1 63  ? 0.877   -13.349 -9.409  1.00 12.73 ? 54  GLU A C   1 
ATOM   453  O O   . GLU A 1 63  ? -0.111  -12.753 -8.979  1.00 12.78 ? 54  GLU A O   1 
ATOM   454  C CB  . GLU A 1 63  ? 0.205   -14.555 -11.461 1.00 13.72 ? 54  GLU A CB  1 
ATOM   455  C CG  . GLU A 1 63  ? 0.981   -13.480 -12.228 1.00 16.27 ? 54  GLU A CG  1 
ATOM   456  C CD  . GLU A 1 63  ? 0.492   -13.263 -13.642 1.00 18.73 ? 54  GLU A CD  1 
ATOM   457  O OE1 . GLU A 1 63  ? -0.727  -13.373 -13.874 1.00 19.25 ? 54  GLU A OE1 1 
ATOM   458  O OE2 . GLU A 1 63  ? 1.336   -12.968 -14.516 1.00 16.76 ? 54  GLU A OE2 1 
ATOM   459  N N   . VAL A 1 64  ? 2.106   -12.855 -9.345  1.00 12.67 ? 55  VAL A N   1 
ATOM   460  C CA  . VAL A 1 64  ? 2.374   -11.528 -8.813  1.00 11.94 ? 55  VAL A CA  1 
ATOM   461  C C   . VAL A 1 64  ? 3.112   -10.804 -9.926  1.00 12.39 ? 55  VAL A C   1 
ATOM   462  O O   . VAL A 1 64  ? 3.969   -11.387 -10.590 1.00 12.78 ? 55  VAL A O   1 
ATOM   463  C CB  . VAL A 1 64  ? 3.266   -11.584 -7.553  1.00 11.72 ? 55  VAL A CB  1 
ATOM   464  C CG1 . VAL A 1 64  ? 3.689   -10.175 -7.149  1.00 13.45 ? 55  VAL A CG1 1 
ATOM   465  C CG2 . VAL A 1 64  ? 2.504   -12.242 -6.409  1.00 14.98 ? 55  VAL A CG2 1 
ATOM   466  N N   . LEU A 1 65  ? 2.763   -9.545  -10.156 1.00 13.46 ? 56  LEU A N   1 
ATOM   467  C CA  . LEU A 1 65  ? 3.427   -8.787  -11.198 1.00 14.69 ? 56  LEU A CA  1 
ATOM   468  C C   . LEU A 1 65  ? 4.093   -7.571  -10.594 1.00 14.69 ? 56  LEU A C   1 
ATOM   469  O O   . LEU A 1 65  ? 3.634   -7.034  -9.582  1.00 13.70 ? 56  LEU A O   1 
ATOM   470  C CB  . LEU A 1 65  ? 2.424   -8.353  -12.271 1.00 16.83 ? 56  LEU A CB  1 
ATOM   471  C CG  . LEU A 1 65  ? 1.642   -9.501  -12.919 1.00 17.76 ? 56  LEU A CG  1 
ATOM   472  C CD1 . LEU A 1 65  ? 0.358   -9.736  -12.140 1.00 17.50 ? 56  LEU A CD1 1 
ATOM   473  C CD2 . LEU A 1 65  ? 1.320   -9.175  -14.361 1.00 18.86 ? 56  LEU A CD2 1 
ATOM   474  N N   . GLU A 1 66  ? 5.198   -7.149  -11.192 1.00 12.30 ? 57  GLU A N   1 
ATOM   475  C CA  . GLU A 1 66  ? 5.864   -5.965  -10.692 1.00 13.34 ? 57  GLU A CA  1 
ATOM   476  C C   . GLU A 1 66  ? 5.472   -4.805  -11.583 1.00 12.88 ? 57  GLU A C   1 
ATOM   477  O O   . GLU A 1 66  ? 5.744   -4.818  -12.783 1.00 13.71 ? 57  GLU A O   1 
ATOM   478  C CB  . GLU A 1 66  ? 7.386   -6.115  -10.707 1.00 15.32 ? 57  GLU A CB  1 
ATOM   479  C CG  . GLU A 1 66  ? 8.074   -4.875  -10.147 1.00 16.70 ? 57  GLU A CG  1 
ATOM   480  C CD  . GLU A 1 66  ? 9.580   -4.979  -10.116 1.00 21.21 ? 57  GLU A CD  1 
ATOM   481  O OE1 . GLU A 1 66  ? 10.218  -4.773  -11.170 1.00 21.71 ? 57  GLU A OE1 1 
ATOM   482  O OE2 . GLU A 1 66  ? 10.123  -5.267  -9.029  1.00 23.15 ? 57  GLU A OE2 1 
ATOM   483  N N   . TYR A 1 67  ? 4.793   -3.826  -10.996 1.00 12.06 ? 58  TYR A N   1 
ATOM   484  C CA  . TYR A 1 67  ? 4.388   -2.632  -11.716 1.00 12.84 ? 58  TYR A CA  1 
ATOM   485  C C   . TYR A 1 67  ? 5.391   -1.546  -11.366 1.00 12.02 ? 58  TYR A C   1 
ATOM   486  O O   . TYR A 1 67  ? 5.671   -1.309  -10.191 1.00 14.33 ? 58  TYR A O   1 
ATOM   487  C CB  . TYR A 1 67  ? 2.988   -2.194  -11.293 1.00 12.78 ? 58  TYR A CB  1 
ATOM   488  C CG  . TYR A 1 67  ? 1.901   -3.122  -11.763 1.00 12.10 ? 58  TYR A CG  1 
ATOM   489  C CD1 . TYR A 1 67  ? 1.554   -4.254  -11.028 1.00 14.31 ? 58  TYR A CD1 1 
ATOM   490  C CD2 . TYR A 1 67  ? 1.230   -2.877  -12.960 1.00 14.36 ? 58  TYR A CD2 1 
ATOM   491  C CE1 . TYR A 1 67  ? 0.556   -5.123  -11.479 1.00 14.29 ? 58  TYR A CE1 1 
ATOM   492  C CE2 . TYR A 1 67  ? 0.239   -3.735  -13.417 1.00 15.11 ? 58  TYR A CE2 1 
ATOM   493  C CZ  . TYR A 1 67  ? -0.093  -4.853  -12.673 1.00 16.71 ? 58  TYR A CZ  1 
ATOM   494  O OH  . TYR A 1 67  ? -1.076  -5.701  -13.132 1.00 19.77 ? 58  TYR A OH  1 
ATOM   495  N N   . GLU A 1 68  ? 5.956   -0.908  -12.384 1.00 11.17 ? 59  GLU A N   1 
ATOM   496  C CA  . GLU A 1 68  ? 6.926   0.157   -12.159 1.00 12.39 ? 59  GLU A CA  1 
ATOM   497  C C   . GLU A 1 68  ? 6.237   1.493   -12.398 1.00 13.45 ? 59  GLU A C   1 
ATOM   498  O O   . GLU A 1 68  ? 5.483   1.648   -13.363 1.00 12.57 ? 59  GLU A O   1 
ATOM   499  C CB  . GLU A 1 68  ? 8.127   -0.001  -13.100 1.00 13.52 ? 59  GLU A CB  1 
ATOM   500  C CG  . GLU A 1 68  ? 9.184   1.086   -12.949 1.00 14.27 ? 59  GLU A CG  1 
ATOM   501  C CD  . GLU A 1 68  ? 10.424  0.810   -13.778 1.00 17.79 ? 59  GLU A CD  1 
ATOM   502  O OE1 . GLU A 1 68  ? 10.279  0.304   -14.910 1.00 17.59 ? 59  GLU A OE1 1 
ATOM   503  O OE2 . GLU A 1 68  ? 11.541  1.111   -13.303 1.00 17.73 ? 59  GLU A OE2 1 
ATOM   504  N N   . LEU A 1 69  ? 6.489   2.446   -11.507 1.00 10.89 ? 60  LEU A N   1 
ATOM   505  C CA  . LEU A 1 69  ? 5.895   3.775   -11.599 1.00 10.84 ? 60  LEU A CA  1 
ATOM   506  C C   . LEU A 1 69  ? 6.884   4.781   -12.186 1.00 10.58 ? 60  LEU A C   1 
ATOM   507  O O   . LEU A 1 69  ? 8.079   4.505   -12.279 1.00 11.51 ? 60  LEU A O   1 
ATOM   508  C CB  . LEU A 1 69  ? 5.437   4.235   -10.211 1.00 10.73 ? 60  LEU A CB  1 
ATOM   509  C CG  . LEU A 1 69  ? 4.538   3.249   -9.456  1.00 12.25 ? 60  LEU A CG  1 
ATOM   510  C CD1 . LEU A 1 69  ? 4.045   3.904   -8.171  1.00 13.24 ? 60  LEU A CD1 1 
ATOM   511  C CD2 . LEU A 1 69  ? 3.352   2.833   -10.328 1.00 14.05 ? 60  LEU A CD2 1 
ATOM   512  N N   . GLU A 1 70  ? 6.377   5.950   -12.566 1.00 11.99 ? 61  GLU A N   1 
ATOM   513  C CA  . GLU A 1 70  ? 7.203   6.996   -13.165 1.00 12.84 ? 61  GLU A CA  1 
ATOM   514  C C   . GLU A 1 70  ? 8.385   7.447   -12.323 1.00 13.25 ? 61  GLU A C   1 
ATOM   515  O O   . GLU A 1 70  ? 9.388   7.907   -12.867 1.00 14.13 ? 61  GLU A O   1 
ATOM   516  C CB  . GLU A 1 70  ? 6.346   8.216   -13.498 1.00 14.63 ? 61  GLU A CB  1 
ATOM   517  C CG  . GLU A 1 70  ? 5.636   8.140   -14.831 1.00 16.57 ? 61  GLU A CG  1 
ATOM   518  C CD  . GLU A 1 70  ? 4.814   9.382   -15.094 1.00 18.38 ? 61  GLU A CD  1 
ATOM   519  O OE1 . GLU A 1 70  ? 4.806   9.866   -16.246 1.00 22.41 ? 61  GLU A OE1 1 
ATOM   520  O OE2 . GLU A 1 70  ? 4.173   9.871   -14.144 1.00 16.92 ? 61  GLU A OE2 1 
ATOM   521  N N   . ASP A 1 71  ? 8.279   7.323   -11.004 1.00 12.85 ? 62  ASP A N   1 
ATOM   522  C CA  . ASP A 1 71  ? 9.367   7.746   -10.130 1.00 12.75 ? 62  ASP A CA  1 
ATOM   523  C C   . ASP A 1 71  ? 10.340  6.624   -9.794  1.00 12.11 ? 62  ASP A C   1 
ATOM   524  O O   . ASP A 1 71  ? 11.203  6.779   -8.924  1.00 12.17 ? 62  ASP A O   1 
ATOM   525  C CB  . ASP A 1 71  ? 8.820   8.358   -8.838  1.00 13.42 ? 62  ASP A CB  1 
ATOM   526  C CG  . ASP A 1 71  ? 8.121   7.344   -7.955  1.00 14.83 ? 62  ASP A CG  1 
ATOM   527  O OD1 . ASP A 1 71  ? 7.848   7.682   -6.784  1.00 18.38 ? 62  ASP A OD1 1 
ATOM   528  O OD2 . ASP A 1 71  ? 7.841   6.223   -8.426  1.00 14.87 ? 62  ASP A OD2 1 
ATOM   529  N N   . GLY A 1 72  ? 10.197  5.495   -10.479 1.00 11.71 ? 63  GLY A N   1 
ATOM   530  C CA  . GLY A 1 72  ? 11.088  4.375   -10.247 1.00 13.35 ? 63  GLY A CA  1 
ATOM   531  C C   . GLY A 1 72  ? 10.672  3.428   -9.140  1.00 13.66 ? 63  GLY A C   1 
ATOM   532  O O   . GLY A 1 72  ? 11.276  2.366   -8.975  1.00 14.08 ? 63  GLY A O   1 
ATOM   533  N N   . SER A 1 73  ? 9.656   3.797   -8.367  1.00 13.93 ? 64  SER A N   1 
ATOM   534  C CA  . SER A 1 73  ? 9.208   2.912   -7.301  1.00 14.36 ? 64  SER A CA  1 
ATOM   535  C C   . SER A 1 73  ? 8.482   1.740   -7.952  1.00 13.85 ? 64  SER A C   1 
ATOM   536  O O   . SER A 1 73  ? 8.040   1.828   -9.102  1.00 11.99 ? 64  SER A O   1 
ATOM   537  C CB  . SER A 1 73  ? 8.288   3.651   -6.321  1.00 15.71 ? 64  SER A CB  1 
ATOM   538  O OG  . SER A 1 73  ? 7.140   4.172   -6.961  1.00 17.99 ? 64  SER A OG  1 
ATOM   539  N N   . VAL A 1 74  ? 8.382   0.630   -7.232  1.00 13.08 ? 65  VAL A N   1 
ATOM   540  C CA  . VAL A 1 74  ? 7.714   -0.543  -7.772  1.00 12.22 ? 65  VAL A CA  1 
ATOM   541  C C   . VAL A 1 74  ? 6.676   -1.093  -6.818  1.00 13.37 ? 65  VAL A C   1 
ATOM   542  O O   . VAL A 1 74  ? 6.765   -0.910  -5.601  1.00 13.73 ? 65  VAL A O   1 
ATOM   543  C CB  . VAL A 1 74  ? 8.722   -1.673  -8.092  1.00 15.26 ? 65  VAL A CB  1 
ATOM   544  C CG1 . VAL A 1 74  ? 9.649   -1.242  -9.219  1.00 14.98 ? 65  VAL A CG1 1 
ATOM   545  C CG2 . VAL A 1 74  ? 9.527   -2.019  -6.850  1.00 16.10 ? 65  VAL A CG2 1 
ATOM   546  N N   . ILE A 1 75  ? 5.688   -1.763  -7.393  1.00 11.85 ? 66  ILE A N   1 
ATOM   547  C CA  . ILE A 1 75  ? 4.616   -2.380  -6.638  1.00 12.11 ? 66  ILE A CA  1 
ATOM   548  C C   . ILE A 1 75  ? 4.521   -3.822  -7.118  1.00 10.18 ? 66  ILE A C   1 
ATOM   549  O O   . ILE A 1 75  ? 4.280   -4.074  -8.298  1.00 11.09 ? 66  ILE A O   1 
ATOM   550  C CB  . ILE A 1 75  ? 3.278   -1.656  -6.890  1.00 12.40 ? 66  ILE A CB  1 
ATOM   551  C CG1 . ILE A 1 75  ? 3.324   -0.260  -6.260  1.00 14.04 ? 66  ILE A CG1 1 
ATOM   552  C CG2 . ILE A 1 75  ? 2.121   -2.463  -6.315  1.00 14.52 ? 66  ILE A CG2 1 
ATOM   553  C CD1 . ILE A 1 75  ? 2.144   0.617   -6.640  1.00 14.02 ? 66  ILE A CD1 1 
ATOM   554  N N   . ARG A 1 76  ? 4.732   -4.758  -6.201  1.00 10.73 ? 67  ARG A N   1 
ATOM   555  C CA  . ARG A 1 76  ? 4.669   -6.180  -6.529  1.00 10.01 ? 67  ARG A CA  1 
ATOM   556  C C   . ARG A 1 76  ? 3.359   -6.698  -5.964  1.00 11.54 ? 67  ARG A C   1 
ATOM   557  O O   . ARG A 1 76  ? 3.254   -6.990  -4.773  1.00 12.22 ? 67  ARG A O   1 
ATOM   558  C CB  . ARG A 1 76  ? 5.867   -6.909  -5.917  1.00 12.32 ? 67  ARG A CB  1 
ATOM   559  C CG  . ARG A 1 76  ? 7.193   -6.436  -6.491  1.00 16.93 ? 67  ARG A CG  1 
ATOM   560  C CD  . ARG A 1 76  ? 8.347   -7.337  -6.077  1.00 21.69 ? 67  ARG A CD  1 
ATOM   561  N NE  . ARG A 1 76  ? 9.517   -7.089  -6.910  1.00 25.15 ? 67  ARG A NE  1 
ATOM   562  C CZ  . ARG A 1 76  ? 10.500  -7.962  -7.099  1.00 26.88 ? 67  ARG A CZ  1 
ATOM   563  N NH1 . ARG A 1 76  ? 10.462  -9.152  -6.513  1.00 26.12 ? 67  ARG A NH1 1 
ATOM   564  N NH2 . ARG A 1 76  ? 11.521  -7.644  -7.881  1.00 29.90 ? 67  ARG A NH2 1 
ATOM   565  N N   . ALA A 1 77  ? 2.355   -6.801  -6.826  1.00 10.88 ? 68  ALA A N   1 
ATOM   566  C CA  . ALA A 1 77  ? 1.042   -7.225  -6.378  1.00 11.62 ? 68  ALA A CA  1 
ATOM   567  C C   . ALA A 1 77  ? 0.240   -7.944  -7.443  1.00 12.62 ? 68  ALA A C   1 
ATOM   568  O O   . ALA A 1 77  ? 0.668   -8.076  -8.593  1.00 12.31 ? 68  ALA A O   1 
ATOM   569  C CB  . ALA A 1 77  ? 0.262   -6.007  -5.903  1.00 13.11 ? 68  ALA A CB  1 
ATOM   570  N N   . THR A 1 78  ? -0.931  -8.419  -7.037  1.00 11.45 ? 69  THR A N   1 
ATOM   571  C CA  . THR A 1 78  ? -1.839  -9.084  -7.955  1.00 11.09 ? 69  THR A CA  1 
ATOM   572  C C   . THR A 1 78  ? -2.387  -7.964  -8.848  1.00 11.69 ? 69  THR A C   1 
ATOM   573  O O   . THR A 1 78  ? -2.467  -6.806  -8.424  1.00 11.62 ? 69  THR A O   1 
ATOM   574  C CB  . THR A 1 78  ? -2.971  -9.792  -7.178  1.00 11.19 ? 69  THR A CB  1 
ATOM   575  O OG1 . THR A 1 78  ? -3.568  -8.870  -6.257  1.00 11.63 ? 69  THR A OG1 1 
ATOM   576  C CG2 . THR A 1 78  ? -2.412  -10.978 -6.389  1.00 11.94 ? 69  THR A CG2 1 
ATOM   577  N N   . SER A 1 79  ? -2.758  -8.302  -10.080 1.00 12.40 ? 70  SER A N   1 
ATOM   578  C CA  . SER A 1 79  ? -3.243  -7.300  -11.031 1.00 12.96 ? 70  SER A CA  1 
ATOM   579  C C   . SER A 1 79  ? -4.478  -6.503  -10.603 1.00 12.52 ? 70  SER A C   1 
ATOM   580  O O   . SER A 1 79  ? -4.642  -5.347  -10.999 1.00 12.91 ? 70  SER A O   1 
ATOM   581  C CB  . SER A 1 79  ? -3.506  -7.953  -12.392 1.00 16.06 ? 70  SER A CB  1 
ATOM   582  O OG  . SER A 1 79  ? -4.592  -8.858  -12.321 1.00 20.07 ? 70  SER A OG  1 
ATOM   583  N N   . ASP A 1 80  ? -5.345  -7.110  -9.797  1.00 10.92 ? 71  ASP A N   1 
ATOM   584  C CA  . ASP A 1 80  ? -6.553  -6.425  -9.352  1.00 11.09 ? 71  ASP A CA  1 
ATOM   585  C C   . ASP A 1 80  ? -6.382  -5.625  -8.058  1.00 11.35 ? 71  ASP A C   1 
ATOM   586  O O   . ASP A 1 80  ? -7.336  -5.015  -7.577  1.00 11.56 ? 71  ASP A O   1 
ATOM   587  C CB  . ASP A 1 80  ? -7.685  -7.438  -9.176  1.00 12.25 ? 71  ASP A CB  1 
ATOM   588  C CG  . ASP A 1 80  ? -8.074  -8.104  -10.478 1.00 16.13 ? 71  ASP A CG  1 
ATOM   589  O OD1 . ASP A 1 80  ? -7.995  -9.350  -10.564 1.00 15.92 ? 71  ASP A OD1 1 
ATOM   590  O OD2 . ASP A 1 80  ? -8.460  -7.378  -11.415 1.00 15.60 ? 71  ASP A OD2 1 
ATOM   591  N N   . HIS A 1 81  ? -5.176  -5.610  -7.498  1.00 10.80 ? 72  HIS A N   1 
ATOM   592  C CA  . HIS A 1 81  ? -4.962  -4.865  -6.260  1.00 10.30 ? 72  HIS A CA  1 
ATOM   593  C C   . HIS A 1 81  ? -5.241  -3.385  -6.508  1.00 10.22 ? 72  HIS A C   1 
ATOM   594  O O   . HIS A 1 81  ? -4.650  -2.768  -7.398  1.00 9.11  ? 72  HIS A O   1 
ATOM   595  C CB  . HIS A 1 81  ? -3.530  -5.033  -5.747  1.00 10.52 ? 72  HIS A CB  1 
ATOM   596  C CG  . HIS A 1 81  ? -3.388  -4.764  -4.278  1.00 7.68  ? 72  HIS A CG  1 
ATOM   597  N ND1 . HIS A 1 81  ? -3.804  -3.584  -3.697  1.00 7.78  ? 72  HIS A ND1 1 
ATOM   598  C CD2 . HIS A 1 81  ? -2.949  -5.548  -3.266  1.00 11.29 ? 72  HIS A CD2 1 
ATOM   599  C CE1 . HIS A 1 81  ? -3.630  -3.657  -2.387  1.00 9.01  ? 72  HIS A CE1 1 
ATOM   600  N NE2 . HIS A 1 81  ? -3.113  -4.836  -2.100  1.00 10.40 ? 72  HIS A NE2 1 
ATOM   601  N N   . ARG A 1 82  ? -6.141  -2.819  -5.715  1.00 9.75  ? 73  ARG A N   1 
ATOM   602  C CA  . ARG A 1 82  ? -6.501  -1.415  -5.859  1.00 9.11  ? 73  ARG A CA  1 
ATOM   603  C C   . ARG A 1 82  ? -5.523  -0.473  -5.169  1.00 10.81 ? 73  ARG A C   1 
ATOM   604  O O   . ARG A 1 82  ? -4.929  -0.810  -4.137  1.00 9.89  ? 73  ARG A O   1 
ATOM   605  C CB  . ARG A 1 82  ? -7.898  -1.165  -5.292  1.00 9.99  ? 73  ARG A CB  1 
ATOM   606  C CG  . ARG A 1 82  ? -8.976  -2.096  -5.816  1.00 11.06 ? 73  ARG A CG  1 
ATOM   607  C CD  . ARG A 1 82  ? -10.346 -1.617  -5.361  1.00 13.05 ? 73  ARG A CD  1 
ATOM   608  N NE  . ARG A 1 82  ? -10.428 -1.458  -3.908  1.00 11.91 ? 73  ARG A NE  1 
ATOM   609  C CZ  . ARG A 1 82  ? -11.436 -0.860  -3.277  1.00 13.42 ? 73  ARG A CZ  1 
ATOM   610  N NH1 . ARG A 1 82  ? -12.456 -0.361  -3.964  1.00 13.34 ? 73  ARG A NH1 1 
ATOM   611  N NH2 . ARG A 1 82  ? -11.426 -0.759  -1.954  1.00 15.05 ? 73  ARG A NH2 1 
ATOM   612  N N   . PHE A 1 83  ? -5.371  0.711   -5.755  1.00 10.66 ? 74  PHE A N   1 
ATOM   613  C CA  . PHE A 1 83  ? -4.512  1.758   -5.215  1.00 10.73 ? 74  PHE A CA  1 
ATOM   614  C C   . PHE A 1 83  ? -5.214  3.102   -5.356  1.00 11.01 ? 74  PHE A C   1 
ATOM   615  O O   . PHE A 1 83  ? -6.055  3.279   -6.231  1.00 10.40 ? 74  PHE A O   1 
ATOM   616  C CB  . PHE A 1 83  ? -3.164  1.784   -5.938  1.00 11.40 ? 74  PHE A CB  1 
ATOM   617  C CG  . PHE A 1 83  ? -2.229  0.708   -5.482  1.00 10.39 ? 74  PHE A CG  1 
ATOM   618  C CD1 . PHE A 1 83  ? -2.349  -0.588  -5.968  1.00 12.56 ? 74  PHE A CD1 1 
ATOM   619  C CD2 . PHE A 1 83  ? -1.266  0.977   -4.514  1.00 12.28 ? 74  PHE A CD2 1 
ATOM   620  C CE1 . PHE A 1 83  ? -1.528  -1.607  -5.493  1.00 12.04 ? 74  PHE A CE1 1 
ATOM   621  C CE2 . PHE A 1 83  ? -0.441  -0.037  -4.032  1.00 11.88 ? 74  PHE A CE2 1 
ATOM   622  C CZ  . PHE A 1 83  ? -0.573  -1.328  -4.522  1.00 11.61 ? 74  PHE A CZ  1 
ATOM   623  N N   . LEU A 1 84  ? -4.868  4.044   -4.488  1.00 11.10 ? 75  LEU A N   1 
ATOM   624  C CA  . LEU A 1 84  ? -5.482  5.368   -4.505  1.00 9.99  ? 75  LEU A CA  1 
ATOM   625  C C   . LEU A 1 84  ? -4.948  6.238   -5.638  1.00 10.83 ? 75  LEU A C   1 
ATOM   626  O O   . LEU A 1 84  ? -3.742  6.433   -5.757  1.00 11.19 ? 75  LEU A O   1 
ATOM   627  C CB  . LEU A 1 84  ? -5.227  6.067   -3.168  1.00 12.06 ? 75  LEU A CB  1 
ATOM   628  C CG  . LEU A 1 84  ? -5.792  7.482   -3.045  1.00 11.65 ? 75  LEU A CG  1 
ATOM   629  C CD1 . LEU A 1 84  ? -7.310  7.430   -3.140  1.00 14.82 ? 75  LEU A CD1 1 
ATOM   630  C CD2 . LEU A 1 84  ? -5.353  8.097   -1.726  1.00 14.92 ? 75  LEU A CD2 1 
ATOM   631  N N   . THR A 1 85  ? -5.852  6.759   -6.467  1.00 10.52 ? 76  THR A N   1 
ATOM   632  C CA  . THR A 1 85  ? -5.466  7.619   -7.586  1.00 11.01 ? 76  THR A CA  1 
ATOM   633  C C   . THR A 1 85  ? -5.542  9.084   -7.161  1.00 13.24 ? 76  THR A C   1 
ATOM   634  O O   . THR A 1 85  ? -6.085  9.402   -6.101  1.00 12.36 ? 76  THR A O   1 
ATOM   635  C CB  . THR A 1 85  ? -6.395  7.428   -8.797  1.00 11.75 ? 76  THR A CB  1 
ATOM   636  O OG1 . THR A 1 85  ? -7.725  7.812   -8.436  1.00 11.75 ? 76  THR A OG1 1 
ATOM   637  C CG2 . THR A 1 85  ? -6.393  5.977   -9.252  1.00 13.61 ? 76  THR A CG2 1 
ATOM   638  N N   . THR A 1 86  ? -5.008  9.972   -7.994  1.00 13.89 ? 77  THR A N   1 
ATOM   639  C CA  . THR A 1 86  ? -5.006  11.396  -7.677  1.00 17.12 ? 77  THR A CA  1 
ATOM   640  C C   . THR A 1 86  ? -6.398  11.999  -7.598  1.00 18.62 ? 77  THR A C   1 
ATOM   641  O O   . THR A 1 86  ? -6.596  13.001  -6.915  1.00 19.90 ? 77  THR A O   1 
ATOM   642  C CB  . THR A 1 86  ? -4.182  12.198  -8.691  1.00 18.27 ? 77  THR A CB  1 
ATOM   643  O OG1 . THR A 1 86  ? -4.702  11.982  -10.006 1.00 19.32 ? 77  THR A OG1 1 
ATOM   644  C CG2 . THR A 1 86  ? -2.729  11.775  -8.640  1.00 19.58 ? 77  THR A CG2 1 
ATOM   645  N N   . ASP A 1 87  ? -7.359  11.409  -8.302  1.00 19.52 ? 78  ASP A N   1 
ATOM   646  C CA  . ASP A 1 87  ? -8.721  11.918  -8.244  1.00 21.77 ? 78  ASP A CA  1 
ATOM   647  C C   . ASP A 1 87  ? -9.502  11.128  -7.192  1.00 20.58 ? 78  ASP A C   1 
ATOM   648  O O   . ASP A 1 87  ? -10.731 11.040  -7.216  1.00 22.05 ? 78  ASP A O   1 
ATOM   649  C CB  . ASP A 1 87  ? -9.384  11.863  -9.631  1.00 25.46 ? 78  ASP A CB  1 
ATOM   650  C CG  . ASP A 1 87  ? -9.301  10.502  -10.272 1.00 27.18 ? 78  ASP A CG  1 
ATOM   651  O OD1 . ASP A 1 87  ? -8.235  9.860   -10.181 1.00 29.57 ? 78  ASP A OD1 1 
ATOM   652  O OD2 . ASP A 1 87  ? -10.305 10.083  -10.884 1.00 31.10 ? 78  ASP A OD2 1 
ATOM   653  N N   . TYR A 1 88  ? -8.745  10.567  -6.253  1.00 18.70 ? 79  TYR A N   1 
ATOM   654  C CA  . TYR A 1 88  ? -9.269  9.805   -5.127  1.00 17.47 ? 79  TYR A CA  1 
ATOM   655  C C   . TYR A 1 88  ? -10.215 8.640   -5.393  1.00 18.12 ? 79  TYR A C   1 
ATOM   656  O O   . TYR A 1 88  ? -11.251 8.500   -4.743  1.00 19.45 ? 79  TYR A O   1 
ATOM   657  C CB  . TYR A 1 88  ? -9.892  10.767  -4.109  1.00 19.00 ? 79  TYR A CB  1 
ATOM   658  C CG  . TYR A 1 88  ? -8.864  11.401  -3.193  1.00 19.76 ? 79  TYR A CG  1 
ATOM   659  C CD1 . TYR A 1 88  ? -7.542  11.577  -3.612  1.00 20.32 ? 79  TYR A CD1 1 
ATOM   660  C CD2 . TYR A 1 88  ? -9.206  11.818  -1.912  1.00 20.07 ? 79  TYR A CD2 1 
ATOM   661  C CE1 . TYR A 1 88  ? -6.589  12.151  -2.772  1.00 20.76 ? 79  TYR A CE1 1 
ATOM   662  C CE2 . TYR A 1 88  ? -8.261  12.393  -1.063  1.00 20.67 ? 79  TYR A CE2 1 
ATOM   663  C CZ  . TYR A 1 88  ? -6.958  12.556  -1.499  1.00 21.60 ? 79  TYR A CZ  1 
ATOM   664  O OH  . TYR A 1 88  ? -6.024  13.118  -0.658  1.00 21.72 ? 79  TYR A OH  1 
ATOM   665  N N   . GLN A 1 89  ? -9.844  7.801   -6.349  1.00 16.89 ? 80  GLN A N   1 
ATOM   666  C CA  . GLN A 1 89  ? -10.619 6.610   -6.656  1.00 16.80 ? 80  GLN A CA  1 
ATOM   667  C C   . GLN A 1 89  ? -9.731  5.460   -6.193  1.00 14.51 ? 80  GLN A C   1 
ATOM   668  O O   . GLN A 1 89  ? -8.514  5.624   -6.077  1.00 12.78 ? 80  GLN A O   1 
ATOM   669  C CB  . GLN A 1 89  ? -10.855 6.466   -8.160  1.00 18.10 ? 80  GLN A CB  1 
ATOM   670  C CG  . GLN A 1 89  ? -11.666 7.571   -8.814  1.00 23.30 ? 80  GLN A CG  1 
ATOM   671  C CD  . GLN A 1 89  ? -12.090 7.198   -10.224 1.00 24.12 ? 80  GLN A CD  1 
ATOM   672  O OE1 . GLN A 1 89  ? -12.837 6.241   -10.423 1.00 27.93 ? 80  GLN A OE1 1 
ATOM   673  N NE2 . GLN A 1 89  ? -11.609 7.946   -11.208 1.00 27.09 ? 80  GLN A NE2 1 
ATOM   674  N N   . LEU A 1 90  ? -10.336 4.313   -5.904  1.00 13.15 ? 81  LEU A N   1 
ATOM   675  C CA  . LEU A 1 90  ? -9.583  3.133   -5.495  1.00 13.08 ? 81  LEU A CA  1 
ATOM   676  C C   . LEU A 1 90  ? -9.749  2.187   -6.677  1.00 13.16 ? 81  LEU A C   1 
ATOM   677  O O   . LEU A 1 90  ? -10.776 1.518   -6.811  1.00 13.42 ? 81  LEU A O   1 
ATOM   678  C CB  . LEU A 1 90  ? -10.179 2.528   -4.223  1.00 13.54 ? 81  LEU A CB  1 
ATOM   679  C CG  . LEU A 1 90  ? -10.279 3.495   -3.039  1.00 15.88 ? 81  LEU A CG  1 
ATOM   680  C CD1 . LEU A 1 90  ? -10.955 2.798   -1.869  1.00 18.65 ? 81  LEU A CD1 1 
ATOM   681  C CD2 . LEU A 1 90  ? -8.895  3.987   -2.649  1.00 16.19 ? 81  LEU A CD2 1 
ATOM   682  N N   . LEU A 1 91  ? -8.737  2.150   -7.540  1.00 12.68 ? 82  LEU A N   1 
ATOM   683  C CA  . LEU A 1 91  ? -8.785  1.342   -8.753  1.00 10.92 ? 82  LEU A CA  1 
ATOM   684  C C   . LEU A 1 91  ? -7.688  0.298   -8.853  1.00 11.77 ? 82  LEU A C   1 
ATOM   685  O O   . LEU A 1 91  ? -6.587  0.499   -8.348  1.00 11.21 ? 82  LEU A O   1 
ATOM   686  C CB  . LEU A 1 91  ? -8.695  2.262   -9.978  1.00 11.93 ? 82  LEU A CB  1 
ATOM   687  C CG  . LEU A 1 91  ? -9.692  3.419   -10.060 1.00 14.30 ? 82  LEU A CG  1 
ATOM   688  C CD1 . LEU A 1 91  ? -9.372  4.272   -11.283 1.00 15.34 ? 82  LEU A CD1 1 
ATOM   689  C CD2 . LEU A 1 91  ? -11.114 2.879   -10.135 1.00 16.42 ? 82  LEU A CD2 1 
ATOM   690  N N   . ALA A 1 92  ? -7.995  -0.813  -9.520  1.00 10.45 ? 83  ALA A N   1 
ATOM   691  C CA  . ALA A 1 92  ? -7.025  -1.885  -9.718  1.00 12.29 ? 83  ALA A CA  1 
ATOM   692  C C   . ALA A 1 92  ? -5.776  -1.304  -10.380 1.00 12.38 ? 83  ALA A C   1 
ATOM   693  O O   . ALA A 1 92  ? -5.881  -0.466  -11.275 1.00 11.47 ? 83  ALA A O   1 
ATOM   694  C CB  . ALA A 1 92  ? -7.623  -2.967  -10.601 1.00 11.95 ? 83  ALA A CB  1 
ATOM   695  N N   . ILE A 1 93  ? -4.599  -1.755  -9.952  1.00 10.92 ? 84  ILE A N   1 
ATOM   696  C CA  . ILE A 1 93  ? -3.355  -1.239  -10.516 1.00 11.61 ? 84  ILE A CA  1 
ATOM   697  C C   . ILE A 1 93  ? -3.284  -1.471  -12.026 1.00 11.47 ? 84  ILE A C   1 
ATOM   698  O O   . ILE A 1 93  ? -2.779  -0.625  -12.762 1.00 11.16 ? 84  ILE A O   1 
ATOM   699  C CB  . ILE A 1 93  ? -2.115  -1.849  -9.793  1.00 12.57 ? 84  ILE A CB  1 
ATOM   700  C CG1 . ILE A 1 93  ? -0.835  -1.165  -10.283 1.00 13.05 ? 84  ILE A CG1 1 
ATOM   701  C CG2 . ILE A 1 93  ? -2.051  -3.346  -10.014 1.00 13.29 ? 84  ILE A CG2 1 
ATOM   702  C CD1 . ILE A 1 93  ? -0.793  0.322   -9.984  1.00 14.79 ? 84  ILE A CD1 1 
ATOM   703  N N   . GLU A 1 94  ? -3.806  -2.603  -12.495 1.00 11.69 ? 85  GLU A N   1 
ATOM   704  C CA  . GLU A 1 94  ? -3.806  -2.892  -13.926 1.00 13.32 ? 85  GLU A CA  1 
ATOM   705  C C   . GLU A 1 94  ? -4.682  -1.864  -14.647 1.00 13.46 ? 85  GLU A C   1 
ATOM   706  O O   . GLU A 1 94  ? -4.370  -1.433  -15.759 1.00 11.47 ? 85  GLU A O   1 
ATOM   707  C CB  . GLU A 1 94  ? -4.333  -4.308  -14.176 1.00 15.87 ? 85  GLU A CB  1 
ATOM   708  C CG  . GLU A 1 94  ? -4.397  -4.720  -15.644 1.00 18.18 ? 85  GLU A CG  1 
ATOM   709  C CD  . GLU A 1 94  ? -3.060  -4.600  -16.361 1.00 20.68 ? 85  GLU A CD  1 
ATOM   710  O OE1 . GLU A 1 94  ? -2.010  -4.812  -15.723 1.00 22.05 ? 85  GLU A OE1 1 
ATOM   711  O OE2 . GLU A 1 94  ? -3.064  -4.308  -17.575 1.00 23.96 ? 85  GLU A OE2 1 
ATOM   712  N N   . GLU A 1 95  ? -5.783  -1.470  -14.014 1.00 12.74 ? 86  GLU A N   1 
ATOM   713  C CA  . GLU A 1 95  ? -6.678  -0.472  -14.597 1.00 12.20 ? 86  GLU A CA  1 
ATOM   714  C C   . GLU A 1 95  ? -5.995  0.884   -14.638 1.00 12.48 ? 86  GLU A C   1 
ATOM   715  O O   . GLU A 1 95  ? -6.089  1.612   -15.626 1.00 11.11 ? 86  GLU A O   1 
ATOM   716  C CB  . GLU A 1 95  ? -7.972  -0.372  -13.787 1.00 15.46 ? 86  GLU A CB  1 
ATOM   717  C CG  . GLU A 1 95  ? -8.968  -1.455  -14.122 1.00 19.80 ? 86  GLU A CG  1 
ATOM   718  C CD  . GLU A 1 95  ? -9.366  -1.421  -15.585 1.00 22.82 ? 86  GLU A CD  1 
ATOM   719  O OE1 . GLU A 1 95  ? -9.887  -0.378  -16.031 1.00 21.41 ? 86  GLU A OE1 1 
ATOM   720  O OE2 . GLU A 1 95  ? -9.151  -2.435  -16.284 1.00 27.15 ? 86  GLU A OE2 1 
ATOM   721  N N   . ILE A 1 96  ? -5.301  1.223   -13.558 1.00 11.26 ? 87  ILE A N   1 
ATOM   722  C CA  . ILE A 1 96  ? -4.585  2.490   -13.499 1.00 11.31 ? 87  ILE A CA  1 
ATOM   723  C C   . ILE A 1 96  ? -3.559  2.526   -14.633 1.00 10.64 ? 87  ILE A C   1 
ATOM   724  O O   . ILE A 1 96  ? -3.362  3.558   -15.271 1.00 11.36 ? 87  ILE A O   1 
ATOM   725  C CB  . ILE A 1 96  ? -3.882  2.659   -12.135 1.00 9.52  ? 87  ILE A CB  1 
ATOM   726  C CG1 . ILE A 1 96  ? -4.940  2.799   -11.033 1.00 11.53 ? 87  ILE A CG1 1 
ATOM   727  C CG2 . ILE A 1 96  ? -2.953  3.874   -12.169 1.00 11.72 ? 87  ILE A CG2 1 
ATOM   728  C CD1 . ILE A 1 96  ? -4.378  2.845   -9.621  1.00 11.30 ? 87  ILE A CD1 1 
ATOM   729  N N   . PHE A 1 97  ? -2.920  1.390   -14.894 1.00 10.70 ? 88  PHE A N   1 
ATOM   730  C CA  . PHE A 1 97  ? -1.929  1.299   -15.966 1.00 11.11 ? 88  PHE A CA  1 
ATOM   731  C C   . PHE A 1 97  ? -2.582  1.460   -17.341 1.00 10.43 ? 88  PHE A C   1 
ATOM   732  O O   . PHE A 1 97  ? -2.150  2.281   -18.148 1.00 12.31 ? 88  PHE A O   1 
ATOM   733  C CB  . PHE A 1 97  ? -1.204  -0.052  -15.883 1.00 13.75 ? 88  PHE A CB  1 
ATOM   734  C CG  . PHE A 1 97  ? -0.228  -0.297  -17.000 1.00 16.86 ? 88  PHE A CG  1 
ATOM   735  C CD1 . PHE A 1 97  ? 0.768   0.627   -17.295 1.00 18.63 ? 88  PHE A CD1 1 
ATOM   736  C CD2 . PHE A 1 97  ? -0.283  -1.479  -17.733 1.00 21.47 ? 88  PHE A CD2 1 
ATOM   737  C CE1 . PHE A 1 97  ? 1.696   0.382   -18.310 1.00 21.33 ? 88  PHE A CE1 1 
ATOM   738  C CE2 . PHE A 1 97  ? 0.638   -1.737  -18.749 1.00 21.84 ? 88  PHE A CE2 1 
ATOM   739  C CZ  . PHE A 1 97  ? 1.632   -0.805  -19.035 1.00 22.90 ? 88  PHE A CZ  1 
ATOM   740  N N   . ALA A 1 98  ? -3.630  0.682   -17.599 1.00 11.28 ? 89  ALA A N   1 
ATOM   741  C CA  . ALA A 1 98  ? -4.331  0.743   -18.880 1.00 11.21 ? 89  ALA A CA  1 
ATOM   742  C C   . ALA A 1 98  ? -4.949  2.108   -19.173 1.00 12.07 ? 89  ALA A C   1 
ATOM   743  O O   . ALA A 1 98  ? -5.029  2.520   -20.332 1.00 12.99 ? 89  ALA A O   1 
ATOM   744  C CB  . ALA A 1 98  ? -5.414  -0.337  -18.931 1.00 11.72 ? 89  ALA A CB  1 
ATOM   745  N N   . ARG A 1 99  ? -5.392  2.804   -18.131 1.00 11.94 ? 90  ARG A N   1 
ATOM   746  C CA  . ARG A 1 99  ? -6.017  4.113   -18.292 1.00 12.91 ? 90  ARG A CA  1 
ATOM   747  C C   . ARG A 1 99  ? -5.037  5.274   -18.155 1.00 13.18 ? 90  ARG A C   1 
ATOM   748  O O   . ARG A 1 99  ? -5.403  6.434   -18.366 1.00 12.94 ? 90  ARG A O   1 
ATOM   749  C CB  . ARG A 1 99  ? -7.144  4.278   -17.272 1.00 13.18 ? 90  ARG A CB  1 
ATOM   750  C CG  . ARG A 1 99  ? -8.281  3.282   -17.456 1.00 14.72 ? 90  ARG A CG  1 
ATOM   751  C CD  . ARG A 1 99  ? -9.372  3.499   -16.430 1.00 17.59 ? 90  ARG A CD  1 
ATOM   752  N NE  . ARG A 1 99  ? -9.944  4.837   -16.527 1.00 19.65 ? 90  ARG A NE  1 
ATOM   753  C CZ  . ARG A 1 99  ? -10.866 5.313   -15.696 1.00 21.15 ? 90  ARG A CZ  1 
ATOM   754  N NH1 . ARG A 1 99  ? -11.322 4.557   -14.708 1.00 20.86 ? 90  ARG A NH1 1 
ATOM   755  N NH2 . ARG A 1 99  ? -11.323 6.549   -15.848 1.00 23.39 ? 90  ARG A NH2 1 
ATOM   756  N N   . GLN A 1 100 ? -3.796  4.951   -17.801 1.00 12.83 ? 91  GLN A N   1 
ATOM   757  C CA  . GLN A 1 100 ? -2.750  5.945   -17.610 1.00 12.83 ? 91  GLN A CA  1 
ATOM   758  C C   . GLN A 1 100 ? -3.172  7.040   -16.647 1.00 13.54 ? 91  GLN A C   1 
ATOM   759  O O   . GLN A 1 100 ? -3.002  8.233   -16.906 1.00 13.33 ? 91  GLN A O   1 
ATOM   760  C CB  . GLN A 1 100 ? -2.311  6.539   -18.955 1.00 13.39 ? 91  GLN A CB  1 
ATOM   761  C CG  . GLN A 1 100 ? -1.408  5.596   -19.741 1.00 15.22 ? 91  GLN A CG  1 
ATOM   762  C CD  . GLN A 1 100 ? -0.084  5.343   -19.034 1.00 17.14 ? 91  GLN A CD  1 
ATOM   763  O OE1 . GLN A 1 100 ? 0.769   6.229   -18.964 1.00 18.64 ? 91  GLN A OE1 1 
ATOM   764  N NE2 . GLN A 1 100 ? 0.090   4.140   -18.496 1.00 15.82 ? 91  GLN A NE2 1 
ATOM   765  N N   . LEU A 1 101 ? -3.732  6.610   -15.523 1.00 12.68 ? 92  LEU A N   1 
ATOM   766  C CA  . LEU A 1 101 ? -4.152  7.526   -14.481 1.00 12.42 ? 92  LEU A CA  1 
ATOM   767  C C   . LEU A 1 101 ? -2.965  7.686   -13.542 1.00 12.56 ? 92  LEU A C   1 
ATOM   768  O O   . LEU A 1 101 ? -2.002  6.924   -13.608 1.00 12.29 ? 92  LEU A O   1 
ATOM   769  C CB  . LEU A 1 101 ? -5.338  6.949   -13.715 1.00 13.43 ? 92  LEU A CB  1 
ATOM   770  C CG  . LEU A 1 101 ? -6.651  6.899   -14.494 1.00 16.67 ? 92  LEU A CG  1 
ATOM   771  C CD1 . LEU A 1 101 ? -7.685  6.097   -13.718 1.00 16.64 ? 92  LEU A CD1 1 
ATOM   772  C CD2 . LEU A 1 101 ? -7.135  8.322   -14.741 1.00 17.73 ? 92  LEU A CD2 1 
ATOM   773  N N   . ASP A 1 102 ? -3.030  8.679   -12.670 1.00 13.29 ? 93  ASP A N   1 
ATOM   774  C CA  . ASP A 1 102 ? -1.942  8.900   -11.730 1.00 14.18 ? 93  ASP A CA  1 
ATOM   775  C C   . ASP A 1 102 ? -2.248  8.369   -10.342 1.00 13.68 ? 93  ASP A C   1 
ATOM   776  O O   . ASP A 1 102 ? -3.357  8.544   -9.832  1.00 13.03 ? 93  ASP A O   1 
ATOM   777  C CB  . ASP A 1 102 ? -1.634  10.391  -11.637 1.00 16.43 ? 93  ASP A CB  1 
ATOM   778  C CG  . ASP A 1 102 ? -0.832  10.882  -12.815 1.00 20.26 ? 93  ASP A CG  1 
ATOM   779  O OD1 . ASP A 1 102 ? 0.409   10.797  -12.756 1.00 24.64 ? 93  ASP A OD1 1 
ATOM   780  O OD2 . ASP A 1 102 ? -1.442  11.333  -13.805 1.00 26.89 ? 93  ASP A OD2 1 
ATOM   781  N N   . LEU A 1 103 ? -1.270  7.695   -9.744  1.00 14.21 ? 94  LEU A N   1 
ATOM   782  C CA  . LEU A 1 103 ? -1.428  7.197   -8.387  1.00 14.28 ? 94  LEU A CA  1 
ATOM   783  C C   . LEU A 1 103 ? -1.076  8.374   -7.496  1.00 15.36 ? 94  LEU A C   1 
ATOM   784  O O   . LEU A 1 103 ? -0.190  9.165   -7.834  1.00 14.26 ? 94  LEU A O   1 
ATOM   785  C CB  . LEU A 1 103 ? -0.455  6.055   -8.078  1.00 17.24 ? 94  LEU A CB  1 
ATOM   786  C CG  . LEU A 1 103 ? -0.748  4.643   -8.576  1.00 17.12 ? 94  LEU A CG  1 
ATOM   787  C CD1 . LEU A 1 103 ? -0.098  4.418   -9.930  1.00 19.62 ? 94  LEU A CD1 1 
ATOM   788  C CD2 . LEU A 1 103 ? -0.213  3.645   -7.564  1.00 21.43 ? 94  LEU A CD2 1 
ATOM   789  N N   . LEU A 1 104 ? -1.769  8.493   -6.370  1.00 14.41 ? 95  LEU A N   1 
ATOM   790  C CA  . LEU A 1 104 ? -1.501  9.560   -5.416  1.00 15.91 ? 95  LEU A CA  1 
ATOM   791  C C   . LEU A 1 104 ? -0.509  8.961   -4.427  1.00 16.58 ? 95  LEU A C   1 
ATOM   792  O O   . LEU A 1 104 ? -0.859  8.060   -3.666  1.00 18.10 ? 95  LEU A O   1 
ATOM   793  C CB  . LEU A 1 104 ? -2.797  9.963   -4.693  1.00 16.38 ? 95  LEU A CB  1 
ATOM   794  C CG  . LEU A 1 104 ? -2.844  11.193  -3.772  1.00 17.82 ? 95  LEU A CG  1 
ATOM   795  C CD1 . LEU A 1 104 ? -1.925  10.993  -2.582  1.00 19.15 ? 95  LEU A CD1 1 
ATOM   796  C CD2 . LEU A 1 104 ? -2.453  12.433  -4.549  1.00 19.30 ? 95  LEU A CD2 1 
ATOM   797  N N   . THR A 1 105 ? 0.730   9.440   -4.449  1.00 15.74 ? 96  THR A N   1 
ATOM   798  C CA  . THR A 1 105 ? 1.738   8.917   -3.533  1.00 16.60 ? 96  THR A CA  1 
ATOM   799  C C   . THR A 1 105 ? 2.461   10.021  -2.782  1.00 16.30 ? 96  THR A C   1 
ATOM   800  O O   . THR A 1 105 ? 2.404   11.193  -3.154  1.00 16.41 ? 96  THR A O   1 
ATOM   801  C CB  . THR A 1 105 ? 2.825   8.111   -4.269  1.00 17.19 ? 96  THR A CB  1 
ATOM   802  O OG1 . THR A 1 105 ? 3.747   9.019   -4.889  1.00 16.17 ? 96  THR A OG1 1 
ATOM   803  C CG2 . THR A 1 105 ? 2.203   7.210   -5.332  1.00 15.87 ? 96  THR A CG2 1 
ATOM   804  N N   . LEU A 1 106 ? 3.125   9.631   -1.703  1.00 15.66 ? 97  LEU A N   1 
ATOM   805  C CA  . LEU A 1 106 ? 3.921   10.560  -0.924  1.00 16.62 ? 97  LEU A CA  1 
ATOM   806  C C   . LEU A 1 106 ? 5.345   10.199  -1.314  1.00 17.23 ? 97  LEU A C   1 
ATOM   807  O O   . LEU A 1 106 ? 5.630   9.039   -1.611  1.00 17.93 ? 97  LEU A O   1 
ATOM   808  C CB  . LEU A 1 106 ? 3.721   10.330  0.577   1.00 17.22 ? 97  LEU A CB  1 
ATOM   809  C CG  . LEU A 1 106 ? 2.457   10.870  1.249   1.00 17.99 ? 97  LEU A CG  1 
ATOM   810  C CD1 . LEU A 1 106 ? 1.214   10.376  0.534   1.00 21.79 ? 97  LEU A CD1 1 
ATOM   811  C CD2 . LEU A 1 106 ? 2.451   10.430  2.707   1.00 19.13 ? 97  LEU A CD2 1 
ATOM   812  N N   . GLU A 1 107 ? 6.237   11.179  -1.346  1.00 17.40 ? 98  GLU A N   1 
ATOM   813  C CA  . GLU A 1 107 ? 7.619   10.884  -1.687  1.00 18.37 ? 98  GLU A CA  1 
ATOM   814  C C   . GLU A 1 107 ? 8.504   11.458  -0.593  1.00 17.86 ? 98  GLU A C   1 
ATOM   815  O O   . GLU A 1 107 ? 8.046   12.262  0.218   1.00 17.77 ? 98  GLU A O   1 
ATOM   816  C CB  . GLU A 1 107 ? 7.991   11.484  -3.047  1.00 20.12 ? 98  GLU A CB  1 
ATOM   817  C CG  . GLU A 1 107 ? 8.300   12.969  -3.030  1.00 23.04 ? 98  GLU A CG  1 
ATOM   818  C CD  . GLU A 1 107 ? 8.703   13.493  -4.397  1.00 25.19 ? 98  GLU A CD  1 
ATOM   819  O OE1 . GLU A 1 107 ? 9.506   12.830  -5.087  1.00 28.86 ? 98  GLU A OE1 1 
ATOM   820  O OE2 . GLU A 1 107 ? 8.224   14.579  -4.776  1.00 27.45 ? 98  GLU A OE2 1 
ATOM   821  N N   . ASN A 1 108 ? 9.763   11.037  -0.571  1.00 19.67 ? 99  ASN A N   1 
ATOM   822  C CA  . ASN A 1 108 ? 10.710  11.514  0.429   1.00 20.05 ? 99  ASN A CA  1 
ATOM   823  C C   . ASN A 1 108 ? 10.228  11.174  1.832   1.00 20.67 ? 99  ASN A C   1 
ATOM   824  O O   . ASN A 1 108 ? 10.378  11.966  2.760   1.00 19.35 ? 99  ASN A O   1 
ATOM   825  C CB  . ASN A 1 108 ? 10.903  13.026  0.298   1.00 21.70 ? 99  ASN A CB  1 
ATOM   826  C CG  . ASN A 1 108 ? 11.498  13.421  -1.035  1.00 24.00 ? 99  ASN A CG  1 
ATOM   827  O OD1 . ASN A 1 108 ? 12.464  12.813  -1.496  1.00 26.07 ? 99  ASN A OD1 1 
ATOM   828  N ND2 . ASN A 1 108 ? 10.930  14.443  -1.660  1.00 25.29 ? 99  ASN A ND2 1 
ATOM   829  N N   . ILE A 1 109 ? 9.641   9.989   1.968   1.00 20.44 ? 100 ILE A N   1 
ATOM   830  C CA  . ILE A 1 109 ? 9.125   9.516   3.246   1.00 20.66 ? 100 ILE A CA  1 
ATOM   831  C C   . ILE A 1 109 ? 10.248  8.983   4.118   1.00 17.75 ? 100 ILE A C   1 
ATOM   832  O O   . ILE A 1 109 ? 11.116  8.256   3.649   1.00 17.54 ? 100 ILE A O   1 
ATOM   833  C CB  . ILE A 1 109 ? 8.110   8.368   3.050   1.00 22.08 ? 100 ILE A CB  1 
ATOM   834  C CG1 . ILE A 1 109 ? 6.845   8.895   2.378   1.00 25.36 ? 100 ILE A CG1 1 
ATOM   835  C CG2 . ILE A 1 109 ? 7.792   7.714   4.391   1.00 23.78 ? 100 ILE A CG2 1 
ATOM   836  C CD1 . ILE A 1 109 ? 5.812   7.821   2.117   1.00 26.63 ? 100 ILE A CD1 1 
ATOM   837  N N   . LYS A 1 110 ? 10.223  9.345   5.393   1.00 17.68 ? 101 LYS A N   1 
ATOM   838  C CA  . LYS A 1 110 ? 11.226  8.869   6.332   1.00 16.72 ? 101 LYS A CA  1 
ATOM   839  C C   . LYS A 1 110 ? 10.999  7.362   6.466   1.00 16.22 ? 101 LYS A C   1 
ATOM   840  O O   . LYS A 1 110 ? 9.879   6.922   6.723   1.00 16.22 ? 101 LYS A O   1 
ATOM   841  C CB  . LYS A 1 110 ? 11.033  9.573   7.676   1.00 19.83 ? 101 LYS A CB  1 
ATOM   842  C CG  . LYS A 1 110 ? 12.048  9.227   8.740   1.00 23.89 ? 101 LYS A CG  1 
ATOM   843  C CD  . LYS A 1 110 ? 12.024  10.272  9.852   1.00 25.08 ? 101 LYS A CD  1 
ATOM   844  C CE  . LYS A 1 110 ? 10.615  10.502  10.383  1.00 26.86 ? 101 LYS A CE  1 
ATOM   845  N NZ  . LYS A 1 110 ? 10.589  11.537  11.456  1.00 27.45 ? 101 LYS A NZ  1 
ATOM   846  N N   . GLN A 1 111 ? 12.053  6.571   6.280   1.00 13.11 ? 102 GLN A N   1 
ATOM   847  C CA  . GLN A 1 111 ? 11.932  5.120   6.367   1.00 12.89 ? 102 GLN A CA  1 
ATOM   848  C C   . GLN A 1 111 ? 12.213  4.615   7.780   1.00 12.08 ? 102 GLN A C   1 
ATOM   849  O O   . GLN A 1 111 ? 13.101  3.789   7.996   1.00 12.71 ? 102 GLN A O   1 
ATOM   850  C CB  . GLN A 1 111 ? 12.885  4.461   5.368   1.00 13.10 ? 102 GLN A CB  1 
ATOM   851  C CG  . GLN A 1 111 ? 12.596  4.845   3.919   1.00 12.86 ? 102 GLN A CG  1 
ATOM   852  C CD  . GLN A 1 111 ? 11.222  4.377   3.460   1.00 14.35 ? 102 GLN A CD  1 
ATOM   853  O OE1 . GLN A 1 111 ? 10.962  3.180   3.386   1.00 17.65 ? 102 GLN A OE1 1 
ATOM   854  N NE2 . GLN A 1 111 ? 10.339  5.322   3.160   1.00 13.39 ? 102 GLN A NE2 1 
ATOM   855  N N   . THR A 1 112 ? 11.442  5.116   8.736   1.00 13.13 ? 103 THR A N   1 
ATOM   856  C CA  . THR A 1 112 ? 11.601  4.733   10.134  1.00 13.43 ? 103 THR A CA  1 
ATOM   857  C C   . THR A 1 112 ? 10.242  4.650   10.796  1.00 13.88 ? 103 THR A C   1 
ATOM   858  O O   . THR A 1 112 ? 9.208   4.844   10.151  1.00 13.17 ? 103 THR A O   1 
ATOM   859  C CB  . THR A 1 112 ? 12.386  5.785   10.923  1.00 15.10 ? 103 THR A CB  1 
ATOM   860  O OG1 . THR A 1 112 ? 11.572  6.957   11.077  1.00 14.41 ? 103 THR A OG1 1 
ATOM   861  C CG2 . THR A 1 112 ? 13.673  6.155   10.199  1.00 16.32 ? 103 THR A CG2 1 
ATOM   862  N N   . GLU A 1 113 ? 10.253  4.367   12.095  1.00 13.74 ? 104 GLU A N   1 
ATOM   863  C CA  . GLU A 1 113 ? 9.022   4.311   12.864  1.00 12.83 ? 104 GLU A CA  1 
ATOM   864  C C   . GLU A 1 113 ? 8.528   5.752   12.962  1.00 12.84 ? 104 GLU A C   1 
ATOM   865  O O   . GLU A 1 113 ? 9.312   6.686   12.797  1.00 13.79 ? 104 GLU A O   1 
ATOM   866  C CB  . GLU A 1 113 ? 9.289   3.746   14.269  1.00 13.19 ? 104 GLU A CB  1 
ATOM   867  C CG  . GLU A 1 113 ? 10.155  4.609   15.199  1.00 17.22 ? 104 GLU A CG  1 
ATOM   868  C CD  . GLU A 1 113 ? 11.605  4.746   14.758  1.00 18.54 ? 104 GLU A CD  1 
ATOM   869  O OE1 . GLU A 1 113 ? 12.138  3.823   14.101  1.00 16.39 ? 104 GLU A OE1 1 
ATOM   870  O OE2 . GLU A 1 113 ? 12.224  5.782   15.094  1.00 21.01 ? 104 GLU A OE2 1 
ATOM   871  N N   . GLU A 1 114 ? 7.236   5.935   13.209  1.00 13.68 ? 105 GLU A N   1 
ATOM   872  C CA  . GLU A 1 114 ? 6.666   7.275   13.331  1.00 15.27 ? 105 GLU A CA  1 
ATOM   873  C C   . GLU A 1 114 ? 7.082   8.164   12.158  1.00 15.11 ? 105 GLU A C   1 
ATOM   874  O O   . GLU A 1 114 ? 7.560   9.281   12.363  1.00 15.29 ? 105 GLU A O   1 
ATOM   875  C CB  . GLU A 1 114 ? 7.132   7.922   14.640  1.00 18.63 ? 105 GLU A CB  1 
ATOM   876  C CG  . GLU A 1 114 ? 6.851   7.101   15.887  1.00 25.16 ? 105 GLU A CG  1 
ATOM   877  C CD  . GLU A 1 114 ? 5.381   7.096   16.272  1.00 28.64 ? 105 GLU A CD  1 
ATOM   878  O OE1 . GLU A 1 114 ? 4.578   7.780   15.600  1.00 29.59 ? 105 GLU A OE1 1 
ATOM   879  O OE2 . GLU A 1 114 ? 5.029   6.413   17.257  1.00 32.76 ? 105 GLU A OE2 1 
ATOM   880  N N   . ALA A 1 115 ? 6.904   7.670   10.935  1.00 14.20 ? 106 ALA A N   1 
ATOM   881  C CA  . ALA A 1 115 ? 7.275   8.435   9.744   1.00 15.77 ? 106 ALA A CA  1 
ATOM   882  C C   . ALA A 1 115 ? 6.497   9.747   9.659   1.00 17.39 ? 106 ALA A C   1 
ATOM   883  O O   . ALA A 1 115 ? 6.987   10.730  9.099   1.00 17.81 ? 106 ALA A O   1 
ATOM   884  C CB  . ALA A 1 115 ? 7.044   7.598   8.487   1.00 15.62 ? 106 ALA A CB  1 
ATOM   885  N N   . LEU A 1 116 ? 5.288   9.755   10.212  1.00 17.97 ? 107 LEU A N   1 
ATOM   886  C CA  . LEU A 1 116 ? 4.443   10.944  10.221  1.00 21.59 ? 107 LEU A CA  1 
ATOM   887  C C   . LEU A 1 116 ? 4.192   11.355  11.673  1.00 23.77 ? 107 LEU A C   1 
ATOM   888  O O   . LEU A 1 116 ? 4.246   10.515  12.573  1.00 22.95 ? 107 LEU A O   1 
ATOM   889  C CB  . LEU A 1 116 ? 3.110   10.651  9.517   1.00 20.15 ? 107 LEU A CB  1 
ATOM   890  C CG  . LEU A 1 116 ? 3.201   10.168  8.064   1.00 20.55 ? 107 LEU A CG  1 
ATOM   891  C CD1 . LEU A 1 116 ? 1.802   9.858   7.544   1.00 19.77 ? 107 LEU A CD1 1 
ATOM   892  C CD2 . LEU A 1 116 ? 3.874   11.231  7.201   1.00 22.78 ? 107 LEU A CD2 1 
ATOM   893  N N   . ASP A 1 117 ? 3.914   12.638  11.900  1.00 26.40 ? 108 ASP A N   1 
ATOM   894  C CA  . ASP A 1 117 ? 3.671   13.130  13.256  1.00 28.13 ? 108 ASP A CA  1 
ATOM   895  C C   . ASP A 1 117 ? 2.397   12.558  13.856  1.00 29.48 ? 108 ASP A C   1 
ATOM   896  O O   . ASP A 1 117 ? 1.291   13.034  13.583  1.00 29.50 ? 108 ASP A O   1 
ATOM   897  C CB  . ASP A 1 117 ? 3.579   14.656  13.278  1.00 28.56 ? 108 ASP A CB  1 
ATOM   898  C CG  . ASP A 1 117 ? 3.635   15.219  14.689  1.00 29.03 ? 108 ASP A CG  1 
ATOM   899  O OD1 . ASP A 1 117 ? 3.019   14.626  15.599  1.00 30.10 ? 108 ASP A OD1 1 
ATOM   900  O OD2 . ASP A 1 117 ? 4.294   16.261  14.884  1.00 28.74 ? 108 ASP A OD2 1 
ATOM   901  N N   . ASN A 1 118 ? 2.563   11.548  14.701  1.00 31.33 ? 109 ASN A N   1 
ATOM   902  C CA  . ASN A 1 118 ? 1.438   10.893  15.355  1.00 32.80 ? 109 ASN A CA  1 
ATOM   903  C C   . ASN A 1 118 ? 0.560   11.866  16.144  1.00 32.21 ? 109 ASN A C   1 
ATOM   904  O O   . ASN A 1 118 ? -0.650  11.674  16.243  1.00 32.85 ? 109 ASN A O   1 
ATOM   905  C CB  . ASN A 1 118 ? 1.967   9.790   16.274  1.00 35.70 ? 109 ASN A CB  1 
ATOM   906  C CG  . ASN A 1 118 ? 3.097   10.272  17.161  1.00 38.13 ? 109 ASN A CG  1 
ATOM   907  O OD1 . ASN A 1 118 ? 2.933   10.423  18.368  1.00 41.57 ? 109 ASN A OD1 1 
ATOM   908  N ND2 . ASN A 1 118 ? 4.253   10.525  16.560  1.00 38.36 ? 109 ASN A ND2 1 
ATOM   909  N N   . HIS A 1 119 ? 1.170   12.906  16.703  1.00 31.88 ? 110 HIS A N   1 
ATOM   910  C CA  . HIS A 1 119 ? 0.430   13.890  17.488  1.00 29.91 ? 110 HIS A CA  1 
ATOM   911  C C   . HIS A 1 119 ? -0.575  14.681  16.661  1.00 29.00 ? 110 HIS A C   1 
ATOM   912  O O   . HIS A 1 119 ? -1.677  14.987  17.122  1.00 28.74 ? 110 HIS A O   1 
ATOM   913  C CB  . HIS A 1 119 ? 1.400   14.876  18.155  1.00 31.14 ? 110 HIS A CB  1 
ATOM   914  C CG  . HIS A 1 119 ? 1.834   14.481  19.534  1.00 32.28 ? 110 HIS A CG  1 
ATOM   915  N ND1 . HIS A 1 119 ? 3.159   14.302  19.873  1.00 33.42 ? 110 HIS A ND1 1 
ATOM   916  C CD2 . HIS A 1 119 ? 1.127   14.289  20.670  1.00 32.40 ? 110 HIS A CD2 1 
ATOM   917  C CE1 . HIS A 1 119 ? 3.247   14.018  21.159  1.00 33.33 ? 110 HIS A CE1 1 
ATOM   918  N NE2 . HIS A 1 119 ? 2.028   14.003  21.668  1.00 34.11 ? 110 HIS A NE2 1 
ATOM   919  N N   . ARG A 1 120 ? -0.198  15.002  15.429  1.00 28.02 ? 111 ARG A N   1 
ATOM   920  C CA  . ARG A 1 120 ? -1.063  15.794  14.562  1.00 28.23 ? 111 ARG A CA  1 
ATOM   921  C C   . ARG A 1 120 ? -2.115  15.012  13.790  1.00 27.15 ? 111 ARG A C   1 
ATOM   922  O O   . ARG A 1 120 ? -3.006  15.605  13.191  1.00 27.66 ? 111 ARG A O   1 
ATOM   923  C CB  . ARG A 1 120 ? -0.212  16.608  13.590  1.00 28.76 ? 111 ARG A CB  1 
ATOM   924  C CG  . ARG A 1 120 ? 0.794   17.504  14.300  1.00 29.97 ? 111 ARG A CG  1 
ATOM   925  C CD  . ARG A 1 120 ? 1.627   18.278  13.306  1.00 30.93 ? 111 ARG A CD  1 
ATOM   926  N NE  . ARG A 1 120 ? 0.786   19.100  12.445  1.00 31.30 ? 111 ARG A NE  1 
ATOM   927  C CZ  . ARG A 1 120 ? 1.252   19.861  11.464  1.00 33.24 ? 111 ARG A CZ  1 
ATOM   928  N NH1 . ARG A 1 120 ? 2.554   19.903  11.216  1.00 34.31 ? 111 ARG A NH1 1 
ATOM   929  N NH2 . ARG A 1 120 ? 0.418   20.589  10.736  1.00 34.54 ? 111 ARG A NH2 1 
ATOM   930  N N   . LEU A 1 121 ? -2.020  13.686  13.804  1.00 26.82 ? 112 LEU A N   1 
ATOM   931  C CA  . LEU A 1 121 ? -2.998  12.856  13.103  1.00 25.58 ? 112 LEU A CA  1 
ATOM   932  C C   . LEU A 1 121 ? -4.291  12.752  13.914  1.00 25.19 ? 112 LEU A C   1 
ATOM   933  O O   . LEU A 1 121 ? -4.258  12.735  15.146  1.00 25.33 ? 112 LEU A O   1 
ATOM   934  C CB  . LEU A 1 121 ? -2.440  11.451  12.865  1.00 26.50 ? 112 LEU A CB  1 
ATOM   935  C CG  . LEU A 1 121 ? -1.167  11.322  12.034  1.00 27.23 ? 112 LEU A CG  1 
ATOM   936  C CD1 . LEU A 1 121 ? -0.793  9.857   11.922  1.00 28.01 ? 112 LEU A CD1 1 
ATOM   937  C CD2 . LEU A 1 121 ? -1.377  11.929  10.656  1.00 28.85 ? 112 LEU A CD2 1 
ATOM   938  N N   . PRO A 1 122 ? -5.453  12.670  13.237  1.00 23.75 ? 113 PRO A N   1 
ATOM   939  C CA  . PRO A 1 122 ? -5.664  12.665  11.782  1.00 23.80 ? 113 PRO A CA  1 
ATOM   940  C C   . PRO A 1 122 ? -5.310  13.998  11.125  1.00 23.71 ? 113 PRO A C   1 
ATOM   941  O O   . PRO A 1 122 ? -5.425  15.057  11.742  1.00 24.49 ? 113 PRO A O   1 
ATOM   942  C CB  . PRO A 1 122 ? -7.153  12.350  11.647  1.00 22.90 ? 113 PRO A CB  1 
ATOM   943  C CG  . PRO A 1 122 ? -7.466  11.593  12.904  1.00 25.01 ? 113 PRO A CG  1 
ATOM   944  C CD  . PRO A 1 122 ? -6.719  12.389  13.935  1.00 24.31 ? 113 PRO A CD  1 
ATOM   945  N N   . PHE A 1 123 ? -4.907  13.934  9.861   1.00 23.57 ? 114 PHE A N   1 
ATOM   946  C CA  . PHE A 1 123 ? -4.512  15.119  9.108   1.00 22.98 ? 114 PHE A CA  1 
ATOM   947  C C   . PHE A 1 123 ? -4.756  14.830  7.624   1.00 21.16 ? 114 PHE A C   1 
ATOM   948  O O   . PHE A 1 123 ? -4.622  13.691  7.182   1.00 19.07 ? 114 PHE A O   1 
ATOM   949  C CB  . PHE A 1 123 ? -3.022  15.388  9.357   1.00 25.86 ? 114 PHE A CB  1 
ATOM   950  C CG  . PHE A 1 123 ? -2.563  16.754  8.939   1.00 28.87 ? 114 PHE A CG  1 
ATOM   951  C CD1 . PHE A 1 123 ? -2.897  17.875  9.693   1.00 31.47 ? 114 PHE A CD1 1 
ATOM   952  C CD2 . PHE A 1 123 ? -1.778  16.919  7.804   1.00 30.78 ? 114 PHE A CD2 1 
ATOM   953  C CE1 . PHE A 1 123 ? -2.452  19.145  9.322   1.00 31.79 ? 114 PHE A CE1 1 
ATOM   954  C CE2 . PHE A 1 123 ? -1.327  18.181  7.424   1.00 31.68 ? 114 PHE A CE2 1 
ATOM   955  C CZ  . PHE A 1 123 ? -1.663  19.297  8.184   1.00 32.37 ? 114 PHE A CZ  1 
ATOM   956  N N   . PRO A 1 124 ? -5.133  15.851  6.838   1.00 19.64 ? 115 PRO A N   1 
ATOM   957  C CA  . PRO A 1 124 ? -5.379  15.635  5.406   1.00 19.47 ? 115 PRO A CA  1 
ATOM   958  C C   . PRO A 1 124 ? -4.175  15.007  4.697   1.00 18.95 ? 115 PRO A C   1 
ATOM   959  O O   . PRO A 1 124 ? -3.041  15.459  4.857   1.00 19.44 ? 115 PRO A O   1 
ATOM   960  C CB  . PRO A 1 124 ? -5.679  17.042  4.894   1.00 20.59 ? 115 PRO A CB  1 
ATOM   961  C CG  . PRO A 1 124 ? -6.353  17.675  6.063   1.00 20.36 ? 115 PRO A CG  1 
ATOM   962  C CD  . PRO A 1 124 ? -5.480  17.232  7.222   1.00 20.29 ? 115 PRO A CD  1 
ATOM   963  N N   . LEU A 1 125 ? -4.426  13.968  3.908   1.00 17.73 ? 116 LEU A N   1 
ATOM   964  C CA  . LEU A 1 125 ? -3.358  13.290  3.184   1.00 18.21 ? 116 LEU A CA  1 
ATOM   965  C C   . LEU A 1 125 ? -2.593  14.227  2.257   1.00 18.66 ? 116 LEU A C   1 
ATOM   966  O O   . LEU A 1 125 ? -1.364  14.222  2.236   1.00 18.97 ? 116 LEU A O   1 
ATOM   967  C CB  . LEU A 1 125 ? -3.925  12.130  2.361   1.00 16.50 ? 116 LEU A CB  1 
ATOM   968  C CG  . LEU A 1 125 ? -2.937  11.422  1.423   1.00 17.06 ? 116 LEU A CG  1 
ATOM   969  C CD1 . LEU A 1 125 ? -1.798  10.816  2.229   1.00 18.43 ? 116 LEU A CD1 1 
ATOM   970  C CD2 . LEU A 1 125 ? -3.666  10.342  0.631   1.00 17.74 ? 116 LEU A CD2 1 
ATOM   971  N N   . LEU A 1 126 ? -3.320  15.034  1.492   1.00 20.36 ? 117 LEU A N   1 
ATOM   972  C CA  . LEU A 1 126 ? -2.685  15.947  0.550   1.00 22.56 ? 117 LEU A CA  1 
ATOM   973  C C   . LEU A 1 126 ? -1.838  17.035  1.202   1.00 23.62 ? 117 LEU A C   1 
ATOM   974  O O   . LEU A 1 126 ? -1.141  17.778  0.514   1.00 23.41 ? 117 LEU A O   1 
ATOM   975  C CB  . LEU A 1 126 ? -3.743  16.577  -0.359  1.00 23.57 ? 117 LEU A CB  1 
ATOM   976  C CG  . LEU A 1 126 ? -4.385  15.591  -1.339  1.00 25.21 ? 117 LEU A CG  1 
ATOM   977  C CD1 . LEU A 1 126 ? -5.530  16.259  -2.074  1.00 26.08 ? 117 LEU A CD1 1 
ATOM   978  C CD2 . LEU A 1 126 ? -3.335  15.096  -2.322  1.00 26.66 ? 117 LEU A CD2 1 
ATOM   979  N N   . ASP A 1 127 ? -1.890  17.117  2.527   1.00 24.19 ? 118 ASP A N   1 
ATOM   980  C CA  . ASP A 1 127 ? -1.120  18.116  3.266   1.00 26.15 ? 118 ASP A CA  1 
ATOM   981  C C   . ASP A 1 127 ? -0.174  17.441  4.258   1.00 26.96 ? 118 ASP A C   1 
ATOM   982  O O   . ASP A 1 127 ? 0.581   18.114  4.966   1.00 27.87 ? 118 ASP A O   1 
ATOM   983  C CB  . ASP A 1 127 ? -2.066  19.043  4.034   1.00 27.32 ? 118 ASP A CB  1 
ATOM   984  C CG  . ASP A 1 127 ? -2.947  19.878  3.121   1.00 28.61 ? 118 ASP A CG  1 
ATOM   985  O OD1 . ASP A 1 127 ? -4.040  20.283  3.570   1.00 30.83 ? 118 ASP A OD1 1 
ATOM   986  O OD2 . ASP A 1 127 ? -2.547  20.144  1.967   1.00 30.95 ? 118 ASP A OD2 1 
ATOM   987  N N   . ALA A 1 128 ? -0.217  16.112  4.297   1.00 27.29 ? 119 ALA A N   1 
ATOM   988  C CA  . ALA A 1 128 ? 0.597   15.326  5.222   1.00 27.28 ? 119 ALA A CA  1 
ATOM   989  C C   . ALA A 1 128 ? 2.070   15.223  4.848   1.00 27.85 ? 119 ALA A C   1 
ATOM   990  O O   . ALA A 1 128 ? 2.909   14.919  5.696   1.00 28.86 ? 119 ALA A O   1 
ATOM   991  C CB  . ALA A 1 128 ? 0.004   13.931  5.365   1.00 27.44 ? 119 ALA A CB  1 
ATOM   992  N N   . GLY A 1 129 ? 2.383   15.469  3.582   1.00 27.40 ? 120 GLY A N   1 
ATOM   993  C CA  . GLY A 1 129 ? 3.762   15.390  3.139   1.00 26.11 ? 120 GLY A CA  1 
ATOM   994  C C   . GLY A 1 129 ? 3.896   15.775  1.682   1.00 25.54 ? 120 GLY A C   1 
ATOM   995  O O   . GLY A 1 129 ? 2.965   16.318  1.092   1.00 25.27 ? 120 GLY A O   1 
ATOM   996  N N   . THR A 1 130 ? 5.055   15.497  1.095   1.00 24.57 ? 121 THR A N   1 
ATOM   997  C CA  . THR A 1 130 ? 5.279   15.826  -0.304  1.00 23.06 ? 121 THR A CA  1 
ATOM   998  C C   . THR A 1 130 ? 4.499   14.867  -1.193  1.00 20.74 ? 121 THR A C   1 
ATOM   999  O O   . THR A 1 130 ? 4.771   13.668  -1.216  1.00 20.86 ? 121 THR A O   1 
ATOM   1000 C CB  . THR A 1 130 ? 6.770   15.737  -0.666  1.00 24.16 ? 121 THR A CB  1 
ATOM   1001 O OG1 . THR A 1 130 ? 7.522   16.587  0.209   1.00 26.45 ? 121 THR A OG1 1 
ATOM   1002 C CG2 . THR A 1 130 ? 6.993   16.187  -2.104  1.00 24.72 ? 121 THR A CG2 1 
ATOM   1003 N N   . ILE A 1 131 ? 3.528   15.406  -1.921  1.00 20.05 ? 122 ILE A N   1 
ATOM   1004 C CA  . ILE A 1 131 ? 2.699   14.603  -2.813  1.00 19.73 ? 122 ILE A CA  1 
ATOM   1005 C C   . ILE A 1 131 ? 3.362   14.434  -4.176  1.00 19.74 ? 122 ILE A C   1 
ATOM   1006 O O   . ILE A 1 131 ? 3.854   15.394  -4.771  1.00 19.28 ? 122 ILE A O   1 
ATOM   1007 C CB  . ILE A 1 131 ? 1.312   15.243  -3.012  1.00 20.90 ? 122 ILE A CB  1 
ATOM   1008 C CG1 . ILE A 1 131 ? 0.600   15.379  -1.664  1.00 21.52 ? 122 ILE A CG1 1 
ATOM   1009 C CG2 . ILE A 1 131 ? 0.478   14.395  -3.970  1.00 19.96 ? 122 ILE A CG2 1 
ATOM   1010 C CD1 . ILE A 1 131 ? 0.302   14.061  -0.986  1.00 22.38 ? 122 ILE A CD1 1 
ATOM   1011 N N   . LYS A 1 132 ? 3.368   13.201  -4.665  1.00 17.96 ? 123 LYS A N   1 
ATOM   1012 C CA  . LYS A 1 132 ? 3.968   12.880  -5.949  1.00 18.82 ? 123 LYS A CA  1 
ATOM   1013 C C   . LYS A 1 132 ? 2.954   12.086  -6.759  1.00 17.94 ? 123 LYS A C   1 
ATOM   1014 O O   . LYS A 1 132 ? 2.590   10.975  -6.385  1.00 17.53 ? 123 LYS A O   1 
ATOM   1015 C CB  . LYS A 1 132 ? 5.235   12.048  -5.724  1.00 21.24 ? 123 LYS A CB  1 
ATOM   1016 C CG  . LYS A 1 132 ? 5.979   11.638  -6.983  1.00 24.31 ? 123 LYS A CG  1 
ATOM   1017 C CD  . LYS A 1 132 ? 6.593   12.823  -7.708  1.00 23.85 ? 123 LYS A CD  1 
ATOM   1018 C CE  . LYS A 1 132 ? 7.439   12.345  -8.882  1.00 27.44 ? 123 LYS A CE  1 
ATOM   1019 N NZ  . LYS A 1 132 ? 8.052   13.479  -9.633  1.00 26.55 ? 123 LYS A NZ  1 
ATOM   1020 N N   . MET A 1 133 ? 2.489   12.668  -7.861  1.00 16.02 ? 124 MET A N   1 
ATOM   1021 C CA  . MET A 1 133 ? 1.515   12.008  -8.719  1.00 16.53 ? 124 MET A CA  1 
ATOM   1022 C C   . MET A 1 133 ? 2.272   11.297  -9.836  1.00 15.76 ? 124 MET A C   1 
ATOM   1023 O O   . MET A 1 133 ? 2.962   11.933  -10.635 1.00 14.76 ? 124 MET A O   1 
ATOM   1024 C CB  . MET A 1 133 ? 0.541   13.048  -9.280  1.00 17.00 ? 124 MET A CB  1 
ATOM   1025 C CG  . MET A 1 133 ? -0.056  13.935  -8.192  1.00 20.40 ? 124 MET A CG  1 
ATOM   1026 S SD  . MET A 1 133 ? -1.234  15.171  -8.770  1.00 25.46 ? 124 MET A SD  1 
ATOM   1027 C CE  . MET A 1 133 ? -0.127  16.383  -9.497  1.00 24.21 ? 124 MET A CE  1 
ATOM   1028 N N   . VAL A 1 134 ? 2.154   9.973   -9.883  1.00 14.97 ? 125 VAL A N   1 
ATOM   1029 C CA  . VAL A 1 134 ? 2.872   9.202   -10.884 1.00 14.49 ? 125 VAL A CA  1 
ATOM   1030 C C   . VAL A 1 134 ? 2.042   8.140   -11.589 1.00 13.93 ? 125 VAL A C   1 
ATOM   1031 O O   . VAL A 1 134 ? 1.154   7.523   -10.998 1.00 12.49 ? 125 VAL A O   1 
ATOM   1032 C CB  . VAL A 1 134 ? 4.105   8.511   -10.262 1.00 16.42 ? 125 VAL A CB  1 
ATOM   1033 C CG1 . VAL A 1 134 ? 5.091   9.561   -9.770  1.00 17.74 ? 125 VAL A CG1 1 
ATOM   1034 C CG2 . VAL A 1 134 ? 3.673   7.610   -9.115  1.00 17.77 ? 125 VAL A CG2 1 
ATOM   1035 N N   . LYS A 1 135 ? 2.341   7.931   -12.865 1.00 13.89 ? 126 LYS A N   1 
ATOM   1036 C CA  . LYS A 1 135 ? 1.632   6.932   -13.647 1.00 14.21 ? 126 LYS A CA  1 
ATOM   1037 C C   . LYS A 1 135 ? 2.415   5.630   -13.595 1.00 13.42 ? 126 LYS A C   1 
ATOM   1038 O O   . LYS A 1 135 ? 3.560   5.600   -13.138 1.00 12.29 ? 126 LYS A O   1 
ATOM   1039 C CB  . LYS A 1 135 ? 1.506   7.379   -15.106 1.00 16.58 ? 126 LYS A CB  1 
ATOM   1040 C CG  . LYS A 1 135 ? 0.770   8.696   -15.303 1.00 17.85 ? 126 LYS A CG  1 
ATOM   1041 C CD  . LYS A 1 135 ? 0.692   9.066   -16.778 1.00 20.70 ? 126 LYS A CD  1 
ATOM   1042 C CE  . LYS A 1 135 ? 0.057   10.434  -16.971 1.00 22.50 ? 126 LYS A CE  1 
ATOM   1043 N NZ  . LYS A 1 135 ? -1.328  10.488  -16.430 1.00 25.80 ? 126 LYS A NZ  1 
ATOM   1044 N N   . VAL A 1 136 ? 1.786   4.556   -14.054 1.00 11.29 ? 127 VAL A N   1 
ATOM   1045 C CA  . VAL A 1 136 ? 2.430   3.248   -14.112 1.00 11.55 ? 127 VAL A CA  1 
ATOM   1046 C C   . VAL A 1 136 ? 3.056   3.197   -15.505 1.00 13.25 ? 127 VAL A C   1 
ATOM   1047 O O   . VAL A 1 136 ? 2.355   3.378   -16.499 1.00 15.43 ? 127 VAL A O   1 
ATOM   1048 C CB  . VAL A 1 136 ? 1.394   2.109   -13.979 1.00 10.48 ? 127 VAL A CB  1 
ATOM   1049 C CG1 . VAL A 1 136 ? 2.082   0.757   -14.102 1.00 10.52 ? 127 VAL A CG1 1 
ATOM   1050 C CG2 . VAL A 1 136 ? 0.666   2.217   -12.645 1.00 13.42 ? 127 VAL A CG2 1 
ATOM   1051 N N   . ILE A 1 137 ? 4.363   2.967   -15.584 1.00 13.66 ? 128 ILE A N   1 
ATOM   1052 C CA  . ILE A 1 137 ? 5.039   2.933   -16.879 1.00 13.54 ? 128 ILE A CA  1 
ATOM   1053 C C   . ILE A 1 137 ? 5.300   1.539   -17.435 1.00 14.51 ? 128 ILE A C   1 
ATOM   1054 O O   . ILE A 1 137 ? 5.655   1.394   -18.604 1.00 16.31 ? 128 ILE A O   1 
ATOM   1055 C CB  . ILE A 1 137 ? 6.383   3.695   -16.835 1.00 13.61 ? 128 ILE A CB  1 
ATOM   1056 C CG1 . ILE A 1 137 ? 7.330   3.051   -15.820 1.00 16.57 ? 128 ILE A CG1 1 
ATOM   1057 C CG2 . ILE A 1 137 ? 6.140   5.152   -16.472 1.00 14.53 ? 128 ILE A CG2 1 
ATOM   1058 C CD1 . ILE A 1 137 ? 8.690   3.744   -15.739 1.00 14.49 ? 128 ILE A CD1 1 
ATOM   1059 N N   . GLY A 1 138 ? 5.114   0.513   -16.612 1.00 13.74 ? 129 GLY A N   1 
ATOM   1060 C CA  . GLY A 1 138 ? 5.349   -0.836  -17.093 1.00 14.59 ? 129 GLY A CA  1 
ATOM   1061 C C   . GLY A 1 138 ? 4.927   -1.925  -16.134 1.00 15.00 ? 129 GLY A C   1 
ATOM   1062 O O   . GLY A 1 138 ? 4.699   -1.681  -14.950 1.00 12.12 ? 129 GLY A O   1 
ATOM   1063 N N   . ARG A 1 139 ? 4.832   -3.140  -16.659 1.00 15.00 ? 130 ARG A N   1 
ATOM   1064 C CA  . ARG A 1 139 ? 4.443   -4.294  -15.870 1.00 18.04 ? 130 ARG A CA  1 
ATOM   1065 C C   . ARG A 1 139 ? 5.166   -5.531  -16.375 1.00 18.40 ? 130 ARG A C   1 
ATOM   1066 O O   . ARG A 1 139 ? 5.315   -5.720  -17.583 1.00 18.07 ? 130 ARG A O   1 
ATOM   1067 C CB  . ARG A 1 139 ? 2.932   -4.524  -15.973 1.00 22.76 ? 130 ARG A CB  1 
ATOM   1068 C CG  . ARG A 1 139 ? 2.477   -5.858  -15.407 1.00 28.78 ? 130 ARG A CG  1 
ATOM   1069 C CD  . ARG A 1 139 ? 1.020   -6.137  -15.725 1.00 33.01 ? 130 ARG A CD  1 
ATOM   1070 N NE  . ARG A 1 139 ? 0.712   -5.887  -17.129 1.00 37.72 ? 130 ARG A NE  1 
ATOM   1071 C CZ  . ARG A 1 139 ? -0.365  -6.349  -17.756 1.00 39.94 ? 130 ARG A CZ  1 
ATOM   1072 N NH1 . ARG A 1 139 ? -1.247  -7.098  -17.105 1.00 41.16 ? 130 ARG A NH1 1 
ATOM   1073 N NH2 . ARG A 1 139 ? -0.569  -6.048  -19.031 1.00 41.33 ? 130 ARG A NH2 1 
ATOM   1074 N N   . ARG A 1 140 ? 5.625   -6.361  -15.447 1.00 16.77 ? 131 ARG A N   1 
ATOM   1075 C CA  . ARG A 1 140 ? 6.301   -7.601  -15.802 1.00 18.07 ? 131 ARG A CA  1 
ATOM   1076 C C   . ARG A 1 140 ? 5.939   -8.649  -14.767 1.00 17.72 ? 131 ARG A C   1 
ATOM   1077 O O   . ARG A 1 140 ? 5.993   -8.397  -13.562 1.00 17.15 ? 131 ARG A O   1 
ATOM   1078 C CB  . ARG A 1 140 ? 7.821   -7.418  -15.862 1.00 20.04 ? 131 ARG A CB  1 
ATOM   1079 C CG  . ARG A 1 140 ? 8.525   -7.297  -14.526 1.00 24.80 ? 131 ARG A CG  1 
ATOM   1080 C CD  . ARG A 1 140 ? 10.030  -7.172  -14.733 1.00 26.26 ? 131 ARG A CD  1 
ATOM   1081 N NE  . ARG A 1 140 ? 10.721  -6.806  -13.501 1.00 27.30 ? 131 ARG A NE  1 
ATOM   1082 C CZ  . ARG A 1 140 ? 11.248  -7.673  -12.642 1.00 27.01 ? 131 ARG A CZ  1 
ATOM   1083 N NH1 . ARG A 1 140 ? 11.178  -8.978  -12.874 1.00 26.87 ? 131 ARG A NH1 1 
ATOM   1084 N NH2 . ARG A 1 140 ? 11.838  -7.229  -11.543 1.00 27.58 ? 131 ARG A NH2 1 
ATOM   1085 N N   . SER A 1 141 ? 5.559   -9.827  -15.241 1.00 16.72 ? 132 SER A N   1 
ATOM   1086 C CA  . SER A 1 141 ? 5.177   -10.895 -14.336 1.00 14.82 ? 132 SER A CA  1 
ATOM   1087 C C   . SER A 1 141 ? 6.369   -11.486 -13.597 1.00 14.97 ? 132 SER A C   1 
ATOM   1088 O O   . SER A 1 141 ? 7.469   -11.608 -14.149 1.00 13.74 ? 132 SER A O   1 
ATOM   1089 C CB  . SER A 1 141 ? 4.454   -11.997 -15.111 1.00 16.32 ? 132 SER A CB  1 
ATOM   1090 O OG  . SER A 1 141 ? 4.063   -13.044 -14.243 1.00 15.44 ? 132 SER A OG  1 
ATOM   1091 N N   . LEU A 1 142 ? 6.144   -11.843 -12.336 1.00 14.06 ? 133 LEU A N   1 
ATOM   1092 C CA  . LEU A 1 142 ? 7.173   -12.451 -11.507 1.00 15.51 ? 133 LEU A CA  1 
ATOM   1093 C C   . LEU A 1 142 ? 6.804   -13.918 -11.345 1.00 14.36 ? 133 LEU A C   1 
ATOM   1094 O O   . LEU A 1 142 ? 7.414   -14.642 -10.560 1.00 15.92 ? 133 LEU A O   1 
ATOM   1095 C CB  . LEU A 1 142 ? 7.224   -11.783 -10.130 1.00 16.33 ? 133 LEU A CB  1 
ATOM   1096 C CG  . LEU A 1 142 ? 7.471   -10.275 -10.089 1.00 16.80 ? 133 LEU A CG  1 
ATOM   1097 C CD1 . LEU A 1 142 ? 7.530   -9.807  -8.636  1.00 18.40 ? 133 LEU A CD1 1 
ATOM   1098 C CD2 . LEU A 1 142 ? 8.769   -9.952  -10.805 1.00 19.29 ? 133 LEU A CD2 1 
ATOM   1099 N N   . GLY A 1 143 ? 5.793   -14.343 -12.094 1.00 14.83 ? 134 GLY A N   1 
ATOM   1100 C CA  . GLY A 1 143 ? 5.343   -15.719 -12.020 1.00 15.01 ? 134 GLY A CA  1 
ATOM   1101 C C   . GLY A 1 143 ? 4.537   -15.967 -10.762 1.00 15.08 ? 134 GLY A C   1 
ATOM   1102 O O   . GLY A 1 143 ? 3.994   -15.036 -10.167 1.00 14.70 ? 134 GLY A O   1 
ATOM   1103 N N   . VAL A 1 144 ? 4.466   -17.230 -10.354 1.00 14.75 ? 135 VAL A N   1 
ATOM   1104 C CA  . VAL A 1 144 ? 3.720   -17.623 -9.166  1.00 14.05 ? 135 VAL A CA  1 
ATOM   1105 C C   . VAL A 1 144 ? 4.560   -17.387 -7.914  1.00 15.56 ? 135 VAL A C   1 
ATOM   1106 O O   . VAL A 1 144 ? 5.642   -17.953 -7.767  1.00 16.58 ? 135 VAL A O   1 
ATOM   1107 C CB  . VAL A 1 144 ? 3.318   -19.112 -9.251  1.00 15.45 ? 135 VAL A CB  1 
ATOM   1108 C CG1 . VAL A 1 144 ? 2.573   -19.535 -7.991  1.00 15.85 ? 135 VAL A CG1 1 
ATOM   1109 C CG2 . VAL A 1 144 ? 2.458   -19.333 -10.488 1.00 14.89 ? 135 VAL A CG2 1 
ATOM   1110 N N   . GLN A 1 145 ? 4.054   -16.541 -7.019  1.00 13.05 ? 136 GLN A N   1 
ATOM   1111 C CA  . GLN A 1 145 ? 4.756   -16.203 -5.779  1.00 13.70 ? 136 GLN A CA  1 
ATOM   1112 C C   . GLN A 1 145 ? 3.779   -16.202 -4.601  1.00 12.36 ? 136 GLN A C   1 
ATOM   1113 O O   . GLN A 1 145 ? 2.566   -16.248 -4.795  1.00 13.45 ? 136 GLN A O   1 
ATOM   1114 C CB  . GLN A 1 145 ? 5.378   -14.809 -5.890  1.00 15.48 ? 136 GLN A CB  1 
ATOM   1115 C CG  . GLN A 1 145 ? 6.315   -14.595 -7.071  1.00 17.93 ? 136 GLN A CG  1 
ATOM   1116 C CD  . GLN A 1 145 ? 7.595   -15.398 -6.961  1.00 21.51 ? 136 GLN A CD  1 
ATOM   1117 O OE1 . GLN A 1 145 ? 8.027   -15.756 -5.865  1.00 24.09 ? 136 GLN A OE1 1 
ATOM   1118 N NE2 . GLN A 1 145 ? 8.224   -15.667 -8.098  1.00 21.07 ? 136 GLN A NE2 1 
ATOM   1119 N N   . ARG A 1 146 ? 4.309   -16.146 -3.380  1.00 12.18 ? 137 ARG A N   1 
ATOM   1120 C CA  . ARG A 1 146 ? 3.452   -16.116 -2.197  1.00 11.92 ? 137 ARG A CA  1 
ATOM   1121 C C   . ARG A 1 146 ? 2.745   -14.763 -2.133  1.00 11.53 ? 137 ARG A C   1 
ATOM   1122 O O   . ARG A 1 146 ? 3.329   -13.737 -2.487  1.00 12.83 ? 137 ARG A O   1 
ATOM   1123 C CB  . ARG A 1 146 ? 4.277   -16.329 -0.923  1.00 11.78 ? 137 ARG A CB  1 
ATOM   1124 C CG  . ARG A 1 146 ? 4.938   -17.701 -0.844  1.00 14.15 ? 137 ARG A CG  1 
ATOM   1125 C CD  . ARG A 1 146 ? 5.694   -17.884 0.466   1.00 17.01 ? 137 ARG A CD  1 
ATOM   1126 N NE  . ARG A 1 146 ? 4.803   -17.873 1.627   1.00 17.77 ? 137 ARG A NE  1 
ATOM   1127 C CZ  . ARG A 1 146 ? 5.221   -17.911 2.888   1.00 18.15 ? 137 ARG A CZ  1 
ATOM   1128 N NH1 . ARG A 1 146 ? 6.519   -17.962 3.156   1.00 20.06 ? 137 ARG A NH1 1 
ATOM   1129 N NH2 . ARG A 1 146 ? 4.347   -17.895 3.885   1.00 16.71 ? 137 ARG A NH2 1 
ATOM   1130 N N   . ILE A 1 147 ? 1.494   -14.759 -1.677  1.00 10.99 ? 138 ILE A N   1 
ATOM   1131 C CA  . ILE A 1 147 ? 0.732   -13.513 -1.587  1.00 10.98 ? 138 ILE A CA  1 
ATOM   1132 C C   . ILE A 1 147 ? 0.105   -13.292 -0.214  1.00 11.30 ? 138 ILE A C   1 
ATOM   1133 O O   . ILE A 1 147 ? -0.313  -14.241 0.453   1.00 11.27 ? 138 ILE A O   1 
ATOM   1134 C CB  . ILE A 1 147 ? -0.362  -13.457 -2.663  1.00 12.37 ? 138 ILE A CB  1 
ATOM   1135 C CG1 . ILE A 1 147 ? -1.211  -14.732 -2.617  1.00 14.90 ? 138 ILE A CG1 1 
ATOM   1136 C CG2 . ILE A 1 147 ? 0.284   -13.264 -4.031  1.00 11.58 ? 138 ILE A CG2 1 
ATOM   1137 C CD1 . ILE A 1 147 ? -2.478  -14.653 -3.442  1.00 17.33 ? 138 ILE A CD1 1 
ATOM   1138 N N   . PHE A 1 148 ? 0.023   -12.027 0.184   1.00 11.63 ? 139 PHE A N   1 
ATOM   1139 C CA  . PHE A 1 148 ? -0.497  -11.661 1.499   1.00 10.60 ? 139 PHE A CA  1 
ATOM   1140 C C   . PHE A 1 148 ? -1.449  -10.473 1.531   1.00 10.11 ? 139 PHE A C   1 
ATOM   1141 O O   . PHE A 1 148 ? -1.538  -9.700  0.587   1.00 10.21 ? 139 PHE A O   1 
ATOM   1142 C CB  . PHE A 1 148 ? 0.675   -11.345 2.432   1.00 9.96  ? 139 PHE A CB  1 
ATOM   1143 C CG  . PHE A 1 148 ? 1.688   -12.441 2.518   1.00 11.40 ? 139 PHE A CG  1 
ATOM   1144 C CD1 . PHE A 1 148 ? 2.673   -12.577 1.545   1.00 11.20 ? 139 PHE A CD1 1 
ATOM   1145 C CD2 . PHE A 1 148 ? 1.623   -13.378 3.546   1.00 12.51 ? 139 PHE A CD2 1 
ATOM   1146 C CE1 . PHE A 1 148 ? 3.574   -13.638 1.592   1.00 12.24 ? 139 PHE A CE1 1 
ATOM   1147 C CE2 . PHE A 1 148 ? 2.518   -14.440 3.600   1.00 13.03 ? 139 PHE A CE2 1 
ATOM   1148 C CZ  . PHE A 1 148 ? 3.493   -14.569 2.622   1.00 12.81 ? 139 PHE A CZ  1 
ATOM   1149 N N   . ASP A 1 149 ? -2.143  -10.328 2.655   1.00 10.25 ? 140 ASP A N   1 
ATOM   1150 C CA  . ASP A 1 149 ? -3.072  -9.221  2.855   1.00 8.80  ? 140 ASP A CA  1 
ATOM   1151 C C   . ASP A 1 149 ? -3.290  -9.094  4.355   1.00 10.57 ? 140 ASP A C   1 
ATOM   1152 O O   . ASP A 1 149 ? -2.913  -9.980  5.123   1.00 9.94  ? 140 ASP A O   1 
ATOM   1153 C CB  . ASP A 1 149 ? -4.402  -9.512  2.136   1.00 9.06  ? 140 ASP A CB  1 
ATOM   1154 C CG  . ASP A 1 149 ? -5.364  -8.326  2.153   1.00 11.29 ? 140 ASP A CG  1 
ATOM   1155 O OD1 . ASP A 1 149 ? -4.912  -7.170  2.291   1.00 13.18 ? 140 ASP A OD1 1 
ATOM   1156 O OD2 . ASP A 1 149 ? -6.586  -8.553  2.001   1.00 13.51 ? 140 ASP A OD2 1 
ATOM   1157 N N   . ILE A 1 150 ? -3.869  -7.980  4.781   1.00 10.98 ? 141 ILE A N   1 
ATOM   1158 C CA  . ILE A 1 150 ? -4.161  -7.790  6.191   1.00 12.88 ? 141 ILE A CA  1 
ATOM   1159 C C   . ILE A 1 150 ? -5.546  -7.193  6.323   1.00 12.87 ? 141 ILE A C   1 
ATOM   1160 O O   . ILE A 1 150 ? -6.071  -6.606  5.376   1.00 14.07 ? 141 ILE A O   1 
ATOM   1161 C CB  . ILE A 1 150 ? -3.148  -6.854  6.888   1.00 13.15 ? 141 ILE A CB  1 
ATOM   1162 C CG1 . ILE A 1 150 ? -3.038  -5.528  6.132   1.00 13.91 ? 141 ILE A CG1 1 
ATOM   1163 C CG2 . ILE A 1 150 ? -1.806  -7.550  6.997   1.00 13.78 ? 141 ILE A CG2 1 
ATOM   1164 C CD1 . ILE A 1 150 ? -2.234  -4.467  6.875   1.00 13.52 ? 141 ILE A CD1 1 
ATOM   1165 N N   . GLY A 1 151 ? -6.138  -7.368  7.496   1.00 11.31 ? 142 GLY A N   1 
ATOM   1166 C CA  . GLY A 1 151 ? -7.461  -6.837  7.748   1.00 11.09 ? 142 GLY A CA  1 
ATOM   1167 C C   . GLY A 1 151 ? -7.366  -5.679  8.715   1.00 10.34 ? 142 GLY A C   1 
ATOM   1168 O O   . GLY A 1 151 ? -6.574  -5.719  9.663   1.00 11.33 ? 142 GLY A O   1 
ATOM   1169 N N   . LEU A 1 152 ? -8.177  -4.653  8.475   1.00 12.42 ? 143 LEU A N   1 
ATOM   1170 C CA  . LEU A 1 152 ? -8.193  -3.455  9.301   1.00 14.05 ? 143 LEU A CA  1 
ATOM   1171 C C   . LEU A 1 152 ? -9.611  -3.200  9.813   1.00 16.08 ? 143 LEU A C   1 
ATOM   1172 O O   . LEU A 1 152 ? -10.586 -3.500  9.130   1.00 16.12 ? 143 LEU A O   1 
ATOM   1173 C CB  . LEU A 1 152 ? -7.675  -2.273  8.473   1.00 15.63 ? 143 LEU A CB  1 
ATOM   1174 C CG  . LEU A 1 152 ? -6.219  -2.503  8.039   1.00 15.56 ? 143 LEU A CG  1 
ATOM   1175 C CD1 . LEU A 1 152 ? -5.883  -1.681  6.814   1.00 15.98 ? 143 LEU A CD1 1 
ATOM   1176 C CD2 . LEU A 1 152 ? -5.289  -2.171  9.197   1.00 14.64 ? 143 LEU A CD2 1 
ATOM   1177 N N   . PRO A 1 153 ? -9.735  -2.649  11.032  1.00 15.67 ? 144 PRO A N   1 
ATOM   1178 C CA  . PRO A 1 153 ? -11.027 -2.354  11.664  1.00 17.19 ? 144 PRO A CA  1 
ATOM   1179 C C   . PRO A 1 153 ? -11.931 -1.337  10.966  1.00 17.62 ? 144 PRO A C   1 
ATOM   1180 O O   . PRO A 1 153 ? -13.155 -1.459  11.020  1.00 18.25 ? 144 PRO A O   1 
ATOM   1181 C CB  . PRO A 1 153 ? -10.626 -1.913  13.069  1.00 16.14 ? 144 PRO A CB  1 
ATOM   1182 C CG  . PRO A 1 153 ? -9.291  -1.264  12.844  1.00 17.11 ? 144 PRO A CG  1 
ATOM   1183 C CD  . PRO A 1 153 ? -8.621  -2.240  11.905  1.00 15.86 ? 144 PRO A CD  1 
ATOM   1184 N N   . GLN A 1 154 ? -11.343 -0.336  10.315  1.00 18.10 ? 145 GLN A N   1 
ATOM   1185 C CA  . GLN A 1 154 ? -12.146 0.675   9.632   1.00 18.78 ? 145 GLN A CA  1 
ATOM   1186 C C   . GLN A 1 154 ? -11.982 0.622   8.116   1.00 18.47 ? 145 GLN A C   1 
ATOM   1187 O O   . GLN A 1 154 ? -12.780 -0.006  7.422   1.00 21.52 ? 145 GLN A O   1 
ATOM   1188 C CB  . GLN A 1 154 ? -11.786 2.075   10.140  1.00 20.16 ? 145 GLN A CB  1 
ATOM   1189 C CG  . GLN A 1 154 ? -12.729 3.171   9.648   1.00 21.80 ? 145 GLN A CG  1 
ATOM   1190 C CD  . GLN A 1 154 ? -12.394 4.541   10.217  1.00 24.45 ? 145 GLN A CD  1 
ATOM   1191 O OE1 . GLN A 1 154 ? -12.343 4.724   11.434  1.00 25.44 ? 145 GLN A OE1 1 
ATOM   1192 N NE2 . GLN A 1 154 ? -12.170 5.510   9.338   1.00 23.93 ? 145 GLN A NE2 1 
ATOM   1193 N N   . ASP A 1 155 ? -10.946 1.275   7.602   1.00 16.38 ? 146 ASP A N   1 
ATOM   1194 C CA  . ASP A 1 155 ? -10.706 1.302   6.164   1.00 14.90 ? 146 ASP A CA  1 
ATOM   1195 C C   . ASP A 1 155 ? -9.610  0.321   5.763   1.00 14.11 ? 146 ASP A C   1 
ATOM   1196 O O   . ASP A 1 155 ? -8.541  0.308   6.370   1.00 12.58 ? 146 ASP A O   1 
ATOM   1197 C CB  . ASP A 1 155 ? -10.328 2.719   5.738   1.00 15.07 ? 146 ASP A CB  1 
ATOM   1198 C CG  . ASP A 1 155 ? -11.426 3.717   6.036   1.00 16.14 ? 146 ASP A CG  1 
ATOM   1199 O OD1 . ASP A 1 155 ? -12.524 3.565   5.462   1.00 17.23 ? 146 ASP A OD1 1 
ATOM   1200 O OD2 . ASP A 1 155 ? -11.200 4.638   6.848   1.00 15.19 ? 146 ASP A OD2 1 
ATOM   1201 N N   . HIS A 1 156 ? -9.881  -0.497  4.745   1.00 11.68 ? 147 HIS A N   1 
ATOM   1202 C CA  . HIS A 1 156 ? -8.916  -1.488  4.278   1.00 13.23 ? 147 HIS A CA  1 
ATOM   1203 C C   . HIS A 1 156 ? -7.915  -0.889  3.300   1.00 12.78 ? 147 HIS A C   1 
ATOM   1204 O O   . HIS A 1 156 ? -7.932  -1.177  2.100   1.00 12.57 ? 147 HIS A O   1 
ATOM   1205 C CB  . HIS A 1 156 ? -9.639  -2.678  3.627   1.00 12.71 ? 147 HIS A CB  1 
ATOM   1206 C CG  . HIS A 1 156 ? -8.755  -3.859  3.352   1.00 13.53 ? 147 HIS A CG  1 
ATOM   1207 N ND1 . HIS A 1 156 ? -9.238  -5.150  3.309   1.00 14.93 ? 147 HIS A ND1 1 
ATOM   1208 C CD2 . HIS A 1 156 ? -7.428  -3.949  3.094   1.00 11.07 ? 147 HIS A CD2 1 
ATOM   1209 C CE1 . HIS A 1 156 ? -8.249  -5.984  3.041   1.00 13.27 ? 147 HIS A CE1 1 
ATOM   1210 N NE2 . HIS A 1 156 ? -7.139  -5.279  2.905   1.00 13.87 ? 147 HIS A NE2 1 
ATOM   1211 N N   . ASN A 1 157 ? -7.054  -0.024  3.815   1.00 11.76 ? 148 ASN A N   1 
ATOM   1212 C CA  . ASN A 1 157 ? -6.021  0.572   2.989   1.00 10.91 ? 148 ASN A CA  1 
ATOM   1213 C C   . ASN A 1 157 ? -4.872  0.981   3.885   1.00 10.86 ? 148 ASN A C   1 
ATOM   1214 O O   . ASN A 1 157 ? -5.039  1.147   5.093   1.00 11.41 ? 148 ASN A O   1 
ATOM   1215 C CB  . ASN A 1 157 ? -6.555  1.763   2.167   1.00 12.25 ? 148 ASN A CB  1 
ATOM   1216 C CG  . ASN A 1 157 ? -6.863  2.990   3.009   1.00 13.02 ? 148 ASN A CG  1 
ATOM   1217 O OD1 . ASN A 1 157 ? -5.979  3.559   3.653   1.00 13.72 ? 148 ASN A OD1 1 
ATOM   1218 N ND2 . ASN A 1 157 ? -8.123  3.413   2.994   1.00 13.58 ? 148 ASN A ND2 1 
ATOM   1219 N N   . PHE A 1 158 ? -3.691  1.102   3.301   1.00 10.30 ? 149 PHE A N   1 
ATOM   1220 C CA  . PHE A 1 158 ? -2.526  1.478   4.083   1.00 9.85  ? 149 PHE A CA  1 
ATOM   1221 C C   . PHE A 1 158 ? -1.403  2.009   3.221   1.00 10.64 ? 149 PHE A C   1 
ATOM   1222 O O   . PHE A 1 158 ? -1.309  1.700   2.033   1.00 10.65 ? 149 PHE A O   1 
ATOM   1223 C CB  . PHE A 1 158 ? -2.046  0.290   4.926   1.00 11.09 ? 149 PHE A CB  1 
ATOM   1224 C CG  . PHE A 1 158 ? -1.931  -1.004  4.163   1.00 9.20  ? 149 PHE A CG  1 
ATOM   1225 C CD1 . PHE A 1 158 ? -0.831  -1.266  3.353   1.00 11.23 ? 149 PHE A CD1 1 
ATOM   1226 C CD2 . PHE A 1 158 ? -2.936  -1.964  4.257   1.00 10.61 ? 149 PHE A CD2 1 
ATOM   1227 C CE1 . PHE A 1 158 ? -0.731  -2.473  2.648   1.00 10.74 ? 149 PHE A CE1 1 
ATOM   1228 C CE2 . PHE A 1 158 ? -2.849  -3.171  3.560   1.00 12.58 ? 149 PHE A CE2 1 
ATOM   1229 C CZ  . PHE A 1 158 ? -1.744  -3.428  2.752   1.00 12.22 ? 149 PHE A CZ  1 
ATOM   1230 N N   . LEU A 1 159 ? -0.557  2.819   3.843   1.00 8.96  ? 150 LEU A N   1 
ATOM   1231 C CA  . LEU A 1 159 ? 0.573   3.436   3.178   1.00 10.05 ? 150 LEU A CA  1 
ATOM   1232 C C   . LEU A 1 159 ? 1.751   2.478   3.070   1.00 10.81 ? 150 LEU A C   1 
ATOM   1233 O O   . LEU A 1 159 ? 2.186   1.900   4.070   1.00 9.33  ? 150 LEU A O   1 
ATOM   1234 C CB  . LEU A 1 159 ? 0.998   4.683   3.960   1.00 9.72  ? 150 LEU A CB  1 
ATOM   1235 C CG  . LEU A 1 159 ? 2.171   5.501   3.420   1.00 12.72 ? 150 LEU A CG  1 
ATOM   1236 C CD1 . LEU A 1 159 ? 1.828   6.027   2.027   1.00 14.99 ? 150 LEU A CD1 1 
ATOM   1237 C CD2 . LEU A 1 159 ? 2.462   6.656   4.371   1.00 13.75 ? 150 LEU A CD2 1 
ATOM   1238 N N   . LEU A 1 160 ? 2.256   2.308   1.853   1.00 10.39 ? 151 LEU A N   1 
ATOM   1239 C CA  . LEU A 1 160 ? 3.412   1.452   1.630   1.00 10.87 ? 151 LEU A CA  1 
ATOM   1240 C C   . LEU A 1 160 ? 4.639   2.305   1.909   1.00 10.86 ? 151 LEU A C   1 
ATOM   1241 O O   . LEU A 1 160 ? 4.561   3.537   1.898   1.00 10.71 ? 151 LEU A O   1 
ATOM   1242 C CB  . LEU A 1 160 ? 3.455   0.953   0.185   1.00 10.45 ? 151 LEU A CB  1 
ATOM   1243 C CG  . LEU A 1 160 ? 2.295   0.059   -0.252  1.00 12.26 ? 151 LEU A CG  1 
ATOM   1244 C CD1 . LEU A 1 160 ? 2.569   -0.485  -1.656  1.00 11.00 ? 151 LEU A CD1 1 
ATOM   1245 C CD2 . LEU A 1 160 ? 2.149   -1.088  0.733   1.00 12.31 ? 151 LEU A CD2 1 
ATOM   1246 N N   . ALA A 1 161 ? 5.766   1.653   2.164   1.00 11.35 ? 152 ALA A N   1 
ATOM   1247 C CA  . ALA A 1 161 ? 6.998   2.375   2.446   1.00 12.03 ? 152 ALA A CA  1 
ATOM   1248 C C   . ALA A 1 161 ? 7.414   3.249   1.264   1.00 11.04 ? 152 ALA A C   1 
ATOM   1249 O O   . ALA A 1 161 ? 8.125   4.239   1.446   1.00 11.78 ? 152 ALA A O   1 
ATOM   1250 C CB  . ALA A 1 161 ? 8.107   1.395   2.790   1.00 11.97 ? 152 ALA A CB  1 
ATOM   1251 N N   . ASN A 1 162 ? 6.975   2.898   0.057   1.00 11.71 ? 153 ASN A N   1 
ATOM   1252 C CA  . ASN A 1 162 ? 7.341   3.693   -1.112  1.00 11.95 ? 153 ASN A CA  1 
ATOM   1253 C C   . ASN A 1 162 ? 6.398   4.860   -1.399  1.00 12.64 ? 153 ASN A C   1 
ATOM   1254 O O   . ASN A 1 162 ? 6.547   5.548   -2.407  1.00 13.76 ? 153 ASN A O   1 
ATOM   1255 C CB  . ASN A 1 162 ? 7.501   2.814   -2.370  1.00 13.66 ? 153 ASN A CB  1 
ATOM   1256 C CG  . ASN A 1 162 ? 6.189   2.234   -2.879  1.00 13.33 ? 153 ASN A CG  1 
ATOM   1257 O OD1 . ASN A 1 162 ? 5.102   2.646   -2.474  1.00 14.80 ? 153 ASN A OD1 1 
ATOM   1258 N ND2 . ASN A 1 162 ? 6.295   1.277   -3.796  1.00 15.50 ? 153 ASN A ND2 1 
ATOM   1259 N N   . GLY A 1 163 ? 5.424   5.076   -0.520  1.00 9.79  ? 154 GLY A N   1 
ATOM   1260 C CA  . GLY A 1 163 ? 4.516   6.200   -0.688  1.00 9.68  ? 154 GLY A CA  1 
ATOM   1261 C C   . GLY A 1 163 ? 3.148   5.957   -1.302  1.00 8.09  ? 154 GLY A C   1 
ATOM   1262 O O   . GLY A 1 163 ? 2.278   6.826   -1.222  1.00 9.81  ? 154 GLY A O   1 
ATOM   1263 N N   . ALA A 1 164 ? 2.959   4.793   -1.906  1.00 10.01 ? 155 ALA A N   1 
ATOM   1264 C CA  . ALA A 1 164 ? 1.683   4.452   -2.527  1.00 10.31 ? 155 ALA A CA  1 
ATOM   1265 C C   . ALA A 1 164 ? 0.694   3.994   -1.466  1.00 10.81 ? 155 ALA A C   1 
ATOM   1266 O O   . ALA A 1 164 ? 1.093   3.489   -0.414  1.00 11.63 ? 155 ALA A O   1 
ATOM   1267 C CB  . ALA A 1 164 ? 1.886   3.350   -3.552  1.00 11.29 ? 155 ALA A CB  1 
ATOM   1268 N N   . ILE A 1 165 ? -0.595  4.180   -1.737  1.00 9.31  ? 156 ILE A N   1 
ATOM   1269 C CA  . ILE A 1 165 ? -1.629  3.760   -0.798  1.00 11.22 ? 156 ILE A CA  1 
ATOM   1270 C C   . ILE A 1 165 ? -2.363  2.546   -1.367  1.00 10.73 ? 156 ILE A C   1 
ATOM   1271 O O   . ILE A 1 165 ? -3.125  2.664   -2.328  1.00 10.41 ? 156 ILE A O   1 
ATOM   1272 C CB  . ILE A 1 165 ? -2.659  4.888   -0.530  1.00 12.33 ? 156 ILE A CB  1 
ATOM   1273 C CG1 . ILE A 1 165 ? -1.980  6.087   0.132   1.00 17.60 ? 156 ILE A CG1 1 
ATOM   1274 C CG2 . ILE A 1 165 ? -3.770  4.374   0.373   1.00 14.34 ? 156 ILE A CG2 1 
ATOM   1275 C CD1 . ILE A 1 165 ? -1.047  6.850   -0.773  1.00 19.98 ? 156 ILE A CD1 1 
ATOM   1276 N N   . ALA A 1 166 ? -2.108  1.386   -0.770  1.00 10.75 ? 157 ALA A N   1 
ATOM   1277 C CA  . ALA A 1 166 ? -2.717  0.121   -1.170  1.00 10.52 ? 157 ALA A CA  1 
ATOM   1278 C C   . ALA A 1 166 ? -4.109  0.035   -0.558  1.00 11.10 ? 157 ALA A C   1 
ATOM   1279 O O   . ALA A 1 166 ? -4.267  0.217   0.646   1.00 10.86 ? 157 ALA A O   1 
ATOM   1280 C CB  . ALA A 1 166 ? -1.857  -1.040  -0.679  1.00 10.72 ? 157 ALA A CB  1 
ATOM   1281 N N   . ALA A 1 167 ? -5.109  -0.262  -1.384  1.00 11.09 ? 158 ALA A N   1 
ATOM   1282 C CA  . ALA A 1 167 ? -6.491  -0.334  -0.914  1.00 12.95 ? 158 ALA A CA  1 
ATOM   1283 C C   . ALA A 1 167 ? -7.166  -1.654  -1.267  1.00 13.69 ? 158 ALA A C   1 
ATOM   1284 O O   . ALA A 1 167 ? -8.196  -1.666  -1.950  1.00 12.63 ? 158 ALA A O   1 
ATOM   1285 C CB  . ALA A 1 167 ? -7.289  0.830   -1.493  1.00 12.71 ? 158 ALA A CB  1 
HETATM 1286 N N1  . SNN A 1 168 ? -8.857  -4.863  -2.468  1.00 14.92 ? 159 SNN A N1  1 
HETATM 1287 C C   . SNN A 1 168 ? -7.583  -4.431  -2.463  1.00 14.63 ? 159 SNN A C   1 
HETATM 1288 C CA  . SNN A 1 168 ? -7.179  -4.133  -1.039  1.00 14.57 ? 159 SNN A CA  1 
HETATM 1289 N N   . SNN A 1 168 ? -6.620  -2.783  -0.814  1.00 13.50 ? 159 SNN A N   1 
HETATM 1290 C C4  . SNN A 1 168 ? -8.440  -4.448  -0.210  1.00 15.29 ? 159 SNN A C4  1 
HETATM 1291 C C5  . SNN A 1 168 ? -9.433  -4.914  -1.257  1.00 16.23 ? 159 SNN A C5  1 
HETATM 1292 O O   . SNN A 1 168 ? -6.877  -4.306  -3.432  1.00 13.47 ? 159 SNN A O   1 
HETATM 1293 O O5  . SNN A 1 168 ? -10.569 -5.275  -1.035  1.00 17.87 ? 159 SNN A O5  1 
HETATM 1294 S S   . SO4 B 2 .   ? 9.256   -9.769  -2.976  1.00 18.66 ? 301 SO4 A S   1 
HETATM 1295 O O1  . SO4 B 2 .   ? 9.079   -10.201 -4.374  1.00 21.17 ? 301 SO4 A O1  1 
HETATM 1296 O O2  . SO4 B 2 .   ? 10.693  -9.649  -2.663  1.00 22.17 ? 301 SO4 A O2  1 
HETATM 1297 O O3  . SO4 B 2 .   ? 8.617   -8.451  -2.804  1.00 16.11 ? 301 SO4 A O3  1 
HETATM 1298 O O4  . SO4 B 2 .   ? 8.627   -10.755 -2.075  1.00 16.81 ? 301 SO4 A O4  1 
HETATM 1299 S S   . SO4 C 2 .   ? 13.156  -10.057 -9.492  1.00 40.36 ? 302 SO4 A S   1 
HETATM 1300 O O1  . SO4 C 2 .   ? 12.576  -10.792 -10.632 1.00 41.49 ? 302 SO4 A O1  1 
HETATM 1301 O O2  . SO4 C 2 .   ? 14.616  -10.258 -9.464  1.00 41.41 ? 302 SO4 A O2  1 
HETATM 1302 O O3  . SO4 C 2 .   ? 12.865  -8.623  -9.642  1.00 41.60 ? 302 SO4 A O3  1 
HETATM 1303 O O4  . SO4 C 2 .   ? 12.570  -10.558 -8.233  1.00 41.60 ? 302 SO4 A O4  1 
HETATM 1304 O O   . HOH D 3 .   ? 10.271  -13.685 -17.013 1.00 32.45 ? 160 HOH A O   1 
HETATM 1305 O O   . HOH D 3 .   ? 2.441   -20.882 0.919   1.00 38.82 ? 161 HOH A O   1 
HETATM 1306 O O   . HOH D 3 .   ? -15.346 6.478   8.210   1.00 35.93 ? 162 HOH A O   1 
HETATM 1307 O O   . HOH D 3 .   ? -14.073 9.087   9.202   1.00 38.99 ? 163 HOH A O   1 
HETATM 1308 O O   . HOH D 3 .   ? -15.693 -0.204  7.008   1.00 53.31 ? 164 HOH A O   1 
HETATM 1309 O O   . HOH D 3 .   ? 8.613   -4.124  -3.324  1.00 46.20 ? 165 HOH A O   1 
HETATM 1310 O O   . HOH D 3 .   ? 10.990  -14.425 -19.362 1.00 34.04 ? 166 HOH A O   1 
HETATM 1311 O O   . HOH D 3 .   ? -11.309 1.688   -14.406 1.00 33.51 ? 167 HOH A O   1 
HETATM 1312 O O   . HOH D 3 .   ? 10.235  -13.319 -5.665  1.00 35.11 ? 168 HOH A O   1 
HETATM 1313 O O   . HOH D 3 .   ? -13.923 -1.576  -13.278 1.00 35.62 ? 169 HOH A O   1 
HETATM 1314 O O   . HOH D 3 .   ? -14.172 2.162   -6.236  1.00 44.27 ? 170 HOH A O   1 
HETATM 1315 O O   . HOH D 3 .   ? -14.704 -3.789  -12.256 1.00 28.46 ? 171 HOH A O   1 
HETATM 1316 O O   . HOH D 3 .   ? 16.915  2.545   10.027  1.00 35.87 ? 172 HOH A O   1 
HETATM 1317 O O   . HOH D 3 .   ? 1.583   1.710   -22.800 1.00 40.21 ? 173 HOH A O   1 
HETATM 1318 O O   . HOH D 3 .   ? 5.189   -22.743 -6.613  1.00 39.51 ? 174 HOH A O   1 
HETATM 1319 O O   . HOH D 3 .   ? 7.258   14.017  2.376   1.00 39.80 ? 175 HOH A O   1 
HETATM 1320 O O   . HOH D 3 .   ? -10.288 -10.690 1.914   1.00 42.48 ? 176 HOH A O   1 
HETATM 1321 O O   . HOH D 3 .   ? -4.163  20.248  -1.162  1.00 31.87 ? 177 HOH A O   1 
HETATM 1322 O O   . HOH D 3 .   ? 4.497   7.687   20.046  1.00 39.92 ? 178 HOH A O   1 
HETATM 1323 O O   . HOH D 3 .   ? -1.449  5.514   -4.148  1.00 12.98 ? 179 HOH A O   1 
HETATM 1324 O O   . HOH D 3 .   ? 4.269   14.344  9.689   1.00 40.23 ? 180 HOH A O   1 
HETATM 1325 O O   . HOH D 3 .   ? -2.308  3.127   -23.182 1.00 39.99 ? 181 HOH A O   1 
HETATM 1326 O O   . HOH D 3 .   ? -10.803 17.733  11.296  1.00 43.88 ? 182 HOH A O   1 
HETATM 1327 O O   . HOH D 3 .   ? 6.914   12.412  -12.720 1.00 39.07 ? 183 HOH A O   1 
HETATM 1328 O O   . HOH D 3 .   ? 12.619  0.429   -6.609  1.00 40.04 ? 184 HOH A O   1 
HETATM 1329 O O   . HOH D 3 .   ? 12.068  6.200   17.728  1.00 31.58 ? 185 HOH A O   1 
HETATM 1330 O O   . HOH D 3 .   ? -2.462  -9.718  -15.422 1.00 42.63 ? 186 HOH A O   1 
HETATM 1331 O O   . HOH D 3 .   ? 12.320  5.396   -6.737  1.00 35.66 ? 187 HOH A O   1 
HETATM 1332 O O   . HOH D 3 .   ? 7.499   -19.222 -3.539  1.00 43.16 ? 188 HOH A O   1 
HETATM 1333 O O   . HOH D 3 .   ? -2.683  13.937  -11.413 1.00 36.00 ? 189 HOH A O   1 
HETATM 1334 O O   . HOH D 3 .   ? -13.040 7.903   -13.771 1.00 39.10 ? 190 HOH A O   1 
HETATM 1335 O O   . HOH D 3 .   ? 11.089  -11.178 0.235   1.00 38.60 ? 191 HOH A O   1 
HETATM 1336 O O   . HOH D 3 .   ? -6.351  4.115   16.579  1.00 44.96 ? 192 HOH A O   1 
HETATM 1337 O O   . HOH D 3 .   ? 13.782  -13.678 -11.369 1.00 48.11 ? 193 HOH A O   1 
HETATM 1338 O O   . HOH D 3 .   ? 9.899   -12.959 -2.707  1.00 54.70 ? 194 HOH A O   1 
HETATM 1339 O O   . HOH D 3 .   ? -4.530  11.372  -16.779 1.00 39.42 ? 195 HOH A O   1 
HETATM 1340 O O   . HOH D 3 .   ? -17.156 11.352  4.050   1.00 41.91 ? 196 HOH A O   1 
HETATM 1341 O O   . HOH D 3 .   ? 12.743  -9.442  14.102  1.00 49.25 ? 197 HOH A O   1 
HETATM 1342 O O   . HOH D 3 .   ? 11.011  2.479   -1.033  1.00 44.45 ? 198 HOH A O   1 
HETATM 1343 O O   . HOH D 3 .   ? -5.868  -20.411 -5.349  1.00 42.98 ? 199 HOH A O   1 
HETATM 1344 O O   . HOH D 3 .   ? -15.121 16.302  10.698  1.00 43.39 ? 200 HOH A O   1 
HETATM 1345 O O   . HOH D 3 .   ? 5.135   -21.150 4.353   1.00 45.21 ? 201 HOH A O   1 
HETATM 1346 O O   . HOH D 3 .   ? -12.792 11.704  -9.746  1.00 40.42 ? 202 HOH A O   1 
HETATM 1347 O O   . HOH D 3 .   ? -17.078 8.477   6.359   1.00 45.33 ? 203 HOH A O   1 
HETATM 1348 O O   . HOH D 3 .   ? 11.765  -8.340  -0.391  1.00 43.94 ? 204 HOH A O   1 
HETATM 1349 O O   . HOH D 3 .   ? 2.705   17.956  -8.042  1.00 40.92 ? 205 HOH A O   1 
HETATM 1350 O O   . HOH D 3 .   ? 8.945   5.706   18.251  1.00 41.18 ? 206 HOH A O   1 
HETATM 1351 O O   . HOH D 3 .   ? -10.245 10.267  -13.662 1.00 42.22 ? 207 HOH A O   1 
HETATM 1352 O O   . HOH D 3 .   ? -8.221  -8.875  -15.604 1.00 45.90 ? 208 HOH A O   1 
HETATM 1353 O O   . HOH D 3 .   ? -8.883  7.403   -10.817 1.00 35.12 ? 209 HOH A O   1 
HETATM 1354 O O   . HOH D 3 .   ? -7.844  8.611   14.145  1.00 42.81 ? 210 HOH A O   1 
HETATM 1355 O O   . HOH D 3 .   ? -4.068  15.254  18.201  1.00 47.85 ? 211 HOH A O   1 
HETATM 1356 O O   . HOH D 3 .   ? 11.224  -9.677  2.589   1.00 34.92 ? 212 HOH A O   1 
HETATM 1357 O O   . HOH D 3 .   ? 4.686   14.319  17.802  1.00 36.14 ? 213 HOH A O   1 
HETATM 1358 O O   . HOH D 3 .   ? 1.214   2.313   6.667   1.00 11.14 ? 214 HOH A O   1 
HETATM 1359 O O   . HOH D 3 .   ? -0.874  4.929   -15.053 1.00 12.72 ? 215 HOH A O   1 
HETATM 1360 O O   . HOH D 3 .   ? -7.373  -7.302  -0.463  1.00 16.22 ? 216 HOH A O   1 
HETATM 1361 O O   . HOH D 3 .   ? -8.691  -8.992  -2.298  1.00 15.48 ? 217 HOH A O   1 
HETATM 1362 O O   . HOH D 3 .   ? -3.404  -5.449  0.684   1.00 16.26 ? 218 HOH A O   1 
HETATM 1363 O O   . HOH D 3 .   ? 6.444   4.882   10.184  1.00 11.34 ? 219 HOH A O   1 
HETATM 1364 O O   . HOH D 3 .   ? -10.658 -1.061  -10.810 1.00 12.43 ? 220 HOH A O   1 
HETATM 1365 O O   . HOH D 3 .   ? -9.943  -9.733  13.559  1.00 11.52 ? 221 HOH A O   1 
HETATM 1366 O O   . HOH D 3 .   ? 2.072   -18.181 1.072   1.00 16.25 ? 222 HOH A O   1 
HETATM 1367 O O   . HOH D 3 .   ? -2.451  -4.811  15.639  1.00 13.15 ? 223 HOH A O   1 
HETATM 1368 O O   . HOH D 3 .   ? 5.913   -13.108 -2.611  1.00 14.61 ? 224 HOH A O   1 
HETATM 1369 O O   . HOH D 3 .   ? -4.534  -2.901  1.021   1.00 14.10 ? 225 HOH A O   1 
HETATM 1370 O O   . HOH D 3 .   ? -10.086 -0.525  0.541   1.00 14.33 ? 226 HOH A O   1 
HETATM 1371 O O   . HOH D 3 .   ? -1.417  -13.690 17.141  1.00 19.27 ? 227 HOH A O   1 
HETATM 1372 O O   . HOH D 3 .   ? 8.562   -2.946  -0.797  1.00 17.88 ? 228 HOH A O   1 
HETATM 1373 O O   . HOH D 3 .   ? -6.545  14.661  1.500   1.00 17.02 ? 229 HOH A O   1 
HETATM 1374 O O   . HOH D 3 .   ? 5.887   -4.218  -3.629  1.00 18.14 ? 230 HOH A O   1 
HETATM 1375 O O   . HOH D 3 .   ? 6.258   -1.776  -2.830  1.00 22.17 ? 231 HOH A O   1 
HETATM 1376 O O   . HOH D 3 .   ? -10.305 2.091   1.601   1.00 18.42 ? 232 HOH A O   1 
HETATM 1377 O O   . HOH D 3 .   ? 6.733   -0.248  -0.384  1.00 16.12 ? 233 HOH A O   1 
HETATM 1378 O O   . HOH D 3 .   ? 9.367   0.909   -4.546  1.00 15.32 ? 234 HOH A O   1 
HETATM 1379 O O   . HOH D 3 .   ? -0.125  -15.888 9.942   1.00 26.43 ? 235 HOH A O   1 
HETATM 1380 O O   . HOH D 3 .   ? -5.735  -10.111 -9.279  1.00 16.53 ? 236 HOH A O   1 
HETATM 1381 O O   . HOH D 3 .   ? 12.028  -0.897  9.748   1.00 19.13 ? 237 HOH A O   1 
HETATM 1382 O O   . HOH D 3 .   ? -12.612 -0.819  3.820   1.00 18.07 ? 238 HOH A O   1 
HETATM 1383 O O   . HOH D 3 .   ? 7.619   3.333   17.778  1.00 19.32 ? 239 HOH A O   1 
HETATM 1384 O O   . HOH D 3 .   ? -5.054  -6.992  16.445  1.00 15.19 ? 240 HOH A O   1 
HETATM 1385 O O   . HOH D 3 .   ? 12.474  1.472   11.244  1.00 21.33 ? 241 HOH A O   1 
HETATM 1386 O O   . HOH D 3 .   ? 7.765   -11.961 -16.959 1.00 20.66 ? 242 HOH A O   1 
HETATM 1387 O O   . HOH D 3 .   ? 1.084   -12.048 -16.838 1.00 24.58 ? 243 HOH A O   1 
HETATM 1388 O O   . HOH D 3 .   ? -10.687 -5.427  -10.727 1.00 22.21 ? 244 HOH A O   1 
HETATM 1389 O O   . HOH D 3 .   ? 3.466   15.141  -8.735  1.00 23.96 ? 245 HOH A O   1 
HETATM 1390 O O   . HOH D 3 .   ? 12.605  1.108   -10.939 1.00 23.42 ? 246 HOH A O   1 
HETATM 1391 O O   . HOH D 3 .   ? -7.626  -10.943 1.409   1.00 20.43 ? 247 HOH A O   1 
HETATM 1392 O O   . HOH D 3 .   ? -5.213  1.186   -22.762 1.00 19.20 ? 248 HOH A O   1 
HETATM 1393 O O   . HOH D 3 .   ? 3.002   -8.526  17.864  1.00 26.32 ? 249 HOH A O   1 
HETATM 1394 O O   . HOH D 3 .   ? -2.671  -13.191 -9.520  1.00 19.06 ? 250 HOH A O   1 
HETATM 1395 O O   . HOH D 3 .   ? 12.156  1.208   14.256  1.00 23.69 ? 251 HOH A O   1 
HETATM 1396 O O   . HOH D 3 .   ? 10.266  9.565   13.587  1.00 26.01 ? 252 HOH A O   1 
HETATM 1397 O O   . HOH D 3 .   ? -2.927  -15.558 10.121  1.00 27.85 ? 253 HOH A O   1 
HETATM 1398 O O   . HOH D 3 .   ? 12.020  7.537   1.376   1.00 26.67 ? 254 HOH A O   1 
HETATM 1399 O O   . HOH D 3 .   ? -2.604  -16.498 -10.801 1.00 33.46 ? 255 HOH A O   1 
HETATM 1400 O O   . HOH D 3 .   ? -10.046 -8.348  -13.305 1.00 32.09 ? 256 HOH A O   1 
HETATM 1401 O O   . HOH D 3 .   ? 7.297   -16.457 -3.372  1.00 18.06 ? 257 HOH A O   1 
HETATM 1402 O O   . HOH D 3 .   ? -7.552  -8.673  16.093  1.00 23.85 ? 258 HOH A O   1 
HETATM 1403 O O   . HOH D 3 .   ? 5.697   14.465  6.057   1.00 34.01 ? 259 HOH A O   1 
HETATM 1404 O O   . HOH D 3 .   ? -2.277  -21.068 -2.998  1.00 24.47 ? 260 HOH A O   1 
HETATM 1405 O O   . HOH D 3 .   ? 2.328   -16.790 6.722   1.00 27.32 ? 261 HOH A O   1 
HETATM 1406 O O   . HOH D 3 .   ? 5.234   -3.241  -19.580 1.00 28.87 ? 262 HOH A O   1 
HETATM 1407 O O   . HOH D 3 .   ? 0.619   8.469   -20.336 1.00 27.34 ? 263 HOH A O   1 
HETATM 1408 O O   . HOH D 3 .   ? -9.384  15.639  3.875   1.00 24.95 ? 264 HOH A O   1 
HETATM 1409 O O   . HOH D 3 .   ? 7.266   11.764  13.550  1.00 46.80 ? 265 HOH A O   1 
HETATM 1410 O O   . HOH D 3 .   ? 10.216  -11.376 -14.322 1.00 26.28 ? 266 HOH A O   1 
HETATM 1411 O O   . HOH D 3 .   ? -4.552  8.889   13.905  1.00 20.68 ? 267 HOH A O   1 
HETATM 1412 O O   . HOH D 3 .   ? 13.067  8.960   12.649  1.00 34.67 ? 268 HOH A O   1 
HETATM 1413 O O   . HOH D 3 .   ? -3.455  -10.995 -10.614 1.00 27.40 ? 269 HOH A O   1 
HETATM 1414 O O   . HOH D 3 .   ? 2.910   8.271   13.679  1.00 25.17 ? 270 HOH A O   1 
HETATM 1415 O O   . HOH D 3 .   ? 3.636   -11.032 16.921  1.00 30.05 ? 271 HOH A O   1 
HETATM 1416 O O   . HOH D 3 .   ? -13.162 4.403   -5.911  1.00 21.69 ? 272 HOH A O   1 
HETATM 1417 O O   . HOH D 3 .   ? -4.065  -16.788 6.596   1.00 19.96 ? 273 HOH A O   1 
HETATM 1418 O O   . HOH D 3 .   ? 7.660   -3.596  -14.449 1.00 23.53 ? 274 HOH A O   1 
HETATM 1419 O O   . HOH D 3 .   ? -0.989  -0.352  17.196  1.00 25.67 ? 275 HOH A O   1 
HETATM 1420 O O   . HOH D 3 .   ? 3.014   18.243  -1.899  1.00 34.21 ? 276 HOH A O   1 
HETATM 1421 O O   . HOH D 3 .   ? -12.090 -3.073  6.799   1.00 36.38 ? 277 HOH A O   1 
HETATM 1422 O O   . HOH D 3 .   ? 3.393   5.898   -18.665 1.00 24.33 ? 278 HOH A O   1 
HETATM 1423 O O   . HOH D 3 .   ? -6.155  1.798   15.531  1.00 27.55 ? 279 HOH A O   1 
HETATM 1424 O O   . HOH D 3 .   ? 9.245   11.205  -11.130 1.00 27.77 ? 280 HOH A O   1 
HETATM 1425 O O   . HOH D 3 .   ? -3.720  22.251  0.620   1.00 37.70 ? 281 HOH A O   1 
HETATM 1426 O O   . HOH D 3 .   ? -6.573  -7.371  -13.831 1.00 28.50 ? 282 HOH A O   1 
HETATM 1427 O O   . HOH D 3 .   ? 8.521   11.273  6.809   1.00 26.60 ? 283 HOH A O   1 
HETATM 1428 O O   . HOH D 3 .   ? -6.265  15.898  14.566  1.00 44.44 ? 284 HOH A O   1 
HETATM 1429 O O   . HOH D 3 .   ? -11.436 8.303   10.191  1.00 31.98 ? 285 HOH A O   1 
HETATM 1430 O O   . HOH D 3 .   ? 12.540  0.994   3.205   1.00 25.13 ? 286 HOH A O   1 
HETATM 1431 O O   . HOH D 3 .   ? -7.851  -10.719 -12.852 1.00 26.27 ? 287 HOH A O   1 
HETATM 1432 O O   . HOH D 3 .   ? 14.909  4.281   13.842  1.00 31.62 ? 288 HOH A O   1 
HETATM 1433 O O   . HOH D 3 .   ? 2.305   11.865  -14.107 1.00 24.29 ? 289 HOH A O   1 
HETATM 1434 O O   . HOH D 3 .   ? -5.475  10.204  -11.959 1.00 24.24 ? 290 HOH A O   1 
HETATM 1435 O O   . HOH D 3 .   ? -2.589  -20.740 2.983   1.00 47.27 ? 291 HOH A O   1 
HETATM 1436 O O   . HOH D 3 .   ? 13.015  11.670  13.056  1.00 28.20 ? 292 HOH A O   1 
HETATM 1437 O O   . HOH D 3 .   ? 14.056  0.697   -14.306 1.00 28.80 ? 293 HOH A O   1 
HETATM 1438 O O   . HOH D 3 .   ? 5.080   4.866   -4.768  1.00 22.36 ? 294 HOH A O   1 
HETATM 1439 O O   . HOH D 3 .   ? 8.771   -0.359  -16.877 1.00 36.51 ? 295 HOH A O   1 
HETATM 1440 O O   . HOH D 3 .   ? -13.286 12.288  -6.820  1.00 39.19 ? 296 HOH A O   1 
HETATM 1441 O O   . HOH D 3 .   ? -14.864 4.060   6.502   1.00 31.32 ? 297 HOH A O   1 
HETATM 1442 O O   . HOH D 3 .   ? -11.945 -5.347  3.653   1.00 26.44 ? 298 HOH A O   1 
HETATM 1443 O O   . HOH D 3 .   ? 9.264   6.478   -0.042  1.00 36.97 ? 299 HOH A O   1 
HETATM 1444 O O   . HOH D 3 .   ? -3.870  18.030  14.032  1.00 28.47 ? 300 HOH A O   1 
HETATM 1445 O O   . HOH D 3 .   ? 4.027   -6.065  18.185  1.00 38.43 ? 303 HOH A O   1 
HETATM 1446 O O   . HOH D 3 .   ? -13.472 5.108   -12.889 1.00 31.75 ? 304 HOH A O   1 
HETATM 1447 O O   . HOH D 3 .   ? -5.248  -4.370  -19.242 1.00 36.39 ? 305 HOH A O   1 
HETATM 1448 O O   . HOH D 3 .   ? 4.994   -18.118 6.611   1.00 31.74 ? 306 HOH A O   1 
HETATM 1449 O O   . HOH D 3 .   ? 6.907   13.410  8.912   1.00 39.80 ? 307 HOH A O   1 
HETATM 1450 O O   . HOH D 3 .   ? 1.654   18.495  0.475   1.00 33.20 ? 308 HOH A O   1 
HETATM 1451 O O   . HOH D 3 .   ? -11.068 -13.974 4.683   1.00 39.89 ? 309 HOH A O   1 
HETATM 1452 O O   . HOH D 3 .   ? 6.086   7.569   -4.707  1.00 26.77 ? 310 HOH A O   1 
HETATM 1453 O O   . HOH D 3 .   ? 12.279  9.106   -7.828  1.00 32.79 ? 311 HOH A O   1 
HETATM 1454 O O   . HOH D 3 .   ? -1.345  -10.995 17.175  1.00 28.74 ? 312 HOH A O   1 
HETATM 1455 O O   . HOH D 3 .   ? 6.682   -20.422 -8.105  1.00 37.24 ? 313 HOH A O   1 
HETATM 1456 O O   . HOH D 3 .   ? 11.633  1.467   -17.131 1.00 39.68 ? 314 HOH A O   1 
HETATM 1457 O O   . HOH D 3 .   ? 9.992   -6.143  -2.424  1.00 40.24 ? 315 HOH A O   1 
HETATM 1458 O O   . HOH D 3 .   ? -14.598 9.296   -0.059  1.00 28.72 ? 316 HOH A O   1 
HETATM 1459 O O   . HOH D 3 .   ? -11.254 5.329   2.787   1.00 34.09 ? 317 HOH A O   1 
HETATM 1460 O O   . HOH D 3 .   ? 11.316  8.309   15.700  1.00 40.63 ? 318 HOH A O   1 
HETATM 1461 O O   . HOH D 3 .   ? -4.208  11.218  -14.195 1.00 31.33 ? 319 HOH A O   1 
HETATM 1462 O O   . HOH D 3 .   ? 12.195  11.978  -4.399  1.00 39.05 ? 320 HOH A O   1 
HETATM 1463 O O   . HOH D 3 .   ? 14.182  -7.527  -7.722  1.00 50.86 ? 321 HOH A O   1 
HETATM 1464 O O   . HOH D 3 .   ? -13.070 -5.803  -11.367 1.00 23.50 ? 322 HOH A O   1 
HETATM 1465 O O   . HOH D 3 .   ? -9.153  -11.373 -0.531  1.00 27.83 ? 323 HOH A O   1 
HETATM 1466 O O   . HOH D 3 .   ? 7.313   -12.186 -5.154  1.00 25.04 ? 324 HOH A O   1 
HETATM 1467 O O   . HOH D 3 .   ? 9.708   -0.031  -0.216  1.00 22.40 ? 325 HOH A O   1 
HETATM 1468 O O   . HOH D 3 .   ? -12.015 -7.374  5.055   1.00 32.69 ? 326 HOH A O   1 
HETATM 1469 O O   . HOH D 3 .   ? -2.155  -3.181  17.712  1.00 26.66 ? 327 HOH A O   1 
HETATM 1470 O O   . HOH D 3 .   ? 10.987  2.983   -3.878  1.00 24.40 ? 328 HOH A O   1 
HETATM 1471 O O   . HOH D 3 .   ? 9.130   -13.599 9.589   1.00 31.78 ? 329 HOH A O   1 
HETATM 1472 O O   . HOH D 3 .   ? -10.059 -4.836  6.434   1.00 25.18 ? 330 HOH A O   1 
HETATM 1473 O O   . HOH D 3 .   ? 13.015  8.323   -0.821  1.00 32.06 ? 331 HOH A O   1 
HETATM 1474 O O   . HOH D 3 .   ? 4.893   4.020   17.923  1.00 31.32 ? 332 HOH A O   1 
HETATM 1475 O O   . HOH D 3 .   ? -6.794  -15.627 6.742   1.00 28.47 ? 333 HOH A O   1 
HETATM 1476 O O   . HOH D 3 .   ? -12.520 0.325   -12.238 1.00 28.74 ? 334 HOH A O   1 
HETATM 1477 O O   . HOH D 3 .   ? -3.369  -11.525 -13.229 1.00 34.81 ? 335 HOH A O   1 
HETATM 1478 O O   . HOH D 3 .   ? 12.444  -4.313  -7.798  1.00 37.59 ? 336 HOH A O   1 
HETATM 1479 O O   . HOH D 3 .   ? 11.416  -6.446  1.513   1.00 28.45 ? 337 HOH A O   1 
HETATM 1480 O O   . HOH D 3 .   ? -13.868 -3.192  5.054   1.00 38.58 ? 338 HOH A O   1 
HETATM 1481 O O   . HOH D 3 .   ? -9.898  10.002  11.284  1.00 40.61 ? 339 HOH A O   1 
HETATM 1482 O O   . HOH D 3 .   ? -0.982  1.674   -21.095 1.00 40.48 ? 340 HOH A O   1 
HETATM 1483 O O   . HOH D 3 .   ? 6.515   16.098  -5.805  1.00 27.03 ? 341 HOH A O   1 
HETATM 1484 O O   . HOH D 3 .   ? -11.060 7.324   12.610  1.00 45.38 ? 342 HOH A O   1 
HETATM 1485 O O   . HOH D 3 .   ? -3.826  3.162   16.035  1.00 35.74 ? 343 HOH A O   1 
HETATM 1486 O O   . HOH D 3 .   ? -6.043  -17.652 3.731   1.00 30.18 ? 344 HOH A O   1 
HETATM 1487 O O   . HOH D 3 .   ? 14.188  0.478   5.342   1.00 38.96 ? 345 HOH A O   1 
HETATM 1488 O O   . HOH D 3 .   ? -4.449  17.790  16.790  1.00 32.84 ? 346 HOH A O   1 
HETATM 1489 O O   . HOH D 3 .   ? 0.534   22.465  8.743   1.00 41.19 ? 347 HOH A O   1 
HETATM 1490 O O   . HOH D 3 .   ? 9.659   9.931   -5.928  1.00 30.35 ? 348 HOH A O   1 
HETATM 1491 O O   . HOH D 3 .   ? 10.020  16.659  -0.684  1.00 41.31 ? 349 HOH A O   1 
HETATM 1492 O O   . HOH D 3 .   ? -6.044  6.971   15.349  1.00 37.72 ? 350 HOH A O   1 
HETATM 1493 O O   . HOH D 3 .   ? 0.857   -17.993 8.710   1.00 34.72 ? 351 HOH A O   1 
HETATM 1494 O O   . HOH D 3 .   ? 6.915   -0.393  -20.112 1.00 36.22 ? 352 HOH A O   1 
HETATM 1495 O O   . HOH D 3 .   ? -2.026  -18.042 13.070  1.00 41.84 ? 353 HOH A O   1 
HETATM 1496 O O   . HOH D 3 .   ? -2.636  9.575   15.788  1.00 47.03 ? 354 HOH A O   1 
HETATM 1497 O O   . HOH D 3 .   ? -4.205  -17.955 -4.129  1.00 26.51 ? 355 HOH A O   1 
HETATM 1498 O O   . HOH D 3 .   ? -1.445  -12.702 -16.562 1.00 34.44 ? 356 HOH A O   1 
HETATM 1499 O O   . HOH D 3 .   ? -10.364 -15.365 6.773   1.00 41.98 ? 357 HOH A O   1 
HETATM 1500 O O   . HOH D 3 .   ? 10.053  -3.601  -13.496 1.00 42.12 ? 358 HOH A O   1 
HETATM 1501 O O   . HOH D 3 .   ? -12.719 6.838   -3.414  1.00 33.52 ? 359 HOH A O   1 
HETATM 1502 O O   . HOH D 3 .   ? 5.362   13.142  -10.844 1.00 35.33 ? 360 HOH A O   1 
HETATM 1503 O O   . HOH D 3 .   ? 13.629  -1.304  -10.208 1.00 40.48 ? 361 HOH A O   1 
HETATM 1504 O O   . HOH D 3 .   ? -13.022 1.992   3.318   1.00 48.12 ? 362 HOH A O   1 
HETATM 1505 O O   . HOH D 3 .   ? -14.933 13.785  11.529  1.00 46.35 ? 363 HOH A O   1 
HETATM 1506 O O   . HOH D 3 .   ? 1.973   -20.424 4.457   1.00 39.63 ? 364 HOH A O   1 
HETATM 1507 O O   . HOH D 3 .   ? -2.614  -20.315 -7.278  1.00 45.93 ? 365 HOH A O   1 
HETATM 1508 O O   . HOH D 3 .   ? 14.156  0.965   8.415   1.00 38.86 ? 366 HOH A O   1 
HETATM 1509 O O   . HOH D 3 .   ? 14.822  2.547   11.470  1.00 50.15 ? 367 HOH A O   1 
HETATM 1510 O O   . HOH D 3 .   ? 15.131  6.360   15.535  1.00 40.66 ? 368 HOH A O   1 
HETATM 1511 O O   . HOH D 3 .   ? -9.762  -14.949 -1.848  1.00 39.97 ? 369 HOH A O   1 
HETATM 1512 O O   . HOH D 3 .   ? -1.850  23.854  2.576   1.00 49.72 ? 370 HOH A O   1 
# 
